data_4JX1
#
_entry.id   4JX1
#
_cell.length_a   86.850
_cell.length_b   108.960
_cell.length_c   115.160
_cell.angle_alpha   90.00
_cell.angle_beta   109.03
_cell.angle_gamma   90.00
#
_symmetry.space_group_name_H-M   'P 1 21 1'
#
loop_
_entity.id
_entity.type
_entity.pdbx_description
1 polymer 'Camphor 5-monooxygenase'
2 polymer Putidaredoxin
3 non-polymer 'PROTOPORPHYRIN IX CONTAINING FE'
4 non-polymer CAMPHOR
5 non-polymer 5-EXO-HYDROXYCAMPHOR
6 non-polymer 'CALCIUM ION'
7 non-polymer 'FE2/S2 (INORGANIC) CLUSTER'
8 non-polymer "1,1'-hexane-1,6-diyldipyrrolidine-2,5-dione"
9 water water
#
loop_
_entity_poly.entity_id
_entity_poly.type
_entity_poly.pdbx_seq_one_letter_code
_entity_poly.pdbx_strand_id
1 'polypeptide(L)'
;MTTETIQSNANLAPLPPHVPEHLVFDFDMYNPSNLSAGVQEAWAVLQESNVPDLVWTRSNGGHWIATRGQLIREAYEDYR
HFSSESPFIPREAGEAYDFIPTSMDPPEQRQFRALANQVVGMPVVDKLENRIQELASSLIESLRPQGQCNFTEDYAEPFP
IRIFMLLAGLPEEDIPHLKYLTDQMTRPDGSMTFAEAKEALYDYLIPIIEQRRQKPGTDAISIVANGQVNGRPITSDEAK
RMCGLLLVGGLDTVVNFLSFSMEFLAKSPEHRQELIERPERIPAASEELLRRFSLVADGRILTSDYEFHGVQLKKGDQIL
LPQMLSGLDERENAAPMHVDFSRQCVSHTTFGHGSHLCLGQHLARREIIVTLKEWLTRIPDFSIAPGAQIQHKSGIVSGV
QALPLVWDPATTKAV
;
A,B,E,F
2 'polypeptide(L)'
;HHHHHHMSKVVYVSHDGTRRELDVACGVSLMQAAVSNGIYDIVGDCGGSASCATCHVYVNEAFTDKVPAANEREIGMLES
VTAELKPNSRLCCQIIMTPELDGIVVDVPDRQW
;
C,D,G,H
#
loop_
_chem_comp.id
_chem_comp.type
_chem_comp.name
_chem_comp.formula
1N0 non-polymer 1,1'-hexane-1,6-diyldipyrrolidine-2,5-dione 'C14 H20 N2 O4'
CA non-polymer 'CALCIUM ION' 'Ca 2'
CAH non-polymer 5-EXO-HYDROXYCAMPHOR 'C10 H16 O2'
CAM non-polymer CAMPHOR 'C10 H16 O'
FES non-polymer 'FE2/S2 (INORGANIC) CLUSTER' 'Fe2 S2'
HEM non-polymer 'PROTOPORPHYRIN IX CONTAINING FE' 'C34 H32 Fe N4 O4'
#
# COMPACT_ATOMS: atom_id res chain seq x y z
N ASN A 11 -18.59 9.35 46.82
CA ASN A 11 -18.16 10.58 46.18
C ASN A 11 -16.88 11.16 46.78
N LEU A 12 -16.96 11.67 48.01
CA LEU A 12 -15.79 12.30 48.64
C LEU A 12 -15.13 11.41 49.70
N ALA A 13 -13.87 11.05 49.45
CA ALA A 13 -13.14 10.17 50.33
C ALA A 13 -12.70 10.86 51.60
N PRO A 14 -12.52 10.09 52.67
CA PRO A 14 -11.96 10.67 53.89
C PRO A 14 -10.54 11.19 53.69
N LEU A 15 -10.25 12.30 54.35
CA LEU A 15 -8.92 12.93 54.39
C LEU A 15 -7.92 12.01 55.14
N PRO A 16 -6.89 11.52 54.45
CA PRO A 16 -5.92 10.67 55.15
C PRO A 16 -5.21 11.45 56.25
N PRO A 17 -4.81 10.80 57.35
CA PRO A 17 -4.23 11.54 58.47
C PRO A 17 -3.04 12.45 58.13
N HIS A 18 -2.26 12.19 57.08
CA HIS A 18 -1.12 13.06 56.76
C HIS A 18 -1.44 14.31 55.91
N VAL A 19 -2.67 14.43 55.40
CA VAL A 19 -3.03 15.59 54.57
C VAL A 19 -3.65 16.71 55.40
N PRO A 20 -2.98 17.86 55.47
CA PRO A 20 -3.59 18.97 56.24
C PRO A 20 -4.76 19.65 55.52
N GLU A 21 -5.78 20.02 56.30
CA GLU A 21 -7.00 20.56 55.72
C GLU A 21 -6.78 21.82 54.85
N HIS A 22 -5.73 22.60 55.12
CA HIS A 22 -5.47 23.78 54.31
C HIS A 22 -5.03 23.49 52.86
N LEU A 23 -4.61 22.26 52.59
CA LEU A 23 -4.19 21.86 51.24
C LEU A 23 -5.35 21.23 50.46
N VAL A 24 -6.47 20.96 51.15
CA VAL A 24 -7.67 20.44 50.50
C VAL A 24 -8.27 21.43 49.53
N PHE A 25 -8.64 20.94 48.36
CA PHE A 25 -9.25 21.75 47.32
C PHE A 25 -10.35 20.92 46.65
N ASP A 26 -11.44 21.57 46.28
CA ASP A 26 -12.56 20.93 45.59
C ASP A 26 -12.32 20.84 44.06
N PHE A 27 -11.99 19.64 43.58
CA PHE A 27 -11.86 19.39 42.16
C PHE A 27 -12.11 17.94 41.77
N ASP A 28 -13.15 17.73 40.99
CA ASP A 28 -13.41 16.44 40.33
C ASP A 28 -12.95 16.52 38.87
N MET A 29 -11.90 15.78 38.54
CA MET A 29 -11.31 15.86 37.18
C MET A 29 -12.24 15.32 36.11
N TYR A 30 -13.31 14.62 36.51
CA TYR A 30 -14.27 14.07 35.57
C TYR A 30 -15.52 14.92 35.49
N ASN A 31 -15.58 15.97 36.30
CA ASN A 31 -16.72 16.86 36.34
C ASN A 31 -16.39 18.23 36.96
N PRO A 32 -15.44 18.97 36.35
CA PRO A 32 -15.03 20.27 36.90
C PRO A 32 -16.16 21.31 36.72
N SER A 33 -16.29 22.25 37.66
CA SER A 33 -17.48 23.10 37.72
C SER A 33 -17.79 23.97 36.51
N ASN A 34 -16.79 24.64 35.95
CA ASN A 34 -17.07 25.58 34.87
C ASN A 34 -16.88 24.99 33.47
N LEU A 35 -17.16 23.69 33.35
CA LEU A 35 -16.99 22.95 32.10
C LEU A 35 -17.59 23.64 30.87
N SER A 36 -18.76 24.28 31.05
CA SER A 36 -19.42 24.91 29.92
C SER A 36 -18.59 26.03 29.30
N ALA A 37 -17.74 26.66 30.11
CA ALA A 37 -16.79 27.66 29.60
C ALA A 37 -15.74 27.03 28.72
N GLY A 38 -15.63 25.69 28.80
CA GLY A 38 -14.57 24.97 28.12
C GLY A 38 -13.66 24.26 29.12
N VAL A 39 -13.07 23.16 28.71
CA VAL A 39 -12.48 22.26 29.68
C VAL A 39 -11.21 22.86 30.22
N GLN A 40 -10.40 23.45 29.35
CA GLN A 40 -9.15 24.06 29.79
C GLN A 40 -9.46 25.19 30.80
N GLU A 41 -10.45 26.02 30.47
CA GLU A 41 -10.91 27.04 31.43
C GLU A 41 -11.31 26.41 32.76
N ALA A 42 -11.99 25.28 32.73
CA ALA A 42 -12.51 24.71 33.97
C ALA A 42 -11.32 24.25 34.83
N TRP A 43 -10.28 23.73 34.18
CA TRP A 43 -9.11 23.25 34.91
C TRP A 43 -8.27 24.41 35.45
N ALA A 44 -8.41 25.60 34.86
CA ALA A 44 -7.57 26.71 35.27
C ALA A 44 -7.97 27.24 36.65
N VAL A 45 -9.12 26.82 37.18
CA VAL A 45 -9.47 27.17 38.55
C VAL A 45 -8.38 26.75 39.54
N LEU A 46 -7.64 25.70 39.17
CA LEU A 46 -6.59 25.18 40.01
C LEU A 46 -5.43 26.16 40.08
N GLN A 47 -5.45 27.19 39.23
CA GLN A 47 -4.33 28.12 39.16
C GLN A 47 -4.77 29.55 39.54
N GLU A 48 -5.88 29.65 40.26
CA GLU A 48 -6.36 30.93 40.73
C GLU A 48 -5.51 31.42 41.91
N SER A 49 -5.65 32.70 42.22
CA SER A 49 -4.62 33.45 42.90
C SER A 49 -3.99 32.72 44.08
N ASN A 50 -4.81 32.31 45.04
CA ASN A 50 -4.25 31.79 46.28
C ASN A 50 -4.19 30.27 46.40
N VAL A 51 -4.44 29.57 45.31
CA VAL A 51 -4.37 28.11 45.35
C VAL A 51 -2.91 27.63 45.42
N PRO A 52 -2.60 26.72 46.37
CA PRO A 52 -1.25 26.16 46.54
C PRO A 52 -0.74 25.43 45.30
N ASP A 53 0.58 25.30 45.16
CA ASP A 53 1.15 24.62 44.00
C ASP A 53 0.82 23.14 43.99
N LEU A 54 0.43 22.64 45.16
CA LEU A 54 0.17 21.23 45.35
C LEU A 54 -1.01 21.06 46.31
N VAL A 55 -2.11 20.47 45.84
CA VAL A 55 -3.33 20.39 46.63
C VAL A 55 -3.82 18.96 46.72
N TRP A 56 -4.80 18.73 47.60
CA TRP A 56 -5.41 17.43 47.74
C TRP A 56 -6.87 17.55 47.46
N THR A 57 -7.39 16.66 46.63
CA THR A 57 -8.82 16.59 46.45
C THR A 57 -9.37 15.28 47.02
N ARG A 58 -10.56 15.39 47.61
CA ARG A 58 -11.31 14.27 48.14
C ARG A 58 -11.97 13.46 47.01
N SER A 59 -12.11 14.05 45.84
CA SER A 59 -12.75 13.40 44.71
C SER A 59 -11.98 12.21 44.17
N ASN A 60 -12.71 11.29 43.54
CA ASN A 60 -12.14 10.18 42.79
C ASN A 60 -11.15 9.31 43.60
N GLY A 61 -11.52 9.05 44.85
CA GLY A 61 -10.70 8.20 45.70
C GLY A 61 -9.74 8.98 46.58
N GLY A 62 -9.53 10.26 46.23
CA GLY A 62 -8.58 11.08 46.96
C GLY A 62 -7.22 11.04 46.30
N HIS A 63 -6.70 12.21 45.95
CA HIS A 63 -5.39 12.27 45.31
C HIS A 63 -4.84 13.68 45.35
N TRP A 64 -3.53 13.76 45.18
CA TRP A 64 -2.84 15.03 45.01
C TRP A 64 -2.99 15.56 43.59
N ILE A 65 -2.89 16.88 43.47
CA ILE A 65 -2.79 17.55 42.16
C ILE A 65 -1.70 18.62 42.23
N ALA A 66 -0.68 18.46 41.38
CA ALA A 66 0.31 19.52 41.16
C ALA A 66 -0.31 20.51 40.15
N THR A 67 -0.39 21.78 40.51
CA THR A 67 -1.19 22.75 39.75
C THR A 67 -0.34 23.60 38.81
N ARG A 68 0.97 23.45 38.91
CA ARG A 68 1.93 24.37 38.26
C ARG A 68 2.97 23.62 37.45
N GLY A 69 3.42 24.24 36.37
CA GLY A 69 4.30 23.57 35.43
C GLY A 69 5.61 23.15 36.07
N GLN A 70 6.14 23.98 36.94
CA GLN A 70 7.43 23.70 37.56
C GLN A 70 7.41 22.37 38.33
N LEU A 71 6.32 22.13 39.06
CA LEU A 71 6.16 20.91 39.83
C LEU A 71 5.87 19.70 38.96
N ILE A 72 4.98 19.87 38.01
CA ILE A 72 4.60 18.83 37.07
C ILE A 72 5.85 18.30 36.37
N ARG A 73 6.64 19.19 35.79
CA ARG A 73 7.88 18.79 35.13
C ARG A 73 8.81 18.06 36.10
N GLU A 74 9.02 18.64 37.28
CA GLU A 74 9.93 18.04 38.25
C GLU A 74 9.53 16.60 38.62
N ALA A 75 8.25 16.39 38.88
CA ALA A 75 7.76 15.07 39.26
C ALA A 75 7.88 14.10 38.08
N TYR A 76 7.59 14.56 36.88
CA TYR A 76 7.76 13.69 35.73
C TYR A 76 9.23 13.31 35.51
N GLU A 77 10.17 14.10 36.00
CA GLU A 77 11.60 13.83 35.79
C GLU A 77 12.17 12.94 36.88
N ASP A 78 11.33 12.52 37.83
CA ASP A 78 11.78 11.72 38.98
C ASP A 78 10.89 10.46 39.10
N TYR A 79 11.15 9.45 38.29
CA TYR A 79 10.37 8.22 38.34
C TYR A 79 10.75 7.36 39.54
N ARG A 80 11.83 7.69 40.24
CA ARG A 80 12.18 6.91 41.43
C ARG A 80 11.20 7.18 42.58
N HIS A 81 10.75 8.43 42.69
CA HIS A 81 9.71 8.76 43.68
C HIS A 81 8.33 8.70 43.08
N PHE A 82 8.20 8.96 41.79
CA PHE A 82 6.88 9.09 41.17
C PHE A 82 6.77 8.04 40.07
N SER A 83 6.28 6.88 40.46
CA SER A 83 6.20 5.73 39.57
C SER A 83 4.98 5.72 38.64
N SER A 84 5.23 5.23 37.42
CA SER A 84 4.16 5.02 36.43
C SER A 84 3.42 3.70 36.62
N GLU A 85 3.79 2.93 37.64
CA GLU A 85 3.12 1.66 37.88
C GLU A 85 1.61 1.84 38.05
N SER A 86 1.21 2.98 38.59
CA SER A 86 -0.21 3.26 38.72
C SER A 86 -0.50 4.71 38.31
N PRO A 87 -0.64 4.95 37.00
CA PRO A 87 -0.64 6.32 36.49
C PRO A 87 -2.02 6.98 36.32
N PHE A 88 -3.08 6.22 36.61
CA PHE A 88 -4.44 6.65 36.37
C PHE A 88 -5.21 6.83 37.68
N ILE A 89 -6.06 7.84 37.69
CA ILE A 89 -7.00 8.12 38.76
C ILE A 89 -8.41 8.04 38.18
N PRO A 90 -9.32 7.29 38.84
CA PRO A 90 -9.14 6.50 40.06
C PRO A 90 -8.28 5.29 39.77
N ARG A 91 -7.66 4.70 40.80
CA ARG A 91 -6.79 3.55 40.60
C ARG A 91 -7.49 2.43 39.84
N GLU A 92 -8.75 2.20 40.14
CA GLU A 92 -9.47 1.08 39.57
C GLU A 92 -9.66 1.27 38.06
N ALA A 93 -9.37 2.48 37.57
CA ALA A 93 -9.53 2.82 36.15
C ALA A 93 -8.49 2.11 35.29
N GLY A 94 -7.37 1.72 35.89
CA GLY A 94 -6.30 1.03 35.18
C GLY A 94 -6.20 -0.43 35.58
N GLU A 95 -7.29 -0.97 36.13
CA GLU A 95 -7.28 -2.33 36.68
C GLU A 95 -6.83 -3.31 35.59
N ALA A 96 -7.59 -3.32 34.49
CA ALA A 96 -7.34 -4.25 33.39
C ALA A 96 -6.52 -3.58 32.31
N TYR A 97 -5.93 -2.45 32.65
CA TYR A 97 -5.05 -1.77 31.74
C TYR A 97 -3.62 -2.35 31.81
N ASP A 98 -3.14 -2.91 30.71
CA ASP A 98 -1.79 -3.47 30.68
C ASP A 98 -1.00 -3.11 29.41
N PHE A 99 -1.42 -2.04 28.72
CA PHE A 99 -0.65 -1.62 27.56
C PHE A 99 0.79 -1.33 27.93
N ILE A 100 1.68 -1.54 26.96
CA ILE A 100 3.10 -1.25 27.12
C ILE A 100 3.46 -0.01 26.31
N PRO A 101 4.35 0.87 26.84
CA PRO A 101 5.11 0.81 28.09
C PRO A 101 4.65 1.80 29.18
N THR A 102 3.42 2.27 29.08
CA THR A 102 2.78 3.19 30.03
C THR A 102 3.12 2.94 31.48
N SER A 103 3.10 1.67 31.90
CA SER A 103 3.22 1.36 33.31
C SER A 103 4.64 0.98 33.75
N MET A 104 5.61 1.12 32.82
CA MET A 104 7.01 0.74 33.12
C MET A 104 7.83 1.99 33.41
N ASP A 105 8.82 1.84 34.26
CA ASP A 105 9.91 2.80 34.45
C ASP A 105 11.14 2.31 33.68
N PRO A 106 12.08 3.21 33.37
CA PRO A 106 13.38 2.69 32.97
C PRO A 106 13.97 1.84 34.10
N PRO A 107 14.91 0.94 33.77
CA PRO A 107 15.46 0.72 32.44
C PRO A 107 14.56 -0.05 31.42
N GLU A 108 13.57 -0.80 31.87
CA GLU A 108 12.81 -1.62 30.90
C GLU A 108 12.02 -0.77 29.91
N GLN A 109 11.42 0.31 30.39
CA GLN A 109 10.61 1.13 29.52
C GLN A 109 11.42 1.61 28.29
N ARG A 110 12.70 1.93 28.49
CA ARG A 110 13.61 2.35 27.39
C ARG A 110 13.77 1.32 26.26
N GLN A 111 13.82 0.05 26.64
CA GLN A 111 13.91 -1.07 25.69
C GLN A 111 12.73 -1.03 24.72
N PHE A 112 11.53 -0.84 25.26
CA PHE A 112 10.34 -0.80 24.45
C PHE A 112 10.26 0.48 23.62
N ARG A 113 10.67 1.58 24.22
CA ARG A 113 10.72 2.81 23.44
C ARG A 113 11.66 2.77 22.26
N ALA A 114 12.80 2.09 22.42
CA ALA A 114 13.72 1.91 21.31
C ALA A 114 12.99 1.20 20.14
N LEU A 115 12.22 0.17 20.46
CA LEU A 115 11.53 -0.57 19.42
C LEU A 115 10.41 0.29 18.80
N ALA A 116 9.63 0.96 19.63
CA ALA A 116 8.57 1.84 19.14
C ALA A 116 9.14 2.93 18.24
N ASN A 117 10.35 3.40 18.53
CA ASN A 117 10.94 4.45 17.73
C ASN A 117 11.19 4.00 16.29
N GLN A 118 11.29 2.68 16.07
CA GLN A 118 11.49 2.17 14.73
C GLN A 118 10.22 2.20 13.93
N VAL A 119 9.10 2.37 14.62
CA VAL A 119 7.77 2.32 14.05
C VAL A 119 7.14 3.70 13.78
N VAL A 120 7.33 4.64 14.71
CA VAL A 120 6.75 5.96 14.60
C VAL A 120 7.77 7.09 14.84
N GLY A 121 9.03 6.78 14.68
CA GLY A 121 10.08 7.78 14.83
C GLY A 121 10.10 8.80 13.70
N MET A 122 10.88 9.86 13.87
CA MET A 122 10.90 10.95 12.89
C MET A 122 11.15 10.48 11.45
N PRO A 123 12.15 9.58 11.23
CA PRO A 123 12.43 9.13 9.86
C PRO A 123 11.22 8.46 9.22
N VAL A 124 10.46 7.71 10.01
CA VAL A 124 9.29 7.00 9.50
C VAL A 124 8.17 7.99 9.17
N VAL A 125 7.91 8.94 10.08
CA VAL A 125 6.91 9.94 9.80
C VAL A 125 7.24 10.75 8.54
N ASP A 126 8.51 11.16 8.39
CA ASP A 126 8.89 11.96 7.23
C ASP A 126 8.51 11.24 5.95
N LYS A 127 8.82 9.96 5.82
CA LYS A 127 8.46 9.31 4.56
C LYS A 127 7.01 8.98 4.46
N LEU A 128 6.32 9.00 5.60
CA LEU A 128 4.88 8.72 5.65
C LEU A 128 4.06 9.93 5.24
N GLU A 129 4.69 11.08 5.12
CA GLU A 129 3.94 12.31 5.00
C GLU A 129 3.04 12.39 3.76
N ASN A 130 3.53 11.93 2.61
CA ASN A 130 2.73 11.99 1.40
C ASN A 130 1.40 11.23 1.54
N ARG A 131 1.42 10.09 2.23
CA ARG A 131 0.21 9.32 2.43
C ARG A 131 -0.73 10.03 3.41
N ILE A 132 -0.16 10.63 4.45
CA ILE A 132 -0.95 11.34 5.45
C ILE A 132 -1.71 12.47 4.75
N GLN A 133 -1.01 13.21 3.90
CA GLN A 133 -1.61 14.31 3.12
C GLN A 133 -2.73 13.81 2.21
N GLU A 134 -2.51 12.66 1.58
CA GLU A 134 -3.51 12.09 0.66
C GLU A 134 -4.74 11.67 1.43
N LEU A 135 -4.54 11.09 2.60
CA LEU A 135 -5.65 10.68 3.42
C LEU A 135 -6.47 11.89 3.89
N ALA A 136 -5.76 12.93 4.34
CA ALA A 136 -6.42 14.15 4.82
C ALA A 136 -7.16 14.83 3.66
N SER A 137 -6.48 14.97 2.53
CA SER A 137 -7.07 15.60 1.36
C SER A 137 -8.33 14.89 0.86
N SER A 138 -8.30 13.56 0.79
CA SER A 138 -9.48 12.78 0.38
C SER A 138 -10.68 13.00 1.29
N LEU A 139 -10.46 12.93 2.58
CA LEU A 139 -11.52 13.10 3.55
C LEU A 139 -12.11 14.49 3.41
N ILE A 140 -11.23 15.49 3.32
CA ILE A 140 -11.68 16.87 3.32
C ILE A 140 -12.44 17.14 2.03
N GLU A 141 -11.89 16.70 0.90
CA GLU A 141 -12.58 16.89 -0.38
C GLU A 141 -13.95 16.19 -0.43
N SER A 142 -14.10 15.06 0.25
CA SER A 142 -15.41 14.40 0.35
C SER A 142 -16.43 15.16 1.21
N LEU A 143 -15.97 15.92 2.21
CA LEU A 143 -16.85 16.77 3.01
C LEU A 143 -17.14 18.13 2.34
N ARG A 144 -16.18 18.64 1.57
CA ARG A 144 -16.25 20.04 1.10
C ARG A 144 -17.58 20.48 0.44
N PRO A 145 -18.10 19.70 -0.52
CA PRO A 145 -19.32 20.17 -1.20
C PRO A 145 -20.56 20.22 -0.32
N GLN A 146 -20.56 19.53 0.80
CA GLN A 146 -21.76 19.39 1.63
C GLN A 146 -22.15 20.66 2.39
N GLY A 147 -21.19 21.54 2.65
CA GLY A 147 -21.45 22.75 3.41
C GLY A 147 -21.71 22.49 4.89
N GLN A 148 -21.46 21.26 5.33
CA GLN A 148 -21.65 20.88 6.72
C GLN A 148 -20.97 19.56 7.02
N CYS A 149 -20.57 19.39 8.27
CA CYS A 149 -20.13 18.10 8.78
C CYS A 149 -20.21 18.14 10.29
N ASN A 150 -20.04 16.97 10.91
CA ASN A 150 -19.69 16.90 12.33
C ASN A 150 -18.25 16.52 12.29
N PHE A 151 -17.39 17.51 12.54
CA PHE A 151 -15.98 17.35 12.34
C PHE A 151 -15.41 16.17 13.14
N THR A 152 -15.89 15.99 14.37
CA THR A 152 -15.41 14.90 15.21
C THR A 152 -15.60 13.52 14.54
N GLU A 153 -16.79 13.23 14.04
CA GLU A 153 -17.05 11.91 13.42
C GLU A 153 -16.61 11.86 11.97
N ASP A 154 -16.72 12.98 11.25
CA ASP A 154 -16.51 13.00 9.79
C ASP A 154 -15.06 13.18 9.36
N TYR A 155 -14.22 13.65 10.27
CA TYR A 155 -12.81 13.84 9.97
C TYR A 155 -11.90 13.42 11.10
N ALA A 156 -12.16 13.95 12.29
CA ALA A 156 -11.27 13.73 13.42
C ALA A 156 -11.09 12.26 13.77
N GLU A 157 -12.16 11.47 13.70
CA GLU A 157 -12.08 10.05 14.02
C GLU A 157 -11.45 9.23 12.89
N PRO A 158 -12.00 9.30 11.65
CA PRO A 158 -11.47 8.47 10.57
C PRO A 158 -9.99 8.71 10.20
N PHE A 159 -9.51 9.95 10.31
CA PHE A 159 -8.16 10.33 9.91
C PHE A 159 -7.09 9.50 10.68
N PRO A 160 -7.09 9.59 12.01
CA PRO A 160 -6.01 8.86 12.69
C PRO A 160 -6.12 7.33 12.56
N ILE A 161 -7.32 6.77 12.54
CA ILE A 161 -7.42 5.32 12.48
C ILE A 161 -6.98 4.79 11.11
N ARG A 162 -7.30 5.49 10.03
CA ARG A 162 -6.75 5.17 8.70
C ARG A 162 -5.25 5.30 8.63
N ILE A 163 -4.69 6.28 9.33
CA ILE A 163 -3.25 6.42 9.35
C ILE A 163 -2.67 5.16 10.01
N PHE A 164 -3.32 4.70 11.08
CA PHE A 164 -2.84 3.50 11.76
C PHE A 164 -2.91 2.26 10.84
N MET A 165 -4.03 2.05 10.16
CA MET A 165 -4.13 0.92 9.21
C MET A 165 -2.97 0.97 8.18
N LEU A 166 -2.63 2.14 7.72
CA LEU A 166 -1.55 2.27 6.75
C LEU A 166 -0.22 1.82 7.35
N LEU A 167 0.12 2.47 8.46
CA LEU A 167 1.32 2.20 9.24
C LEU A 167 1.47 0.71 9.56
N ALA A 168 0.36 0.08 9.91
CA ALA A 168 0.38 -1.29 10.45
C ALA A 168 0.11 -2.33 9.37
N GLY A 169 0.02 -1.89 8.11
CA GLY A 169 -0.24 -2.82 7.02
C GLY A 169 -1.55 -3.57 7.20
N LEU A 170 -2.61 -2.88 7.63
CA LEU A 170 -3.92 -3.51 7.81
C LEU A 170 -4.96 -3.03 6.78
N PRO A 171 -5.94 -3.90 6.46
CA PRO A 171 -6.96 -3.61 5.44
C PRO A 171 -8.09 -2.69 5.91
N GLU A 172 -8.54 -1.83 5.00
CA GLU A 172 -9.57 -0.83 5.31
C GLU A 172 -10.83 -1.48 5.82
N GLU A 173 -11.13 -2.69 5.34
CA GLU A 173 -12.35 -3.36 5.72
C GLU A 173 -12.35 -3.70 7.20
N ASP A 174 -11.18 -3.62 7.85
CA ASP A 174 -11.06 -3.93 9.28
C ASP A 174 -11.34 -2.72 10.17
N ILE A 175 -11.48 -1.56 9.56
CA ILE A 175 -11.73 -0.36 10.36
C ILE A 175 -13.01 -0.37 11.21
N PRO A 176 -14.17 -0.79 10.66
CA PRO A 176 -15.35 -0.77 11.55
C PRO A 176 -15.18 -1.56 12.86
N HIS A 177 -14.51 -2.71 12.78
CA HIS A 177 -14.29 -3.57 13.93
C HIS A 177 -13.36 -2.85 14.93
N LEU A 178 -12.26 -2.31 14.43
CA LEU A 178 -11.31 -1.63 15.30
C LEU A 178 -11.91 -0.34 15.89
N LYS A 179 -12.71 0.38 15.12
CA LYS A 179 -13.38 1.57 15.63
C LYS A 179 -14.25 1.16 16.81
N TYR A 180 -14.98 0.08 16.63
CA TYR A 180 -15.93 -0.38 17.61
C TYR A 180 -15.19 -0.72 18.90
N LEU A 181 -14.16 -1.56 18.81
CA LEU A 181 -13.45 -1.95 20.02
C LEU A 181 -12.83 -0.77 20.79
N THR A 182 -12.18 0.15 20.07
CA THR A 182 -11.49 1.25 20.75
C THR A 182 -12.50 2.25 21.32
N ASP A 183 -13.61 2.45 20.60
CA ASP A 183 -14.77 3.21 21.10
C ASP A 183 -15.29 2.60 22.40
N GLN A 184 -15.44 1.28 22.44
CA GLN A 184 -15.87 0.62 23.67
C GLN A 184 -14.91 0.84 24.83
N MET A 185 -13.61 0.91 24.56
CA MET A 185 -12.64 1.15 25.62
C MET A 185 -12.74 2.57 26.09
N THR A 186 -12.99 3.47 25.16
CA THR A 186 -12.81 4.88 25.42
C THR A 186 -14.11 5.64 25.62
N ARG A 187 -15.15 5.23 24.91
CA ARG A 187 -16.49 5.80 25.06
C ARG A 187 -17.49 4.66 25.29
N PRO A 188 -17.34 3.98 26.44
CA PRO A 188 -18.11 2.76 26.68
C PRO A 188 -19.62 2.97 26.52
N ASP A 189 -20.27 1.92 26.03
CA ASP A 189 -21.68 1.89 25.67
C ASP A 189 -22.49 1.30 26.82
N GLY A 190 -21.82 0.44 27.59
CA GLY A 190 -22.45 -0.46 28.53
C GLY A 190 -22.58 -1.86 27.92
N SER A 191 -22.27 -1.97 26.63
CA SER A 191 -22.50 -3.21 25.90
C SER A 191 -21.33 -4.18 26.06
N MET A 192 -20.28 -3.72 26.72
CA MET A 192 -19.02 -4.45 26.77
C MET A 192 -18.08 -3.73 27.73
N THR A 193 -17.38 -4.49 28.57
CA THR A 193 -16.42 -3.89 29.50
C THR A 193 -15.15 -3.51 28.81
N PHE A 194 -14.33 -2.73 29.51
CA PHE A 194 -13.06 -2.28 28.95
C PHE A 194 -12.22 -3.53 28.73
N ALA A 195 -12.15 -4.39 29.73
CA ALA A 195 -11.36 -5.61 29.60
C ALA A 195 -11.81 -6.52 28.44
N GLU A 196 -13.11 -6.58 28.16
CA GLU A 196 -13.55 -7.38 27.03
C GLU A 196 -13.11 -6.76 25.74
N ALA A 197 -13.22 -5.43 25.65
CA ALA A 197 -12.84 -4.74 24.43
C ALA A 197 -11.32 -4.84 24.23
N LYS A 198 -10.56 -4.70 25.31
CA LYS A 198 -9.12 -4.83 25.25
C LYS A 198 -8.75 -6.21 24.73
N GLU A 199 -9.30 -7.24 25.36
CA GLU A 199 -9.05 -8.62 24.96
C GLU A 199 -9.34 -8.81 23.48
N ALA A 200 -10.47 -8.29 23.01
CA ALA A 200 -10.81 -8.46 21.59
C ALA A 200 -9.83 -7.75 20.64
N LEU A 201 -9.31 -6.59 21.03
CA LEU A 201 -8.28 -5.91 20.27
C LEU A 201 -7.03 -6.78 20.21
N TYR A 202 -6.62 -7.33 21.33
CA TYR A 202 -5.40 -8.13 21.40
C TYR A 202 -5.60 -9.40 20.56
N ASP A 203 -6.82 -9.92 20.58
CA ASP A 203 -7.14 -11.11 19.81
C ASP A 203 -7.11 -10.87 18.31
N TYR A 204 -7.48 -9.68 17.88
CA TYR A 204 -7.33 -9.30 16.48
C TYR A 204 -5.84 -9.22 16.09
N LEU A 205 -5.05 -8.65 16.99
CA LEU A 205 -3.65 -8.37 16.72
C LEU A 205 -2.76 -9.61 16.71
N ILE A 206 -2.98 -10.49 17.67
CA ILE A 206 -2.01 -11.51 17.97
C ILE A 206 -1.82 -12.53 16.81
N PRO A 207 -2.87 -12.88 16.05
CA PRO A 207 -2.53 -13.79 14.94
C PRO A 207 -1.73 -13.06 13.84
N ILE A 208 -1.92 -11.75 13.72
CA ILE A 208 -1.22 -10.96 12.70
C ILE A 208 0.22 -10.80 13.13
N ILE A 209 0.41 -10.57 14.43
CA ILE A 209 1.74 -10.58 15.03
C ILE A 209 2.51 -11.86 14.71
N GLU A 210 1.90 -13.01 14.96
CA GLU A 210 2.63 -14.27 14.86
C GLU A 210 2.90 -14.62 13.39
N GLN A 211 1.99 -14.23 12.52
CA GLN A 211 2.15 -14.52 11.11
C GLN A 211 3.31 -13.72 10.57
N ARG A 212 3.45 -12.50 11.06
CA ARG A 212 4.44 -11.62 10.49
C ARG A 212 5.81 -11.78 11.18
N ARG A 213 5.85 -12.45 12.31
CA ARG A 213 7.13 -12.79 12.89
C ARG A 213 7.83 -13.81 11.99
N GLN A 214 7.04 -14.68 11.35
CA GLN A 214 7.56 -15.72 10.46
C GLN A 214 7.56 -15.31 8.97
N LYS A 215 6.66 -14.42 8.56
CA LYS A 215 6.75 -13.78 7.24
C LYS A 215 6.82 -12.26 7.42
N PRO A 216 8.02 -11.74 7.75
CA PRO A 216 8.25 -10.31 8.02
C PRO A 216 7.96 -9.39 6.84
N GLY A 217 7.51 -8.19 7.16
CA GLY A 217 7.34 -7.11 6.19
C GLY A 217 7.97 -5.83 6.70
N THR A 218 7.51 -4.70 6.19
CA THR A 218 8.05 -3.39 6.54
C THR A 218 7.04 -2.50 7.27
N ASP A 219 5.88 -3.09 7.60
CA ASP A 219 4.86 -2.42 8.37
C ASP A 219 5.16 -2.49 9.87
N ALA A 220 4.40 -1.73 10.65
CA ALA A 220 4.66 -1.56 12.09
C ALA A 220 4.54 -2.88 12.88
N ILE A 221 3.55 -3.69 12.54
CA ILE A 221 3.34 -4.94 13.27
C ILE A 221 4.51 -5.90 13.02
N SER A 222 5.02 -5.98 11.79
CA SER A 222 6.19 -6.80 11.50
C SER A 222 7.42 -6.35 12.29
N ILE A 223 7.63 -5.05 12.36
CA ILE A 223 8.80 -4.49 13.05
C ILE A 223 8.69 -4.78 14.56
N VAL A 224 7.53 -4.54 15.12
CA VAL A 224 7.31 -4.86 16.52
C VAL A 224 7.46 -6.37 16.75
N ALA A 225 6.73 -7.19 15.98
CA ALA A 225 6.80 -8.65 16.14
C ALA A 225 8.23 -9.23 16.09
N ASN A 226 9.09 -8.70 15.22
CA ASN A 226 10.47 -9.15 15.08
C ASN A 226 11.51 -8.47 15.99
N GLY A 227 11.06 -7.64 16.90
CA GLY A 227 11.99 -6.85 17.69
C GLY A 227 12.59 -7.58 18.88
N GLN A 228 13.60 -6.94 19.46
CA GLN A 228 14.25 -7.44 20.65
C GLN A 228 14.03 -6.41 21.78
N VAL A 229 13.74 -6.91 22.97
CA VAL A 229 13.71 -6.11 24.18
C VAL A 229 14.43 -6.88 25.24
N ASN A 230 15.16 -6.16 26.09
CA ASN A 230 15.82 -6.77 27.24
C ASN A 230 16.85 -7.81 26.82
N GLY A 231 17.31 -7.72 25.58
CA GLY A 231 18.34 -8.62 25.08
C GLY A 231 17.86 -9.97 24.59
N ARG A 232 16.58 -10.06 24.25
CA ARG A 232 15.97 -11.31 23.78
C ARG A 232 14.73 -10.95 22.93
N PRO A 233 14.15 -11.93 22.23
CA PRO A 233 13.00 -11.56 21.39
C PRO A 233 11.78 -11.07 22.18
N ILE A 234 11.10 -10.08 21.64
CA ILE A 234 9.85 -9.66 22.21
C ILE A 234 8.85 -10.83 22.15
N THR A 235 8.11 -11.07 23.22
CA THR A 235 7.11 -12.13 23.21
C THR A 235 5.85 -11.62 22.50
N SER A 236 5.01 -12.54 22.04
CA SER A 236 3.71 -12.20 21.46
C SER A 236 2.85 -11.36 22.40
N ASP A 237 2.86 -11.72 23.67
CA ASP A 237 2.13 -10.97 24.69
C ASP A 237 2.62 -9.52 24.80
N GLU A 238 3.94 -9.33 24.86
CA GLU A 238 4.47 -7.97 24.96
C GLU A 238 4.19 -7.22 23.66
N ALA A 239 4.33 -7.93 22.55
CA ALA A 239 4.10 -7.29 21.25
C ALA A 239 2.65 -6.81 21.13
N LYS A 240 1.69 -7.60 21.58
CA LYS A 240 0.29 -7.22 21.39
C LYS A 240 -0.05 -6.06 22.30
N ARG A 241 0.59 -6.04 23.46
CA ARG A 241 0.30 -5.06 24.48
C ARG A 241 0.87 -3.72 24.09
N MET A 242 1.99 -3.70 23.39
CA MET A 242 2.48 -2.44 22.84
C MET A 242 1.77 -2.06 21.52
N CYS A 243 1.52 -3.03 20.62
CA CYS A 243 0.81 -2.70 19.38
C CYS A 243 -0.59 -2.14 19.71
N GLY A 244 -1.24 -2.69 20.75
CA GLY A 244 -2.49 -2.13 21.20
C GLY A 244 -2.41 -0.64 21.49
N LEU A 245 -1.37 -0.19 22.18
CA LEU A 245 -1.24 1.25 22.52
C LEU A 245 -0.82 2.14 21.36
N LEU A 246 -0.03 1.60 20.42
CA LEU A 246 0.28 2.35 19.20
C LEU A 246 -1.03 2.70 18.49
N LEU A 247 -2.04 1.83 18.61
CA LEU A 247 -3.37 2.15 18.11
C LEU A 247 -4.11 3.12 19.02
N VAL A 248 -4.33 2.74 20.27
CA VAL A 248 -5.19 3.50 21.17
C VAL A 248 -4.58 4.90 21.49
N GLY A 249 -3.28 4.92 21.73
CA GLY A 249 -2.55 6.16 21.90
C GLY A 249 -2.73 7.21 20.82
N GLY A 250 -2.97 6.79 19.59
CA GLY A 250 -3.06 7.71 18.47
C GLY A 250 -4.46 8.10 18.09
N LEU A 251 -5.49 7.70 18.86
CA LEU A 251 -6.87 7.92 18.41
C LEU A 251 -7.53 9.06 19.17
N ASP A 252 -7.90 8.81 20.42
CA ASP A 252 -8.64 9.80 21.19
C ASP A 252 -7.94 11.16 21.36
N THR A 253 -6.65 11.12 21.70
CA THR A 253 -5.89 12.36 21.84
C THR A 253 -5.98 13.19 20.55
N VAL A 254 -5.75 12.56 19.40
CA VAL A 254 -5.77 13.26 18.11
C VAL A 254 -7.18 13.74 17.76
N VAL A 255 -8.19 12.87 17.91
CA VAL A 255 -9.56 13.23 17.62
C VAL A 255 -9.95 14.47 18.40
N ASN A 256 -9.68 14.44 19.70
CA ASN A 256 -10.11 15.51 20.57
C ASN A 256 -9.27 16.78 20.41
N PHE A 257 -7.96 16.62 20.24
CA PHE A 257 -7.15 17.80 20.06
C PHE A 257 -7.50 18.52 18.73
N LEU A 258 -7.74 17.77 17.67
CA LEU A 258 -8.08 18.39 16.40
C LEU A 258 -9.43 19.07 16.56
N SER A 259 -10.34 18.45 17.31
CA SER A 259 -11.65 19.05 17.55
C SER A 259 -11.59 20.39 18.32
N PHE A 260 -10.74 20.48 19.33
CA PHE A 260 -10.59 21.73 20.10
C PHE A 260 -10.02 22.80 19.18
N SER A 261 -9.06 22.40 18.34
CA SER A 261 -8.42 23.35 17.44
C SER A 261 -9.42 23.87 16.44
N MET A 262 -10.17 22.98 15.81
CA MET A 262 -11.12 23.41 14.79
C MET A 262 -12.31 24.18 15.37
N GLU A 263 -12.69 23.85 16.61
CA GLU A 263 -13.74 24.63 17.32
C GLU A 263 -13.24 26.04 17.46
N PHE A 264 -11.99 26.17 17.90
CA PHE A 264 -11.35 27.47 18.00
C PHE A 264 -11.31 28.18 16.65
N LEU A 265 -10.76 27.55 15.61
CA LEU A 265 -10.65 28.24 14.33
C LEU A 265 -12.03 28.66 13.78
N ALA A 266 -13.04 27.84 14.04
CA ALA A 266 -14.37 28.14 13.53
C ALA A 266 -14.91 29.41 14.15
N LYS A 267 -14.40 29.76 15.34
CA LYS A 267 -14.82 30.96 16.03
C LYS A 267 -13.86 32.13 15.88
N SER A 268 -12.82 31.97 15.05
CA SER A 268 -11.75 32.96 15.00
C SER A 268 -11.36 33.24 13.57
N PRO A 269 -12.20 33.99 12.83
CA PRO A 269 -11.87 34.28 11.43
C PRO A 269 -10.50 34.97 11.25
N GLU A 270 -10.06 35.80 12.19
CA GLU A 270 -8.75 36.44 12.00
C GLU A 270 -7.62 35.42 12.06
N HIS A 271 -7.72 34.45 12.97
CA HIS A 271 -6.69 33.42 13.06
C HIS A 271 -6.70 32.53 11.82
N ARG A 272 -7.88 32.24 11.29
CA ARG A 272 -7.95 31.49 10.02
C ARG A 272 -7.24 32.27 8.93
N GLN A 273 -7.54 33.57 8.86
CA GLN A 273 -7.01 34.40 7.81
C GLN A 273 -5.50 34.48 7.90
N GLU A 274 -4.97 34.54 9.11
CA GLU A 274 -3.51 34.49 9.29
C GLU A 274 -2.88 33.26 8.60
N LEU A 275 -3.46 32.08 8.80
CA LEU A 275 -2.87 30.85 8.29
C LEU A 275 -3.10 30.65 6.77
N ILE A 276 -4.20 31.19 6.28
CA ILE A 276 -4.46 31.29 4.84
C ILE A 276 -3.46 32.21 4.14
N GLU A 277 -3.28 33.43 4.66
CA GLU A 277 -2.33 34.37 4.06
C GLU A 277 -0.88 33.96 4.24
N ARG A 278 -0.55 33.28 5.34
CA ARG A 278 0.83 32.85 5.62
C ARG A 278 0.91 31.39 6.09
N PRO A 279 0.68 30.46 5.15
CA PRO A 279 0.69 29.03 5.45
C PRO A 279 1.95 28.57 6.16
N GLU A 280 3.09 29.21 5.91
CA GLU A 280 4.34 28.83 6.58
C GLU A 280 4.24 29.02 8.09
N ARG A 281 3.21 29.72 8.56
CA ARG A 281 3.05 29.85 10.03
C ARG A 281 2.34 28.67 10.68
N ILE A 282 1.92 27.72 9.85
CA ILE A 282 1.08 26.66 10.38
C ILE A 282 1.81 25.79 11.44
N PRO A 283 3.10 25.50 11.22
CA PRO A 283 3.78 24.72 12.26
C PRO A 283 3.84 25.44 13.60
N ALA A 284 4.20 26.71 13.60
CA ALA A 284 4.21 27.54 14.82
C ALA A 284 2.82 27.67 15.45
N ALA A 285 1.82 27.86 14.60
CA ALA A 285 0.45 27.95 15.07
C ALA A 285 0.03 26.64 15.74
N SER A 286 0.43 25.53 15.15
CA SER A 286 0.12 24.23 15.69
C SER A 286 0.70 24.01 17.09
N GLU A 287 1.88 24.58 17.37
CA GLU A 287 2.52 24.43 18.69
C GLU A 287 1.78 25.27 19.70
N GLU A 288 1.26 26.41 19.26
CA GLU A 288 0.53 27.28 20.17
C GLU A 288 -0.86 26.68 20.46
N LEU A 289 -1.46 26.01 19.46
CA LEU A 289 -2.73 25.33 19.70
C LEU A 289 -2.52 24.13 20.65
N LEU A 290 -1.40 23.42 20.54
CA LEU A 290 -1.07 22.32 21.46
C LEU A 290 -0.95 22.84 22.88
N ARG A 291 -0.38 24.03 23.02
CA ARG A 291 -0.31 24.67 24.34
C ARG A 291 -1.71 25.02 24.84
N ARG A 292 -2.49 25.72 24.01
CA ARG A 292 -3.74 26.28 24.49
C ARG A 292 -4.82 25.24 24.72
N PHE A 293 -4.77 24.18 23.91
CA PHE A 293 -5.83 23.18 23.91
C PHE A 293 -5.34 21.82 24.36
N SER A 294 -4.32 21.86 25.24
CA SER A 294 -3.70 20.70 25.85
C SER A 294 -4.81 19.93 26.52
N LEU A 295 -4.73 18.61 26.57
CA LEU A 295 -5.92 17.82 26.91
C LEU A 295 -5.69 16.58 27.77
N VAL A 296 -4.45 16.24 28.05
CA VAL A 296 -4.20 15.01 28.82
C VAL A 296 -3.96 15.31 30.30
N ALA A 297 -4.41 14.39 31.15
CA ALA A 297 -4.16 14.49 32.59
C ALA A 297 -4.05 13.12 33.24
N ASP A 298 -2.82 12.62 33.29
CA ASP A 298 -2.61 11.43 34.08
C ASP A 298 -1.60 11.73 35.17
N GLY A 299 -0.93 10.71 35.69
CA GLY A 299 -0.10 10.96 36.85
C GLY A 299 0.72 9.77 37.26
N ARG A 300 1.07 9.74 38.54
CA ARG A 300 2.01 8.76 39.05
C ARG A 300 1.61 8.36 40.46
N ILE A 301 2.32 7.35 40.98
CA ILE A 301 2.10 6.86 42.32
C ILE A 301 3.41 6.98 43.13
N LEU A 302 3.29 7.42 44.38
CA LEU A 302 4.45 7.52 45.25
C LEU A 302 5.03 6.16 45.66
N THR A 303 6.33 6.00 45.42
CA THR A 303 7.02 4.74 45.72
C THR A 303 7.44 4.67 47.15
N SER A 304 7.59 5.83 47.79
CA SER A 304 7.91 5.91 49.22
C SER A 304 7.41 7.21 49.80
N ASP A 305 7.41 7.31 51.14
CA ASP A 305 7.08 8.58 51.78
C ASP A 305 8.12 9.56 51.27
N TYR A 306 7.68 10.78 50.96
CA TYR A 306 8.54 11.74 50.32
C TYR A 306 8.03 13.16 50.54
N GLU A 307 8.91 14.02 51.02
CA GLU A 307 8.59 15.43 51.14
C GLU A 307 8.92 16.14 49.86
N PHE A 308 7.92 16.78 49.28
CA PHE A 308 8.07 17.40 47.96
C PHE A 308 7.49 18.81 48.09
N HIS A 309 8.35 19.80 47.87
CA HIS A 309 7.93 21.20 47.95
C HIS A 309 7.19 21.51 49.23
N GLY A 310 7.67 20.94 50.33
CA GLY A 310 7.12 21.26 51.63
C GLY A 310 5.89 20.46 52.01
N VAL A 311 5.50 19.52 51.16
CA VAL A 311 4.32 18.71 51.43
C VAL A 311 4.71 17.26 51.64
N GLN A 312 4.21 16.74 52.74
CA GLN A 312 4.41 15.33 53.08
C GLN A 312 3.51 14.43 52.26
N LEU A 313 4.12 13.72 51.32
CA LEU A 313 3.47 12.68 50.53
C LEU A 313 3.81 11.31 51.10
N LYS A 314 2.86 10.38 51.07
CA LYS A 314 3.08 9.03 51.62
C LYS A 314 3.10 8.00 50.52
N LYS A 315 3.86 6.93 50.76
CA LYS A 315 3.87 5.77 49.90
C LYS A 315 2.45 5.33 49.54
N GLY A 316 2.22 5.06 48.27
CA GLY A 316 0.89 4.71 47.80
C GLY A 316 -0.04 5.86 47.44
N ASP A 317 0.32 7.10 47.79
CA ASP A 317 -0.51 8.24 47.39
C ASP A 317 -0.49 8.32 45.88
N GLN A 318 -1.61 8.66 45.26
CA GLN A 318 -1.61 8.97 43.85
C GLN A 318 -1.54 10.48 43.71
N ILE A 319 -0.82 10.92 42.67
CA ILE A 319 -0.67 12.33 42.33
C ILE A 319 -0.95 12.56 40.84
N LEU A 320 -1.94 13.40 40.57
CA LEU A 320 -2.28 13.79 39.22
C LEU A 320 -1.32 14.91 38.84
N LEU A 321 -0.68 14.74 37.70
CA LEU A 321 0.33 15.66 37.22
C LEU A 321 -0.14 16.10 35.82
N PRO A 322 -1.14 17.00 35.75
CA PRO A 322 -1.86 17.20 34.49
C PRO A 322 -1.03 17.94 33.46
N GLN A 323 -0.74 17.20 32.40
CA GLN A 323 -0.03 17.71 31.25
C GLN A 323 -0.65 19.02 30.77
N MET A 324 -1.96 19.05 30.77
CA MET A 324 -2.73 20.23 30.38
C MET A 324 -2.30 21.53 31.06
N LEU A 325 -1.95 21.48 32.35
CA LEU A 325 -1.83 22.72 33.12
C LEU A 325 -0.54 23.50 32.85
N SER A 326 0.54 22.80 32.45
CA SER A 326 1.85 23.44 32.36
C SER A 326 1.79 24.65 31.41
N GLY A 327 1.13 24.46 30.28
CA GLY A 327 1.04 25.47 29.23
C GLY A 327 0.07 26.60 29.56
N LEU A 328 -0.88 26.34 30.46
CA LEU A 328 -1.84 27.36 30.86
C LEU A 328 -1.35 28.19 32.04
N ASP A 329 -0.23 27.73 32.62
CA ASP A 329 0.34 28.32 33.82
C ASP A 329 0.84 29.72 33.48
N GLU A 330 0.21 30.75 34.04
CA GLU A 330 0.61 32.11 33.74
C GLU A 330 2.06 32.38 34.15
N ARG A 331 2.63 31.56 35.03
CA ARG A 331 4.03 31.73 35.40
C ARG A 331 4.93 31.23 34.27
N GLU A 332 4.36 30.55 33.27
CA GLU A 332 5.17 30.02 32.17
C GLU A 332 4.85 30.71 30.85
N ASN A 333 3.60 31.12 30.65
CA ASN A 333 3.23 31.85 29.46
C ASN A 333 2.34 33.06 29.85
N ALA A 334 2.77 34.26 29.52
CA ALA A 334 1.97 35.47 29.80
C ALA A 334 0.65 35.35 29.04
N ALA A 335 -0.45 35.76 29.68
CA ALA A 335 -1.75 35.77 29.04
C ALA A 335 -2.07 34.39 28.45
N PRO A 336 -2.11 33.38 29.31
CA PRO A 336 -2.16 31.98 28.80
C PRO A 336 -3.40 31.61 27.99
N MET A 337 -4.53 32.30 28.16
CA MET A 337 -5.74 31.92 27.45
C MET A 337 -5.80 32.53 26.05
N HIS A 338 -4.94 33.50 25.80
CA HIS A 338 -4.80 34.16 24.50
C HIS A 338 -4.03 33.26 23.52
N VAL A 339 -4.57 33.07 22.33
CA VAL A 339 -3.88 32.32 21.29
C VAL A 339 -3.10 33.29 20.43
N ASP A 340 -1.79 33.19 20.45
CA ASP A 340 -0.97 34.07 19.62
C ASP A 340 -0.01 33.21 18.82
N PHE A 341 -0.27 33.10 17.54
CA PHE A 341 0.57 32.32 16.66
C PHE A 341 2.01 32.83 16.58
N SER A 342 2.24 34.06 17.01
CA SER A 342 3.60 34.62 17.03
C SER A 342 4.22 34.56 18.42
N ARG A 343 3.60 33.82 19.32
CA ARG A 343 4.05 33.74 20.69
C ARG A 343 5.51 33.31 20.70
N GLN A 344 6.35 34.11 21.35
CA GLN A 344 7.80 33.98 21.27
C GLN A 344 8.37 32.72 21.90
N CYS A 345 7.94 32.42 23.12
CA CYS A 345 8.47 31.29 23.88
C CYS A 345 7.34 30.37 24.33
N VAL A 346 6.85 29.55 23.42
CA VAL A 346 5.75 28.69 23.70
C VAL A 346 6.22 27.56 24.61
N SER A 347 5.82 27.57 25.88
CA SER A 347 6.11 26.44 26.77
C SER A 347 4.85 25.65 27.13
N HIS A 348 4.96 24.32 27.02
CA HIS A 348 3.89 23.38 27.37
C HIS A 348 4.49 22.03 27.69
N THR A 349 3.65 21.13 28.19
CA THR A 349 3.98 19.70 28.39
C THR A 349 2.79 18.88 27.88
N THR A 350 2.31 19.25 26.71
CA THR A 350 1.09 18.71 26.15
C THR A 350 1.27 17.27 25.77
N PHE A 351 2.47 16.93 25.31
CA PHE A 351 2.83 15.53 25.05
C PHE A 351 3.41 14.82 26.28
N GLY A 352 3.33 15.47 27.43
CA GLY A 352 3.92 14.92 28.64
C GLY A 352 5.35 15.42 28.84
N HIS A 353 6.10 14.70 29.69
CA HIS A 353 7.41 15.15 30.08
C HIS A 353 8.10 13.99 30.79
N GLY A 354 9.42 13.99 30.76
CA GLY A 354 10.22 12.88 31.23
C GLY A 354 10.25 11.73 30.22
N SER A 355 10.68 10.56 30.69
CA SER A 355 10.93 9.45 29.78
C SER A 355 9.70 8.95 29.05
N HIS A 356 8.51 9.23 29.59
CA HIS A 356 7.25 8.81 28.96
C HIS A 356 6.68 9.82 27.96
N LEU A 357 7.34 10.95 27.75
CA LEU A 357 6.83 11.93 26.76
C LEU A 357 6.45 11.22 25.45
N CYS A 358 5.26 11.55 24.96
CA CYS A 358 4.61 10.86 23.87
C CYS A 358 5.57 10.39 22.78
N LEU A 359 5.62 9.08 22.59
CA LEU A 359 6.51 8.47 21.64
C LEU A 359 5.98 8.71 20.24
N GLY A 360 4.73 9.10 20.17
CA GLY A 360 4.07 9.44 18.92
C GLY A 360 4.07 10.93 18.57
N GLN A 361 4.83 11.73 19.33
CA GLN A 361 4.74 13.18 19.16
C GLN A 361 4.97 13.68 17.73
N HIS A 362 5.85 13.02 16.98
CA HIS A 362 6.17 13.53 15.64
C HIS A 362 5.05 13.21 14.66
N LEU A 363 4.49 12.03 14.84
CA LEU A 363 3.30 11.66 14.06
C LEU A 363 2.16 12.61 14.39
N ALA A 364 1.92 12.87 15.67
CA ALA A 364 0.84 13.79 16.05
C ALA A 364 1.01 15.16 15.40
N ARG A 365 2.20 15.74 15.54
CA ARG A 365 2.43 17.04 14.95
C ARG A 365 2.17 17.05 13.43
N ARG A 366 2.59 16.00 12.75
CA ARG A 366 2.38 15.96 11.30
C ARG A 366 0.91 15.88 10.96
N GLU A 367 0.16 15.10 11.76
CA GLU A 367 -1.29 15.01 11.57
C GLU A 367 -1.95 16.38 11.76
N ILE A 368 -1.53 17.09 12.80
CA ILE A 368 -2.06 18.41 13.05
C ILE A 368 -1.72 19.35 11.90
N ILE A 369 -0.44 19.43 11.57
CA ILE A 369 -0.01 20.35 10.54
C ILE A 369 -0.67 20.08 9.17
N VAL A 370 -0.77 18.81 8.78
CA VAL A 370 -1.37 18.42 7.50
C VAL A 370 -2.87 18.74 7.47
N THR A 371 -3.57 18.41 8.55
CA THR A 371 -4.98 18.74 8.66
C THR A 371 -5.21 20.22 8.44
N LEU A 372 -4.47 21.05 9.16
CA LEU A 372 -4.73 22.49 9.10
C LEU A 372 -4.45 23.04 7.72
N LYS A 373 -3.34 22.63 7.08
CA LYS A 373 -3.00 23.10 5.74
C LYS A 373 -3.99 22.58 4.69
N GLU A 374 -4.37 21.32 4.77
CA GLU A 374 -5.28 20.72 3.79
C GLU A 374 -6.74 21.15 3.98
N TRP A 375 -7.14 21.42 5.22
CA TRP A 375 -8.46 22.00 5.46
C TRP A 375 -8.53 23.44 4.96
N LEU A 376 -7.62 24.28 5.45
CA LEU A 376 -7.72 25.70 5.18
C LEU A 376 -7.57 26.03 3.71
N THR A 377 -6.92 25.15 2.99
CA THR A 377 -6.73 25.32 1.58
C THR A 377 -8.05 25.17 0.81
N ARG A 378 -8.95 24.35 1.33
CA ARG A 378 -10.16 24.01 0.62
C ARG A 378 -11.40 24.64 1.22
N ILE A 379 -11.44 24.71 2.54
CA ILE A 379 -12.53 25.32 3.28
C ILE A 379 -11.97 26.42 4.19
N PRO A 380 -11.63 27.59 3.64
CA PRO A 380 -11.05 28.63 4.49
C PRO A 380 -12.05 29.31 5.42
N ASP A 381 -13.34 29.17 5.12
CA ASP A 381 -14.39 29.92 5.81
C ASP A 381 -15.40 28.97 6.42
N PHE A 382 -15.45 28.92 7.74
CA PHE A 382 -16.38 28.01 8.38
C PHE A 382 -16.69 28.46 9.79
N SER A 383 -17.78 27.91 10.32
CA SER A 383 -18.39 28.40 11.56
C SER A 383 -19.04 27.25 12.25
N ILE A 384 -19.31 27.42 13.54
CA ILE A 384 -20.12 26.48 14.28
C ILE A 384 -21.57 26.53 13.78
N ALA A 385 -22.23 25.38 13.69
CA ALA A 385 -23.61 25.36 13.20
C ALA A 385 -24.47 26.25 14.10
N PRO A 386 -25.30 27.10 13.50
CA PRO A 386 -26.14 27.94 14.38
C PRO A 386 -27.00 27.12 15.36
N GLY A 387 -27.11 27.59 16.58
CA GLY A 387 -27.92 26.90 17.58
C GLY A 387 -27.27 25.62 18.09
N ALA A 388 -26.01 25.40 17.72
CA ALA A 388 -25.27 24.23 18.22
C ALA A 388 -24.68 24.55 19.58
N GLN A 389 -24.90 23.64 20.52
CA GLN A 389 -24.38 23.76 21.89
C GLN A 389 -23.11 22.89 22.02
N ILE A 390 -21.92 23.48 21.85
CA ILE A 390 -20.69 22.67 21.88
C ILE A 390 -20.22 22.29 23.28
N GLN A 391 -20.25 20.98 23.52
CA GLN A 391 -20.08 20.41 24.84
C GLN A 391 -18.75 19.68 24.98
N HIS A 392 -17.92 20.18 25.90
CA HIS A 392 -16.69 19.50 26.29
C HIS A 392 -16.93 18.43 27.35
N LYS A 393 -15.96 17.52 27.42
CA LYS A 393 -15.90 16.48 28.45
C LYS A 393 -14.51 16.44 29.06
N SER A 394 -14.48 16.10 30.35
CA SER A 394 -13.26 16.17 31.13
C SER A 394 -12.88 14.77 31.59
N GLY A 395 -11.58 14.48 31.60
CA GLY A 395 -11.09 13.22 32.11
C GLY A 395 -9.59 13.09 31.91
N ILE A 396 -9.14 11.86 31.76
CA ILE A 396 -7.72 11.64 31.54
C ILE A 396 -7.33 12.17 30.16
N VAL A 397 -8.22 11.99 29.20
CA VAL A 397 -8.11 12.68 27.90
C VAL A 397 -9.40 13.46 27.78
N SER A 398 -9.30 14.77 27.95
CA SER A 398 -10.49 15.60 27.83
C SER A 398 -10.79 15.77 26.33
N GLY A 399 -12.02 16.13 25.99
CA GLY A 399 -12.43 16.18 24.59
C GLY A 399 -13.70 16.97 24.30
N VAL A 400 -14.09 16.91 23.03
CA VAL A 400 -15.30 17.54 22.49
C VAL A 400 -16.31 16.46 22.04
N GLN A 401 -17.52 16.55 22.53
CA GLN A 401 -18.51 15.50 22.24
C GLN A 401 -18.86 15.49 20.76
N ALA A 402 -19.18 16.66 20.23
CA ALA A 402 -19.46 16.80 18.81
C ALA A 402 -19.15 18.22 18.35
N LEU A 403 -18.83 18.37 17.06
CA LEU A 403 -18.50 19.65 16.46
C LEU A 403 -19.16 19.84 15.10
N PRO A 404 -20.44 20.24 15.11
CA PRO A 404 -21.16 20.58 13.88
C PRO A 404 -20.62 21.87 13.27
N LEU A 405 -20.01 21.76 12.08
CA LEU A 405 -19.49 22.92 11.37
C LEU A 405 -20.35 23.14 10.15
N VAL A 406 -20.38 24.38 9.69
CA VAL A 406 -21.12 24.72 8.50
C VAL A 406 -20.29 25.70 7.70
N TRP A 407 -20.50 25.68 6.38
CA TRP A 407 -19.81 26.62 5.48
C TRP A 407 -20.61 26.76 4.18
N ASP A 408 -20.41 27.88 3.50
CA ASP A 408 -20.99 28.07 2.18
C ASP A 408 -20.06 27.40 1.18
N PRO A 409 -20.55 26.39 0.44
CA PRO A 409 -19.68 25.77 -0.56
C PRO A 409 -19.16 26.77 -1.62
N ALA A 410 -19.85 27.88 -1.83
CA ALA A 410 -19.39 28.88 -2.80
C ALA A 410 -18.04 29.45 -2.38
N THR A 411 -17.73 29.39 -1.09
CA THR A 411 -16.46 29.94 -0.61
C THR A 411 -15.33 28.90 -0.59
N THR A 412 -15.60 27.69 -1.05
CA THR A 412 -14.59 26.60 -0.94
C THR A 412 -13.91 26.40 -2.29
N LYS A 413 -12.84 25.62 -2.28
CA LYS A 413 -12.05 25.31 -3.47
C LYS A 413 -11.55 23.88 -3.40
N ALA A 414 -11.71 23.14 -4.50
CA ALA A 414 -11.06 21.83 -4.63
C ALA A 414 -9.63 22.05 -5.08
N VAL A 415 -8.70 21.26 -4.54
CA VAL A 415 -7.30 21.27 -4.98
C VAL A 415 -6.75 19.85 -4.97
N ASN B 11 -1.45 -30.58 3.45
CA ASN B 11 -2.11 -31.87 3.43
C ASN B 11 -3.64 -31.78 3.21
N LEU B 12 -4.00 -31.28 2.03
CA LEU B 12 -5.39 -31.19 1.61
C LEU B 12 -5.69 -32.36 0.66
N ALA B 13 -6.88 -32.94 0.81
CA ALA B 13 -7.36 -34.01 -0.06
C ALA B 13 -8.06 -33.43 -1.29
N PRO B 14 -7.92 -34.08 -2.46
CA PRO B 14 -8.61 -33.53 -3.63
C PRO B 14 -10.13 -33.47 -3.45
N LEU B 15 -10.76 -32.46 -4.04
CA LEU B 15 -12.19 -32.25 -3.93
C LEU B 15 -13.01 -33.39 -4.58
N PRO B 16 -13.93 -34.02 -3.81
CA PRO B 16 -14.71 -35.09 -4.44
C PRO B 16 -15.61 -34.53 -5.53
N PRO B 17 -15.90 -35.33 -6.56
CA PRO B 17 -16.65 -34.85 -7.73
C PRO B 17 -17.96 -34.17 -7.37
N HIS B 18 -18.64 -34.66 -6.32
CA HIS B 18 -19.96 -34.13 -5.95
C HIS B 18 -19.95 -32.78 -5.25
N VAL B 19 -18.76 -32.31 -4.86
CA VAL B 19 -18.65 -31.07 -4.07
C VAL B 19 -18.32 -29.85 -4.94
N PRO B 20 -19.21 -28.83 -4.94
CA PRO B 20 -18.95 -27.59 -5.68
C PRO B 20 -17.78 -26.78 -5.10
N GLU B 21 -16.92 -26.28 -5.99
CA GLU B 21 -15.76 -25.51 -5.58
C GLU B 21 -16.16 -24.31 -4.72
N HIS B 22 -17.32 -23.73 -4.97
CA HIS B 22 -17.75 -22.55 -4.23
C HIS B 22 -18.12 -22.87 -2.77
N LEU B 23 -18.25 -24.15 -2.43
CA LEU B 23 -18.56 -24.53 -1.04
C LEU B 23 -17.30 -24.91 -0.28
N VAL B 24 -16.15 -24.84 -0.96
CA VAL B 24 -14.88 -25.18 -0.31
C VAL B 24 -14.41 -24.10 0.67
N PHE B 25 -14.13 -24.53 1.90
CA PHE B 25 -13.56 -23.66 2.91
C PHE B 25 -12.59 -24.49 3.74
N ASP B 26 -11.29 -24.24 3.61
CA ASP B 26 -10.30 -25.16 4.15
C ASP B 26 -9.97 -24.90 5.61
N PHE B 27 -10.81 -25.42 6.49
CA PHE B 27 -10.61 -25.27 7.92
C PHE B 27 -10.09 -26.56 8.54
N ASP B 28 -8.99 -26.46 9.27
CA ASP B 28 -8.40 -27.60 9.96
C ASP B 28 -8.73 -27.57 11.45
N MET B 29 -9.63 -28.47 11.84
CA MET B 29 -10.17 -28.49 13.18
C MET B 29 -9.13 -28.75 14.28
N TYR B 30 -7.98 -29.34 13.93
CA TYR B 30 -6.90 -29.58 14.87
C TYR B 30 -5.85 -28.50 14.84
N ASN B 31 -5.96 -27.59 13.88
CA ASN B 31 -5.01 -26.48 13.77
C ASN B 31 -5.62 -25.26 13.11
N PRO B 32 -6.61 -24.64 13.76
CA PRO B 32 -7.20 -23.48 13.10
C PRO B 32 -6.20 -22.34 13.08
N SER B 33 -6.16 -21.56 12.01
CA SER B 33 -5.10 -20.55 11.86
C SER B 33 -5.07 -19.45 12.94
N ASN B 34 -6.21 -19.03 13.47
CA ASN B 34 -6.23 -17.94 14.45
C ASN B 34 -6.24 -18.41 15.92
N LEU B 35 -5.67 -19.58 16.18
CA LEU B 35 -5.73 -20.21 17.50
C LEU B 35 -5.19 -19.33 18.63
N SER B 36 -4.19 -18.52 18.32
CA SER B 36 -3.57 -17.63 19.29
C SER B 36 -4.55 -16.62 19.91
N ALA B 37 -5.62 -16.32 19.19
CA ALA B 37 -6.69 -15.47 19.70
C ALA B 37 -7.57 -16.18 20.74
N GLY B 38 -7.45 -17.51 20.80
CA GLY B 38 -8.36 -18.33 21.58
C GLY B 38 -9.14 -19.25 20.66
N VAL B 39 -9.47 -20.44 21.13
CA VAL B 39 -9.99 -21.47 20.25
C VAL B 39 -11.38 -21.12 19.73
N GLN B 40 -12.26 -20.60 20.58
CA GLN B 40 -13.59 -20.19 20.13
C GLN B 40 -13.52 -19.12 19.02
N GLU B 41 -12.70 -18.09 19.22
CA GLU B 41 -12.38 -17.08 18.20
C GLU B 41 -11.92 -17.72 16.89
N ALA B 42 -11.03 -18.70 16.97
CA ALA B 42 -10.50 -19.31 15.77
C ALA B 42 -11.59 -20.04 14.98
N TRP B 43 -12.51 -20.71 15.68
CA TRP B 43 -13.55 -21.46 15.02
C TRP B 43 -14.57 -20.47 14.45
N ALA B 44 -14.73 -19.33 15.13
CA ALA B 44 -15.63 -18.28 14.68
C ALA B 44 -15.32 -17.80 13.25
N VAL B 45 -14.16 -18.11 12.71
CA VAL B 45 -13.94 -17.71 11.31
C VAL B 45 -14.91 -18.42 10.37
N LEU B 46 -15.56 -19.47 10.84
CA LEU B 46 -16.50 -20.18 9.96
C LEU B 46 -17.82 -19.43 9.86
N GLN B 47 -17.99 -18.41 10.69
CA GLN B 47 -19.23 -17.63 10.71
C GLN B 47 -18.99 -16.19 10.27
N GLU B 48 -17.96 -15.98 9.47
CA GLU B 48 -17.80 -14.69 8.83
C GLU B 48 -18.78 -14.58 7.67
N SER B 49 -19.07 -13.34 7.26
CA SER B 49 -20.16 -12.99 6.33
C SER B 49 -20.25 -13.85 5.06
N ASN B 50 -19.11 -14.09 4.44
CA ASN B 50 -19.09 -14.71 3.14
C ASN B 50 -19.09 -16.24 3.18
N VAL B 51 -19.15 -16.81 4.38
CA VAL B 51 -19.03 -18.26 4.51
C VAL B 51 -20.41 -18.91 4.53
N PRO B 52 -20.66 -19.86 3.59
CA PRO B 52 -21.91 -20.63 3.54
C PRO B 52 -22.26 -21.32 4.85
N ASP B 53 -23.53 -21.68 4.98
CA ASP B 53 -24.04 -22.36 6.16
C ASP B 53 -23.44 -23.75 6.23
N LEU B 54 -23.04 -24.26 5.07
CA LEU B 54 -22.59 -25.63 4.95
C LEU B 54 -21.41 -25.63 4.00
N VAL B 55 -20.21 -25.84 4.54
CA VAL B 55 -19.00 -25.85 3.72
C VAL B 55 -18.27 -27.19 3.75
N TRP B 56 -17.40 -27.38 2.76
CA TRP B 56 -16.54 -28.56 2.68
C TRP B 56 -15.07 -28.19 2.92
N THR B 57 -14.43 -28.83 3.89
CA THR B 57 -12.99 -28.60 4.08
C THR B 57 -12.22 -29.75 3.48
N ARG B 58 -11.10 -29.44 2.83
CA ARG B 58 -10.24 -30.50 2.28
C ARG B 58 -9.24 -31.01 3.31
N SER B 59 -9.29 -30.47 4.52
CA SER B 59 -8.42 -30.90 5.60
C SER B 59 -8.92 -32.18 6.25
N ASN B 60 -8.00 -32.91 6.90
CA ASN B 60 -8.37 -34.08 7.69
C ASN B 60 -9.19 -35.10 6.91
N GLY B 61 -8.83 -35.31 5.66
CA GLY B 61 -9.45 -36.35 4.85
C GLY B 61 -10.54 -35.82 3.95
N GLY B 62 -11.03 -34.64 4.29
CA GLY B 62 -12.15 -34.06 3.58
C GLY B 62 -13.41 -34.36 4.36
N HIS B 63 -14.16 -33.31 4.71
CA HIS B 63 -15.44 -33.48 5.39
C HIS B 63 -16.26 -32.18 5.35
N TRP B 64 -17.56 -32.30 5.53
CA TRP B 64 -18.45 -31.15 5.60
C TRP B 64 -18.35 -30.55 6.98
N ILE B 65 -18.68 -29.26 7.09
CA ILE B 65 -18.85 -28.59 8.37
C ILE B 65 -20.10 -27.72 8.26
N ALA B 66 -21.05 -27.94 9.17
CA ALA B 66 -22.20 -27.04 9.34
C ALA B 66 -21.81 -25.89 10.26
N THR B 67 -22.13 -24.67 9.87
CA THR B 67 -21.50 -23.49 10.49
C THR B 67 -22.47 -22.74 11.38
N ARG B 68 -23.74 -23.13 11.36
CA ARG B 68 -24.77 -22.34 12.01
C ARG B 68 -25.61 -23.20 12.93
N GLY B 69 -26.09 -22.62 14.03
CA GLY B 69 -26.83 -23.39 15.03
C GLY B 69 -28.01 -24.11 14.39
N GLN B 70 -28.74 -23.39 13.53
CA GLN B 70 -29.87 -23.97 12.79
C GLN B 70 -29.58 -25.34 12.19
N LEU B 71 -28.53 -25.44 11.36
CA LEU B 71 -28.25 -26.70 10.67
C LEU B 71 -27.72 -27.74 11.63
N ILE B 72 -26.92 -27.29 12.59
CA ILE B 72 -26.35 -28.20 13.58
C ILE B 72 -27.46 -28.88 14.37
N ARG B 73 -28.42 -28.09 14.88
CA ARG B 73 -29.56 -28.69 15.57
C ARG B 73 -30.35 -29.65 14.69
N GLU B 74 -30.71 -29.19 13.48
CA GLU B 74 -31.48 -30.04 12.58
C GLU B 74 -30.77 -31.38 12.30
N ALA B 75 -29.49 -31.32 11.96
CA ALA B 75 -28.77 -32.54 11.63
C ALA B 75 -28.72 -33.48 12.85
N TYR B 76 -28.57 -32.92 14.05
CA TYR B 76 -28.48 -33.78 15.24
C TYR B 76 -29.83 -34.38 15.61
N GLU B 77 -30.90 -33.87 14.99
CA GLU B 77 -32.24 -34.36 15.24
C GLU B 77 -32.66 -35.47 14.25
N ASP B 78 -31.76 -35.78 13.30
CA ASP B 78 -32.04 -36.75 12.23
C ASP B 78 -30.92 -37.81 12.13
N TYR B 79 -30.97 -38.80 13.00
CA TYR B 79 -29.96 -39.86 13.01
C TYR B 79 -30.14 -40.84 11.87
N ARG B 80 -31.33 -40.86 11.31
CA ARG B 80 -31.59 -41.73 10.18
C ARG B 80 -30.69 -41.35 9.01
N HIS B 81 -30.51 -40.05 8.77
CA HIS B 81 -29.57 -39.59 7.75
C HIS B 81 -28.17 -39.36 8.32
N PHE B 82 -28.09 -38.92 9.58
CA PHE B 82 -26.84 -38.51 10.18
C PHE B 82 -26.51 -39.40 11.37
N SER B 83 -25.83 -40.50 11.06
CA SER B 83 -25.64 -41.58 11.99
C SER B 83 -24.44 -41.37 12.92
N SER B 84 -24.55 -41.86 14.15
CA SER B 84 -23.47 -41.79 15.13
C SER B 84 -22.45 -42.92 14.99
N GLU B 85 -22.64 -43.78 14.00
CA GLU B 85 -21.79 -44.95 13.79
C GLU B 85 -20.33 -44.55 13.59
N SER B 86 -20.11 -43.38 12.99
CA SER B 86 -18.77 -42.82 12.82
C SER B 86 -18.80 -41.33 13.17
N PRO B 87 -18.62 -41.00 14.45
CA PRO B 87 -18.83 -39.62 14.89
C PRO B 87 -17.57 -38.78 14.96
N PHE B 88 -16.42 -39.37 14.58
CA PHE B 88 -15.14 -38.71 14.77
C PHE B 88 -14.53 -38.46 13.42
N ILE B 89 -13.96 -37.27 13.32
CA ILE B 89 -13.29 -36.82 12.12
C ILE B 89 -11.82 -36.62 12.49
N PRO B 90 -10.88 -37.21 11.73
CA PRO B 90 -11.05 -38.16 10.64
C PRO B 90 -11.51 -39.54 11.16
N ARG B 91 -12.00 -40.41 10.28
CA ARG B 91 -12.43 -41.76 10.68
C ARG B 91 -11.38 -42.41 11.54
N GLU B 92 -10.13 -42.33 11.07
CA GLU B 92 -8.94 -42.87 11.75
C GLU B 92 -8.86 -42.52 13.25
N ALA B 93 -9.18 -41.28 13.61
CA ALA B 93 -9.39 -40.94 15.03
C ALA B 93 -10.66 -41.66 15.51
N GLY B 94 -10.50 -42.76 16.24
CA GLY B 94 -11.62 -43.64 16.55
C GLY B 94 -11.23 -45.11 16.33
N GLU B 95 -10.04 -45.30 15.77
CA GLU B 95 -9.52 -46.62 15.39
C GLU B 95 -9.81 -47.72 16.41
N ALA B 96 -9.63 -47.43 17.69
CA ALA B 96 -9.92 -48.42 18.74
C ALA B 96 -10.85 -47.81 19.78
N TYR B 97 -11.56 -46.76 19.38
CA TYR B 97 -12.61 -46.19 20.22
C TYR B 97 -13.87 -47.06 20.15
N ASP B 98 -14.36 -47.53 21.30
CA ASP B 98 -15.55 -48.39 21.30
C ASP B 98 -16.45 -48.16 22.54
N PHE B 99 -16.28 -47.01 23.18
CA PHE B 99 -17.08 -46.65 24.32
C PHE B 99 -18.57 -46.63 23.96
N ILE B 100 -19.42 -46.89 24.95
CA ILE B 100 -20.86 -46.96 24.74
C ILE B 100 -21.49 -45.80 25.49
N PRO B 101 -22.51 -45.13 24.90
CA PRO B 101 -23.27 -45.41 23.68
C PRO B 101 -22.93 -44.48 22.50
N THR B 102 -21.75 -43.89 22.55
CA THR B 102 -21.32 -42.88 21.58
C THR B 102 -21.65 -43.24 20.14
N SER B 103 -21.31 -44.45 19.74
CA SER B 103 -21.47 -44.86 18.34
C SER B 103 -22.78 -45.59 17.97
N MET B 104 -23.75 -45.58 18.88
CA MET B 104 -25.05 -46.20 18.66
C MET B 104 -26.13 -45.16 18.33
N ASP B 105 -27.08 -45.55 17.48
CA ASP B 105 -28.29 -44.78 17.25
C ASP B 105 -29.40 -45.44 18.08
N PRO B 106 -30.50 -44.72 18.36
CA PRO B 106 -31.70 -45.41 18.84
C PRO B 106 -32.16 -46.40 17.77
N PRO B 107 -32.88 -47.46 18.14
CA PRO B 107 -33.36 -47.80 19.49
C PRO B 107 -32.30 -48.25 20.53
N GLU B 108 -31.22 -48.86 20.09
CA GLU B 108 -30.29 -49.45 21.05
C GLU B 108 -29.69 -48.40 21.97
N GLN B 109 -29.39 -47.21 21.45
CA GLN B 109 -28.73 -46.17 22.25
C GLN B 109 -29.61 -45.82 23.49
N ARG B 110 -30.93 -45.76 23.29
CA ARG B 110 -31.85 -45.44 24.37
C ARG B 110 -31.82 -46.48 25.49
N GLN B 111 -31.58 -47.74 25.14
CA GLN B 111 -31.48 -48.79 26.15
C GLN B 111 -30.35 -48.44 27.10
N PHE B 112 -29.23 -48.00 26.56
CA PHE B 112 -28.07 -47.68 27.38
C PHE B 112 -28.26 -46.38 28.11
N ARG B 113 -29.01 -45.47 27.51
CA ARG B 113 -29.25 -44.18 28.18
C ARG B 113 -30.21 -44.31 29.36
N ALA B 114 -31.15 -45.24 29.25
CA ALA B 114 -32.00 -45.56 30.38
C ALA B 114 -31.12 -45.96 31.58
N LEU B 115 -30.15 -46.80 31.32
CA LEU B 115 -29.34 -47.31 32.42
C LEU B 115 -28.42 -46.24 32.99
N ALA B 116 -27.75 -45.50 32.11
CA ALA B 116 -26.87 -44.43 32.55
C ALA B 116 -27.60 -43.38 33.37
N ASN B 117 -28.85 -43.11 33.04
CA ASN B 117 -29.62 -42.13 33.80
C ASN B 117 -29.81 -42.54 35.26
N GLN B 118 -29.83 -43.85 35.51
CA GLN B 118 -29.97 -44.34 36.87
C GLN B 118 -28.70 -44.01 37.69
N VAL B 119 -27.65 -43.67 36.97
CA VAL B 119 -26.31 -43.53 37.52
C VAL B 119 -25.85 -42.06 37.70
N VAL B 120 -26.19 -41.19 36.76
CA VAL B 120 -25.83 -39.78 36.85
C VAL B 120 -27.00 -38.84 36.53
N GLY B 121 -28.21 -39.35 36.66
CA GLY B 121 -29.41 -38.51 36.50
C GLY B 121 -29.52 -37.49 37.63
N MET B 122 -30.46 -36.55 37.48
CA MET B 122 -30.64 -35.46 38.47
C MET B 122 -30.79 -35.96 39.90
N PRO B 123 -31.59 -37.04 40.13
CA PRO B 123 -31.69 -37.52 41.52
C PRO B 123 -30.32 -37.86 42.15
N VAL B 124 -29.45 -38.55 41.40
CA VAL B 124 -28.12 -38.87 41.90
C VAL B 124 -27.29 -37.57 42.09
N VAL B 125 -27.35 -36.67 41.13
CA VAL B 125 -26.59 -35.42 41.26
C VAL B 125 -26.99 -34.67 42.54
N ASP B 126 -28.31 -34.51 42.76
CA ASP B 126 -28.78 -33.83 43.95
C ASP B 126 -28.28 -34.49 45.24
N LYS B 127 -28.21 -35.81 45.25
CA LYS B 127 -27.78 -36.48 46.47
C LYS B 127 -26.29 -36.28 46.65
N LEU B 128 -25.55 -36.20 45.55
CA LEU B 128 -24.11 -35.97 45.62
C LEU B 128 -23.67 -34.53 45.91
N GLU B 129 -24.59 -33.58 45.85
CA GLU B 129 -24.18 -32.18 45.87
C GLU B 129 -23.30 -31.84 47.07
N ASN B 130 -23.75 -32.23 48.26
CA ASN B 130 -23.02 -31.90 49.49
C ASN B 130 -21.56 -32.38 49.45
N ARG B 131 -21.33 -33.60 48.99
CA ARG B 131 -19.95 -34.09 48.86
C ARG B 131 -19.16 -33.35 47.77
N ILE B 132 -19.81 -33.07 46.65
CA ILE B 132 -19.17 -32.28 45.58
C ILE B 132 -18.64 -31.00 46.15
N GLN B 133 -19.48 -30.35 46.95
CA GLN B 133 -19.15 -29.05 47.53
C GLN B 133 -17.99 -29.18 48.54
N GLU B 134 -17.98 -30.25 49.33
CA GLU B 134 -16.90 -30.48 50.30
C GLU B 134 -15.58 -30.70 49.56
N LEU B 135 -15.66 -31.36 48.43
CA LEU B 135 -14.51 -31.67 47.61
C LEU B 135 -13.94 -30.41 46.99
N ALA B 136 -14.82 -29.58 46.43
CA ALA B 136 -14.42 -28.29 45.86
C ALA B 136 -13.80 -27.42 46.93
N SER B 137 -14.41 -27.38 48.11
CA SER B 137 -13.90 -26.57 49.22
C SER B 137 -12.51 -27.04 49.65
N SER B 138 -12.39 -28.35 49.92
CA SER B 138 -11.14 -28.94 50.37
C SER B 138 -9.98 -28.55 49.47
N LEU B 139 -10.18 -28.66 48.15
CA LEU B 139 -9.16 -28.26 47.16
C LEU B 139 -8.84 -26.78 47.23
N ILE B 140 -9.86 -25.94 47.22
CA ILE B 140 -9.62 -24.51 47.10
C ILE B 140 -8.92 -24.02 48.35
N GLU B 141 -9.40 -24.48 49.50
CA GLU B 141 -8.79 -24.18 50.79
C GLU B 141 -7.31 -24.53 50.82
N SER B 142 -6.94 -25.71 50.33
CA SER B 142 -5.51 -26.06 50.26
C SER B 142 -4.72 -25.16 49.29
N LEU B 143 -5.39 -24.58 48.29
CA LEU B 143 -4.70 -23.73 47.33
C LEU B 143 -4.57 -22.29 47.83
N ARG B 144 -5.56 -21.87 48.60
CA ARG B 144 -5.72 -20.47 48.98
C ARG B 144 -4.46 -19.75 49.52
N PRO B 145 -3.78 -20.32 50.54
CA PRO B 145 -2.67 -19.57 51.17
C PRO B 145 -1.44 -19.38 50.28
N GLN B 146 -1.34 -20.12 49.19
CA GLN B 146 -0.13 -20.15 48.35
C GLN B 146 0.00 -18.89 47.52
N GLY B 147 -1.14 -18.28 47.21
CA GLY B 147 -1.14 -17.12 46.34
C GLY B 147 -0.88 -17.46 44.90
N GLN B 148 -0.91 -18.75 44.55
CA GLN B 148 -0.72 -19.19 43.17
C GLN B 148 -1.03 -20.67 42.96
N CYS B 149 -1.36 -21.02 41.71
CA CYS B 149 -1.53 -22.41 41.31
C CYS B 149 -1.52 -22.48 39.79
N ASN B 150 -1.34 -23.69 39.25
CA ASN B 150 -1.71 -23.96 37.85
C ASN B 150 -3.12 -24.50 37.93
N PHE B 151 -4.09 -23.65 37.62
CA PHE B 151 -5.47 -24.03 37.84
C PHE B 151 -5.82 -25.40 37.23
N THR B 152 -5.47 -25.56 35.97
CA THR B 152 -5.67 -26.78 35.21
C THR B 152 -5.22 -28.03 35.99
N GLU B 153 -4.00 -28.01 36.49
CA GLU B 153 -3.42 -29.19 37.14
C GLU B 153 -3.79 -29.32 38.61
N ASP B 154 -3.99 -28.18 39.28
CA ASP B 154 -4.19 -28.17 40.72
C ASP B 154 -5.68 -28.18 41.13
N TYR B 155 -6.58 -27.80 40.24
CA TYR B 155 -8.00 -27.84 40.55
C TYR B 155 -8.80 -28.59 39.52
N ALA B 156 -8.66 -28.17 38.26
CA ALA B 156 -9.58 -28.57 37.22
C ALA B 156 -9.50 -30.08 36.93
N GLU B 157 -8.31 -30.65 37.05
CA GLU B 157 -8.12 -32.09 36.90
C GLU B 157 -8.53 -32.88 38.13
N PRO B 158 -7.98 -32.56 39.33
CA PRO B 158 -8.31 -33.44 40.47
C PRO B 158 -9.80 -33.46 40.83
N PHE B 159 -10.51 -32.34 40.61
CA PHE B 159 -11.91 -32.22 40.99
C PHE B 159 -12.82 -33.27 40.32
N PRO B 160 -12.92 -33.26 38.98
CA PRO B 160 -13.77 -34.27 38.31
C PRO B 160 -13.34 -35.71 38.54
N ILE B 161 -12.05 -36.04 38.52
CA ILE B 161 -11.66 -37.42 38.75
C ILE B 161 -11.98 -37.86 40.19
N ARG B 162 -11.87 -36.98 41.17
CA ARG B 162 -12.28 -37.34 42.53
C ARG B 162 -13.77 -37.48 42.60
N ILE B 163 -14.49 -36.73 41.77
CA ILE B 163 -15.94 -36.86 41.72
C ILE B 163 -16.29 -38.22 41.13
N PHE B 164 -15.57 -38.66 40.11
CA PHE B 164 -15.80 -39.99 39.57
C PHE B 164 -15.60 -41.11 40.61
N MET B 165 -14.55 -41.00 41.44
CA MET B 165 -14.30 -42.01 42.48
C MET B 165 -15.46 -42.04 43.49
N LEU B 166 -16.00 -40.88 43.82
CA LEU B 166 -17.18 -40.82 44.67
C LEU B 166 -18.39 -41.49 43.99
N LEU B 167 -18.64 -41.14 42.74
CA LEU B 167 -19.79 -41.61 42.01
C LEU B 167 -19.72 -43.13 41.82
N ALA B 168 -18.52 -43.62 41.49
CA ALA B 168 -18.26 -45.04 41.19
C ALA B 168 -17.85 -45.89 42.38
N GLY B 169 -17.78 -45.28 43.58
CA GLY B 169 -17.38 -46.00 44.79
C GLY B 169 -15.99 -46.60 44.75
N LEU B 170 -15.00 -45.84 44.30
CA LEU B 170 -13.64 -46.34 44.20
C LEU B 170 -12.73 -45.63 45.19
N PRO B 171 -11.64 -46.28 45.61
CA PRO B 171 -10.84 -45.65 46.66
C PRO B 171 -9.83 -44.63 46.09
N GLU B 172 -9.42 -43.71 46.95
CA GLU B 172 -8.64 -42.55 46.51
C GLU B 172 -7.27 -42.99 45.99
N GLU B 173 -6.75 -44.09 46.55
CA GLU B 173 -5.44 -44.62 46.15
C GLU B 173 -5.37 -45.06 44.65
N ASP B 174 -6.53 -45.23 44.01
CA ASP B 174 -6.55 -45.68 42.62
C ASP B 174 -6.43 -44.52 41.64
N ILE B 175 -6.57 -43.31 42.17
CA ILE B 175 -6.54 -42.12 41.36
C ILE B 175 -5.29 -41.98 40.47
N PRO B 176 -4.08 -42.13 41.03
CA PRO B 176 -2.90 -42.03 40.16
C PRO B 176 -2.92 -42.97 38.94
N HIS B 177 -3.36 -44.22 39.11
CA HIS B 177 -3.41 -45.15 37.98
C HIS B 177 -4.46 -44.68 36.96
N LEU B 178 -5.61 -44.27 37.44
CA LEU B 178 -6.65 -43.81 36.51
C LEU B 178 -6.30 -42.51 35.81
N LYS B 179 -5.71 -41.55 36.54
CA LYS B 179 -5.29 -40.32 35.89
C LYS B 179 -4.25 -40.63 34.81
N TYR B 180 -3.37 -41.58 35.11
CA TYR B 180 -2.33 -41.92 34.18
C TYR B 180 -2.93 -42.49 32.92
N LEU B 181 -3.82 -43.47 33.06
CA LEU B 181 -4.44 -44.08 31.88
C LEU B 181 -5.27 -43.09 31.07
N THR B 182 -6.13 -42.29 31.71
CA THR B 182 -6.97 -41.35 30.98
C THR B 182 -6.10 -40.29 30.28
N ASP B 183 -5.06 -39.81 30.97
CA ASP B 183 -4.04 -38.93 30.40
C ASP B 183 -3.39 -39.53 29.13
N GLN B 184 -2.91 -40.77 29.20
CA GLN B 184 -2.38 -41.45 28.02
C GLN B 184 -3.39 -41.50 26.87
N MET B 185 -4.68 -41.60 27.20
CA MET B 185 -5.74 -41.64 26.19
C MET B 185 -5.98 -40.29 25.54
N THR B 186 -6.13 -39.25 26.35
CA THR B 186 -6.50 -37.93 25.84
C THR B 186 -5.34 -37.01 25.61
N ARG B 187 -4.23 -37.23 26.31
CA ARG B 187 -3.04 -36.38 26.17
C ARG B 187 -1.74 -37.18 25.96
N PRO B 188 -1.76 -38.10 24.96
CA PRO B 188 -0.75 -39.12 24.69
C PRO B 188 0.70 -38.75 24.99
N ASP B 189 1.46 -39.76 25.40
CA ASP B 189 2.84 -39.61 25.81
C ASP B 189 3.72 -40.41 24.85
N GLY B 190 3.09 -41.29 24.08
CA GLY B 190 3.81 -42.18 23.18
C GLY B 190 4.45 -43.34 23.92
N SER B 191 4.41 -43.30 25.25
CA SER B 191 4.93 -44.39 26.07
C SER B 191 3.87 -45.50 26.22
N MET B 192 2.68 -45.23 25.73
CA MET B 192 1.58 -46.19 25.75
C MET B 192 0.60 -45.75 24.65
N THR B 193 0.20 -46.68 23.78
CA THR B 193 -0.82 -46.37 22.74
C THR B 193 -2.19 -46.18 23.34
N PHE B 194 -3.11 -45.58 22.59
CA PHE B 194 -4.49 -45.42 23.07
C PHE B 194 -5.12 -46.77 23.38
N ALA B 195 -4.95 -47.72 22.48
CA ALA B 195 -5.50 -49.05 22.69
C ALA B 195 -4.98 -49.68 23.99
N GLU B 196 -3.68 -49.59 24.24
CA GLU B 196 -3.14 -50.13 25.47
C GLU B 196 -3.74 -49.45 26.69
N ALA B 197 -3.84 -48.14 26.64
CA ALA B 197 -4.42 -47.39 27.73
C ALA B 197 -5.89 -47.77 27.97
N LYS B 198 -6.68 -47.81 26.91
CA LYS B 198 -8.08 -48.19 26.98
C LYS B 198 -8.21 -49.60 27.55
N GLU B 199 -7.48 -50.57 27.00
CA GLU B 199 -7.53 -51.94 27.53
C GLU B 199 -7.13 -51.99 29.00
N ALA B 200 -6.17 -51.17 29.41
CA ALA B 200 -5.77 -51.18 30.81
C ALA B 200 -6.92 -50.61 31.69
N LEU B 201 -7.68 -49.65 31.16
CA LEU B 201 -8.81 -49.05 31.88
C LEU B 201 -9.94 -50.05 32.01
N TYR B 202 -10.22 -50.76 30.92
CA TYR B 202 -11.19 -51.84 30.91
C TYR B 202 -10.74 -52.93 31.87
N ASP B 203 -9.45 -53.27 31.88
CA ASP B 203 -8.95 -54.27 32.81
C ASP B 203 -9.00 -53.88 34.27
N TYR B 204 -8.93 -52.57 34.54
CA TYR B 204 -9.18 -52.05 35.90
C TYR B 204 -10.65 -52.24 36.26
N LEU B 205 -11.52 -51.93 35.30
CA LEU B 205 -12.96 -51.94 35.55
C LEU B 205 -13.61 -53.33 35.65
N ILE B 206 -13.18 -54.27 34.80
CA ILE B 206 -13.97 -55.48 34.64
C ILE B 206 -14.13 -56.34 35.92
N PRO B 207 -13.06 -56.53 36.71
CA PRO B 207 -13.30 -57.37 37.91
C PRO B 207 -14.14 -56.68 38.96
N ILE B 208 -14.09 -55.35 38.98
CA ILE B 208 -14.92 -54.56 39.88
C ILE B 208 -16.40 -54.72 39.45
N ILE B 209 -16.62 -54.63 38.16
CA ILE B 209 -17.94 -54.88 37.56
C ILE B 209 -18.45 -56.30 37.93
N GLU B 210 -17.60 -57.31 37.80
CA GLU B 210 -18.08 -58.67 38.05
C GLU B 210 -18.29 -58.90 39.57
N GLN B 211 -17.48 -58.24 40.37
CA GLN B 211 -17.61 -58.37 41.82
C GLN B 211 -18.89 -57.66 42.29
N ARG B 212 -19.16 -56.47 41.80
CA ARG B 212 -20.34 -55.73 42.24
C ARG B 212 -21.65 -56.19 41.53
N ARG B 213 -21.52 -56.96 40.47
CA ARG B 213 -22.70 -57.60 39.94
C ARG B 213 -23.23 -58.61 40.93
N GLN B 214 -22.32 -59.33 41.59
CA GLN B 214 -22.69 -60.33 42.59
C GLN B 214 -23.01 -59.65 43.91
N LYS B 215 -22.27 -58.59 44.25
CA LYS B 215 -22.44 -57.92 45.55
C LYS B 215 -22.58 -56.41 45.37
N PRO B 216 -23.78 -55.95 44.96
CA PRO B 216 -23.94 -54.53 44.61
C PRO B 216 -23.98 -53.55 45.80
N GLY B 217 -23.37 -52.38 45.62
CA GLY B 217 -23.57 -51.24 46.50
C GLY B 217 -24.50 -50.26 45.82
N THR B 218 -24.35 -48.97 46.11
CA THR B 218 -25.21 -47.94 45.50
C THR B 218 -24.48 -47.14 44.43
N ASP B 219 -23.24 -47.51 44.16
CA ASP B 219 -22.36 -46.75 43.27
C ASP B 219 -22.69 -47.06 41.83
N ALA B 220 -22.12 -46.27 40.92
CA ALA B 220 -22.45 -46.36 39.50
C ALA B 220 -22.05 -47.69 38.85
N ILE B 221 -20.95 -48.26 39.29
CA ILE B 221 -20.47 -49.50 38.72
C ILE B 221 -21.44 -50.65 39.06
N SER B 222 -21.84 -50.74 40.33
CA SER B 222 -22.85 -51.71 40.76
C SER B 222 -24.13 -51.60 39.93
N ILE B 223 -24.62 -50.38 39.75
CA ILE B 223 -25.88 -50.20 39.08
C ILE B 223 -25.71 -50.57 37.60
N VAL B 224 -24.63 -50.12 36.98
CA VAL B 224 -24.39 -50.51 35.59
C VAL B 224 -24.25 -52.02 35.44
N ALA B 225 -23.54 -52.66 36.37
CA ALA B 225 -23.23 -54.08 36.23
C ALA B 225 -24.48 -54.92 36.33
N ASN B 226 -25.45 -54.42 37.11
CA ASN B 226 -26.70 -55.10 37.31
C ASN B 226 -27.76 -54.66 36.31
N GLY B 227 -27.36 -53.79 35.39
CA GLY B 227 -28.30 -53.22 34.43
C GLY B 227 -28.89 -54.22 33.44
N GLN B 228 -30.05 -53.87 32.89
CA GLN B 228 -30.64 -54.63 31.79
C GLN B 228 -30.63 -53.79 30.53
N VAL B 229 -30.26 -54.39 29.39
CA VAL B 229 -30.40 -53.72 28.09
C VAL B 229 -30.85 -54.65 27.00
N ASN B 230 -31.64 -54.12 26.05
CA ASN B 230 -32.16 -54.94 24.95
C ASN B 230 -32.96 -56.15 25.44
N GLY B 231 -33.55 -56.01 26.63
CA GLY B 231 -34.33 -57.05 27.26
C GLY B 231 -33.53 -58.21 27.83
N ARG B 232 -32.30 -57.94 28.28
CA ARG B 232 -31.42 -58.98 28.82
C ARG B 232 -30.37 -58.32 29.70
N PRO B 233 -29.59 -59.12 30.44
CA PRO B 233 -28.54 -58.50 31.24
C PRO B 233 -27.44 -57.90 30.36
N ILE B 234 -26.99 -56.70 30.75
CA ILE B 234 -25.83 -56.09 30.11
C ILE B 234 -24.66 -57.04 30.29
N THR B 235 -23.82 -57.16 29.27
CA THR B 235 -22.62 -57.98 29.41
C THR B 235 -21.47 -57.19 30.05
N SER B 236 -20.51 -57.94 30.57
CA SER B 236 -19.30 -57.39 31.17
C SER B 236 -18.61 -56.47 30.17
N ASP B 237 -18.53 -56.94 28.93
CA ASP B 237 -17.99 -56.15 27.80
C ASP B 237 -18.71 -54.80 27.64
N GLU B 238 -20.04 -54.83 27.55
CA GLU B 238 -20.80 -53.59 27.39
C GLU B 238 -20.67 -52.72 28.66
N ALA B 239 -20.70 -53.36 29.82
CA ALA B 239 -20.63 -52.60 31.07
C ALA B 239 -19.33 -51.83 31.14
N LYS B 240 -18.23 -52.46 30.76
CA LYS B 240 -16.93 -51.79 30.87
C LYS B 240 -16.80 -50.64 29.84
N ARG B 241 -17.36 -50.83 28.65
CA ARG B 241 -17.34 -49.83 27.60
C ARG B 241 -18.20 -48.62 27.96
N MET B 242 -19.26 -48.80 28.74
CA MET B 242 -20.01 -47.63 29.18
C MET B 242 -19.38 -46.98 30.40
N CYS B 243 -19.01 -47.78 31.38
CA CYS B 243 -18.35 -47.26 32.57
C CYS B 243 -17.11 -46.47 32.16
N GLY B 244 -16.40 -46.97 31.16
CA GLY B 244 -15.22 -46.32 30.63
C GLY B 244 -15.55 -44.90 30.17
N LEU B 245 -16.69 -44.73 29.52
CA LEU B 245 -17.11 -43.43 29.04
C LEU B 245 -17.58 -42.54 30.19
N LEU B 246 -18.25 -43.12 31.19
CA LEU B 246 -18.65 -42.32 32.37
C LEU B 246 -17.44 -41.68 33.03
N LEU B 247 -16.29 -42.35 32.96
CA LEU B 247 -15.06 -41.74 33.43
C LEU B 247 -14.54 -40.70 32.41
N VAL B 248 -14.20 -41.16 31.21
CA VAL B 248 -13.56 -40.33 30.20
C VAL B 248 -14.39 -39.11 29.80
N GLY B 249 -15.69 -39.29 29.58
CA GLY B 249 -16.56 -38.19 29.17
C GLY B 249 -16.61 -37.07 30.19
N GLY B 250 -16.36 -37.42 31.44
CA GLY B 250 -16.43 -36.48 32.52
C GLY B 250 -15.12 -35.83 32.92
N LEU B 251 -13.99 -36.16 32.27
CA LEU B 251 -12.74 -35.53 32.69
C LEU B 251 -12.37 -34.31 31.88
N ASP B 252 -11.77 -34.54 30.71
CA ASP B 252 -11.20 -33.45 29.93
C ASP B 252 -12.20 -32.38 29.47
N THR B 253 -13.44 -32.74 29.20
CA THR B 253 -14.49 -31.74 28.96
C THR B 253 -14.59 -30.78 30.18
N VAL B 254 -14.71 -31.33 31.39
CA VAL B 254 -14.80 -30.48 32.57
C VAL B 254 -13.49 -29.72 32.88
N VAL B 255 -12.36 -30.40 32.79
CA VAL B 255 -11.08 -29.78 33.02
C VAL B 255 -10.90 -28.54 32.15
N ASN B 256 -11.22 -28.68 30.87
CA ASN B 256 -10.93 -27.63 29.93
C ASN B 256 -11.95 -26.51 30.03
N PHE B 257 -13.20 -26.89 30.22
CA PHE B 257 -14.25 -25.87 30.36
C PHE B 257 -14.01 -25.01 31.60
N LEU B 258 -13.75 -25.62 32.75
CA LEU B 258 -13.38 -24.86 33.93
C LEU B 258 -12.20 -23.93 33.62
N SER B 259 -11.18 -24.43 32.91
CA SER B 259 -10.02 -23.62 32.59
C SER B 259 -10.34 -22.40 31.71
N PHE B 260 -11.16 -22.57 30.68
CA PHE B 260 -11.61 -21.42 29.84
C PHE B 260 -12.32 -20.36 30.68
N SER B 261 -13.25 -20.85 31.49
CA SER B 261 -14.04 -19.98 32.35
C SER B 261 -13.22 -19.21 33.37
N MET B 262 -12.29 -19.87 34.05
CA MET B 262 -11.47 -19.21 35.05
C MET B 262 -10.47 -18.28 34.37
N GLU B 263 -9.96 -18.75 33.22
CA GLU B 263 -9.12 -17.92 32.39
C GLU B 263 -9.83 -16.59 32.13
N PHE B 264 -11.07 -16.68 31.67
CA PHE B 264 -11.83 -15.48 31.38
C PHE B 264 -12.03 -14.65 32.65
N LEU B 265 -12.39 -15.31 33.75
CA LEU B 265 -12.67 -14.56 34.98
C LEU B 265 -11.42 -13.84 35.48
N ALA B 266 -10.26 -14.49 35.36
CA ALA B 266 -8.97 -13.89 35.73
C ALA B 266 -8.65 -12.62 34.92
N LYS B 267 -9.21 -12.52 33.74
CA LYS B 267 -9.02 -11.38 32.88
C LYS B 267 -10.18 -10.37 32.92
N SER B 268 -11.20 -10.64 33.76
CA SER B 268 -12.42 -9.81 33.75
C SER B 268 -12.88 -9.42 35.17
N PRO B 269 -12.20 -8.48 35.78
CA PRO B 269 -12.51 -8.08 37.16
C PRO B 269 -13.98 -7.71 37.38
N GLU B 270 -14.64 -7.10 36.40
CA GLU B 270 -16.04 -6.70 36.57
C GLU B 270 -17.02 -7.86 36.55
N HIS B 271 -16.67 -8.94 35.85
CA HIS B 271 -17.49 -10.12 35.85
C HIS B 271 -17.29 -10.88 37.17
N ARG B 272 -16.07 -10.87 37.69
CA ARG B 272 -15.86 -11.47 39.02
C ARG B 272 -16.65 -10.68 40.04
N GLN B 273 -16.54 -9.36 39.95
CA GLN B 273 -17.13 -8.48 40.96
C GLN B 273 -18.64 -8.67 40.95
N GLU B 274 -19.21 -8.78 39.76
CA GLU B 274 -20.64 -9.05 39.63
C GLU B 274 -21.09 -10.32 40.38
N LEU B 275 -20.34 -11.41 40.23
CA LEU B 275 -20.73 -12.66 40.88
C LEU B 275 -20.40 -12.68 42.35
N ILE B 276 -19.45 -11.84 42.76
CA ILE B 276 -19.15 -11.61 44.15
C ILE B 276 -20.30 -10.85 44.81
N GLU B 277 -20.80 -9.82 44.12
CA GLU B 277 -21.85 -8.99 44.70
C GLU B 277 -23.21 -9.67 44.61
N ARG B 278 -23.41 -10.48 43.56
CA ARG B 278 -24.68 -11.17 43.36
C ARG B 278 -24.43 -12.65 43.09
N PRO B 279 -24.04 -13.40 44.14
CA PRO B 279 -23.83 -14.85 44.10
C PRO B 279 -25.00 -15.60 43.48
N GLU B 280 -26.21 -15.05 43.61
CA GLU B 280 -27.39 -15.71 43.06
C GLU B 280 -27.42 -15.72 41.53
N ARG B 281 -26.56 -14.95 40.90
CA ARG B 281 -26.49 -14.95 39.43
C ARG B 281 -25.58 -16.06 38.87
N ILE B 282 -24.85 -16.74 39.75
CA ILE B 282 -23.89 -17.75 39.33
C ILE B 282 -24.52 -18.84 38.46
N PRO B 283 -25.72 -19.33 38.81
CA PRO B 283 -26.22 -20.34 37.89
C PRO B 283 -26.48 -19.80 36.45
N ALA B 284 -26.96 -18.56 36.33
CA ALA B 284 -27.19 -17.95 35.02
C ALA B 284 -25.86 -17.68 34.29
N ALA B 285 -24.88 -17.19 35.03
CA ALA B 285 -23.53 -16.95 34.52
C ALA B 285 -22.89 -18.21 33.99
N SER B 286 -23.13 -19.32 34.69
N SER B 286 -23.12 -19.32 34.68
CA SER B 286 -22.57 -20.60 34.29
CA SER B 286 -22.54 -20.59 34.25
C SER B 286 -23.10 -21.03 32.93
C SER B 286 -23.09 -21.00 32.90
N GLU B 287 -24.35 -20.72 32.65
CA GLU B 287 -24.93 -21.09 31.36
C GLU B 287 -24.40 -20.18 30.24
N GLU B 288 -24.23 -18.90 30.53
CA GLU B 288 -23.62 -17.96 29.57
C GLU B 288 -22.18 -18.38 29.32
N LEU B 289 -21.46 -18.80 30.35
CA LEU B 289 -20.08 -19.27 30.17
C LEU B 289 -20.01 -20.57 29.37
N LEU B 290 -20.92 -21.52 29.67
CA LEU B 290 -21.11 -22.68 28.81
C LEU B 290 -21.30 -22.32 27.36
N ARG B 291 -22.06 -21.26 27.06
CA ARG B 291 -22.26 -20.84 25.67
C ARG B 291 -20.96 -20.25 25.12
N ARG B 292 -20.39 -19.31 25.86
CA ARG B 292 -19.24 -18.55 25.35
C ARG B 292 -18.00 -19.42 25.21
N PHE B 293 -17.78 -20.33 26.16
CA PHE B 293 -16.57 -21.16 26.17
C PHE B 293 -16.82 -22.64 25.85
N SER B 294 -17.79 -22.83 24.96
CA SER B 294 -18.15 -24.11 24.39
C SER B 294 -16.95 -24.74 23.71
N LEU B 295 -16.83 -26.07 23.80
CA LEU B 295 -15.57 -26.70 23.49
C LEU B 295 -15.55 -28.03 22.74
N VAL B 296 -16.70 -28.62 22.48
CA VAL B 296 -16.71 -29.91 21.80
C VAL B 296 -17.05 -29.74 20.33
N ALA B 297 -16.48 -30.62 19.50
CA ALA B 297 -16.81 -30.68 18.09
C ALA B 297 -16.68 -32.10 17.53
N ASP B 298 -17.78 -32.83 17.48
CA ASP B 298 -17.76 -34.08 16.71
C ASP B 298 -18.86 -34.05 15.70
N GLY B 299 -19.26 -35.22 15.22
CA GLY B 299 -20.02 -35.26 14.01
C GLY B 299 -20.77 -36.54 13.79
N ARG B 300 -21.16 -36.74 12.53
CA ARG B 300 -21.99 -37.87 12.14
C ARG B 300 -21.58 -38.30 10.74
N ILE B 301 -22.13 -39.41 10.29
CA ILE B 301 -21.80 -39.88 8.96
C ILE B 301 -23.09 -40.07 8.20
N LEU B 302 -23.05 -39.74 6.90
CA LEU B 302 -24.24 -39.82 6.06
C LEU B 302 -24.55 -41.27 5.79
N THR B 303 -25.81 -41.65 5.95
CA THR B 303 -26.19 -43.05 5.76
C THR B 303 -26.56 -43.29 4.30
N SER B 304 -26.82 -42.22 3.57
CA SER B 304 -27.11 -42.32 2.14
C SER B 304 -26.93 -40.96 1.50
N ASP B 305 -26.94 -40.94 0.17
CA ASP B 305 -27.03 -39.72 -0.60
C ASP B 305 -28.23 -38.96 -0.09
N TYR B 306 -28.07 -37.65 0.10
CA TYR B 306 -29.07 -36.85 0.75
C TYR B 306 -28.86 -35.37 0.45
N GLU B 307 -29.90 -34.70 -0.04
CA GLU B 307 -29.87 -33.26 -0.23
C GLU B 307 -30.30 -32.52 1.05
N PHE B 308 -29.48 -31.56 1.48
CA PHE B 308 -29.62 -30.91 2.76
C PHE B 308 -29.31 -29.42 2.61
N HIS B 309 -30.34 -28.61 2.82
CA HIS B 309 -30.24 -27.17 2.60
C HIS B 309 -29.54 -26.88 1.28
N GLY B 310 -29.92 -27.63 0.26
CA GLY B 310 -29.50 -27.34 -1.10
C GLY B 310 -28.24 -28.06 -1.53
N VAL B 311 -27.51 -28.59 -0.55
CA VAL B 311 -26.24 -29.24 -0.81
C VAL B 311 -26.40 -30.74 -0.88
N GLN B 312 -25.76 -31.30 -1.90
CA GLN B 312 -25.79 -32.73 -2.15
C GLN B 312 -24.73 -33.43 -1.31
N LEU B 313 -25.19 -34.15 -0.30
CA LEU B 313 -24.32 -34.94 0.55
C LEU B 313 -24.38 -36.39 0.08
N LYS B 314 -23.22 -37.03 0.08
CA LYS B 314 -23.06 -38.38 -0.46
C LYS B 314 -22.99 -39.43 0.66
N LYS B 315 -23.50 -40.62 0.40
CA LYS B 315 -23.40 -41.71 1.38
C LYS B 315 -21.93 -41.89 1.80
N GLY B 316 -21.67 -41.94 3.10
CA GLY B 316 -20.32 -42.12 3.61
C GLY B 316 -19.55 -40.82 3.84
N ASP B 317 -20.11 -39.70 3.39
CA ASP B 317 -19.53 -38.39 3.72
C ASP B 317 -19.61 -38.23 5.25
N GLN B 318 -18.57 -37.66 5.84
CA GLN B 318 -18.65 -37.27 7.25
C GLN B 318 -19.01 -35.80 7.31
N ILE B 319 -19.80 -35.45 8.33
CA ILE B 319 -20.17 -34.08 8.54
C ILE B 319 -19.86 -33.69 9.97
N LEU B 320 -18.98 -32.69 10.10
CA LEU B 320 -18.71 -32.08 11.37
C LEU B 320 -19.88 -31.16 11.73
N LEU B 321 -20.45 -31.40 12.91
CA LEU B 321 -21.60 -30.65 13.43
C LEU B 321 -21.15 -30.03 14.76
N PRO B 322 -20.29 -29.00 14.72
CA PRO B 322 -19.59 -28.57 15.93
C PRO B 322 -20.47 -27.98 17.02
N GLN B 323 -20.57 -28.66 18.15
CA GLN B 323 -21.35 -28.19 19.27
C GLN B 323 -20.96 -26.77 19.66
N MET B 324 -19.69 -26.47 19.48
CA MET B 324 -19.15 -25.18 19.86
C MET B 324 -19.85 -24.02 19.19
N LEU B 325 -20.26 -24.26 17.95
CA LEU B 325 -20.56 -23.14 17.08
C LEU B 325 -21.95 -22.56 17.29
N SER B 326 -22.90 -23.37 17.75
CA SER B 326 -24.29 -22.92 17.80
C SER B 326 -24.47 -21.69 18.70
N GLY B 327 -23.76 -21.65 19.82
CA GLY B 327 -23.90 -20.56 20.77
C GLY B 327 -23.11 -19.32 20.39
N LEU B 328 -22.18 -19.49 19.45
CA LEU B 328 -21.38 -18.38 18.96
C LEU B 328 -22.06 -17.74 17.75
N ASP B 329 -23.09 -18.43 17.22
CA ASP B 329 -23.80 -18.02 16.03
C ASP B 329 -24.53 -16.70 16.31
N GLU B 330 -24.15 -15.64 15.62
CA GLU B 330 -24.75 -14.32 15.89
C GLU B 330 -26.22 -14.31 15.50
N ARG B 331 -26.65 -15.27 14.69
CA ARG B 331 -28.08 -15.38 14.40
C ARG B 331 -28.88 -15.89 15.61
N GLU B 332 -28.19 -16.50 16.58
CA GLU B 332 -28.81 -17.08 17.76
C GLU B 332 -28.59 -16.23 19.01
N ASN B 333 -27.43 -15.61 19.12
CA ASN B 333 -27.15 -14.70 20.22
C ASN B 333 -26.45 -13.47 19.72
N ALA B 334 -27.06 -12.32 19.96
CA ALA B 334 -26.45 -11.04 19.59
C ALA B 334 -25.12 -10.87 20.32
N ALA B 335 -24.14 -10.27 19.64
CA ALA B 335 -22.83 -9.97 20.22
C ALA B 335 -22.22 -11.20 20.87
N PRO B 336 -22.06 -12.26 20.07
CA PRO B 336 -21.82 -13.57 20.69
C PRO B 336 -20.51 -13.69 21.46
N MET B 337 -19.48 -12.89 21.18
CA MET B 337 -18.23 -12.97 21.95
C MET B 337 -18.32 -12.23 23.28
N HIS B 338 -19.38 -11.43 23.44
CA HIS B 338 -19.61 -10.68 24.65
C HIS B 338 -20.18 -11.57 25.73
N VAL B 339 -19.61 -11.48 26.92
CA VAL B 339 -20.13 -12.26 28.05
C VAL B 339 -21.06 -11.39 28.88
N ASP B 340 -22.31 -11.76 28.89
CA ASP B 340 -23.33 -10.99 29.60
C ASP B 340 -24.06 -11.95 30.52
N PHE B 341 -23.85 -11.82 31.82
CA PHE B 341 -24.45 -12.78 32.75
C PHE B 341 -25.97 -12.57 32.87
N SER B 342 -26.47 -11.48 32.30
CA SER B 342 -27.91 -11.18 32.32
C SER B 342 -28.52 -11.36 30.94
N ARG B 343 -27.75 -11.93 30.02
CA ARG B 343 -28.23 -12.27 28.70
C ARG B 343 -29.50 -13.12 28.88
N GLN B 344 -30.54 -12.87 28.08
CA GLN B 344 -31.87 -13.37 28.45
C GLN B 344 -32.37 -14.62 27.71
N CYS B 345 -32.05 -14.77 26.42
CA CYS B 345 -32.29 -16.02 25.71
C CYS B 345 -30.99 -16.71 25.34
N VAL B 346 -30.31 -17.21 26.37
CA VAL B 346 -29.05 -17.93 26.19
C VAL B 346 -29.36 -19.18 25.38
N SER B 347 -28.71 -19.24 24.21
CA SER B 347 -28.92 -20.29 23.24
C SER B 347 -27.59 -20.96 22.94
N HIS B 348 -27.51 -22.29 23.10
CA HIS B 348 -26.27 -23.01 22.85
C HIS B 348 -26.56 -24.49 22.64
N THR B 349 -25.59 -25.20 22.04
CA THR B 349 -25.63 -26.67 21.98
C THR B 349 -24.34 -27.25 22.55
N THR B 350 -23.88 -26.65 23.65
CA THR B 350 -22.61 -27.01 24.29
C THR B 350 -22.54 -28.45 24.80
N PHE B 351 -23.66 -29.00 25.26
CA PHE B 351 -23.72 -30.41 25.69
C PHE B 351 -24.18 -31.28 24.54
N GLY B 352 -24.19 -30.70 23.36
CA GLY B 352 -24.79 -31.33 22.22
C GLY B 352 -26.27 -31.10 22.03
N HIS B 353 -26.85 -32.01 21.24
CA HIS B 353 -28.22 -31.87 20.77
C HIS B 353 -28.71 -33.19 20.20
N GLY B 354 -30.01 -33.41 20.28
CA GLY B 354 -30.58 -34.67 19.86
C GLY B 354 -30.40 -35.76 20.93
N SER B 355 -30.54 -37.02 20.54
CA SER B 355 -30.68 -38.07 21.55
C SER B 355 -29.35 -38.36 22.26
N HIS B 356 -28.23 -37.89 21.70
CA HIS B 356 -26.92 -38.02 22.34
C HIS B 356 -26.53 -36.84 23.23
N LEU B 357 -27.37 -35.81 23.32
CA LEU B 357 -27.09 -34.72 24.27
C LEU B 357 -26.57 -35.29 25.61
N CYS B 358 -25.46 -34.72 26.07
CA CYS B 358 -24.67 -35.20 27.22
C CYS B 358 -25.50 -35.78 28.34
N LEU B 359 -25.29 -37.06 28.63
CA LEU B 359 -26.08 -37.71 29.67
C LEU B 359 -25.55 -37.26 31.02
N GLY B 360 -24.39 -36.61 31.00
CA GLY B 360 -23.80 -36.07 32.22
C GLY B 360 -24.02 -34.58 32.45
N GLN B 361 -24.95 -33.98 31.71
CA GLN B 361 -25.16 -32.53 31.77
C GLN B 361 -25.45 -32.00 33.18
N HIS B 362 -26.25 -32.73 33.95
CA HIS B 362 -26.66 -32.27 35.26
C HIS B 362 -25.48 -32.30 36.24
N LEU B 363 -24.66 -33.32 36.13
CA LEU B 363 -23.42 -33.39 36.93
C LEU B 363 -22.43 -32.26 36.54
N ALA B 364 -22.27 -32.01 35.25
CA ALA B 364 -21.38 -30.95 34.77
C ALA B 364 -21.81 -29.59 35.29
N ARG B 365 -23.09 -29.29 35.15
CA ARG B 365 -23.59 -27.99 35.63
C ARG B 365 -23.38 -27.83 37.12
N ARG B 366 -23.63 -28.89 37.88
CA ARG B 366 -23.46 -28.80 39.32
C ARG B 366 -21.97 -28.58 39.62
N GLU B 367 -21.10 -29.29 38.93
CA GLU B 367 -19.66 -29.10 39.12
C GLU B 367 -19.21 -27.66 38.82
N ILE B 368 -19.73 -27.07 37.75
CA ILE B 368 -19.35 -25.71 37.36
C ILE B 368 -19.82 -24.69 38.40
N ILE B 369 -21.08 -24.80 38.78
CA ILE B 369 -21.68 -23.85 39.70
C ILE B 369 -21.02 -23.95 41.08
N VAL B 370 -20.84 -25.18 41.56
CA VAL B 370 -20.09 -25.38 42.80
C VAL B 370 -18.69 -24.80 42.68
N THR B 371 -17.99 -25.03 41.58
CA THR B 371 -16.64 -24.47 41.47
C THR B 371 -16.67 -22.93 41.58
N LEU B 372 -17.56 -22.30 40.83
CA LEU B 372 -17.66 -20.85 40.88
C LEU B 372 -18.04 -20.37 42.27
N LYS B 373 -19.04 -20.95 42.92
CA LYS B 373 -19.46 -20.43 44.23
C LYS B 373 -18.29 -20.46 45.20
N GLU B 374 -17.66 -21.63 45.32
CA GLU B 374 -16.62 -21.84 46.31
C GLU B 374 -15.36 -21.06 46.01
N TRP B 375 -15.01 -20.93 44.74
CA TRP B 375 -13.76 -20.28 44.40
C TRP B 375 -13.91 -18.80 44.72
N LEU B 376 -14.99 -18.20 44.22
CA LEU B 376 -15.18 -16.77 44.38
C LEU B 376 -15.37 -16.30 45.81
N THR B 377 -15.91 -17.16 46.67
CA THR B 377 -16.05 -16.83 48.09
C THR B 377 -14.72 -16.91 48.82
N ARG B 378 -13.79 -17.73 48.35
CA ARG B 378 -12.50 -17.93 49.05
C ARG B 378 -11.36 -17.19 48.39
N ILE B 379 -11.37 -17.19 47.06
CA ILE B 379 -10.39 -16.45 46.28
C ILE B 379 -11.11 -15.53 45.29
N PRO B 380 -11.60 -14.38 45.78
CA PRO B 380 -12.39 -13.48 44.94
C PRO B 380 -11.56 -12.74 43.91
N ASP B 381 -10.34 -12.35 44.27
CA ASP B 381 -9.48 -11.58 43.37
C ASP B 381 -8.28 -12.41 42.91
N PHE B 382 -8.25 -12.76 41.63
CA PHE B 382 -7.11 -13.47 41.04
C PHE B 382 -6.83 -12.95 39.65
N SER B 383 -5.62 -13.17 39.16
CA SER B 383 -5.34 -12.90 37.75
C SER B 383 -4.37 -13.91 37.16
N ILE B 384 -4.09 -13.76 35.87
CA ILE B 384 -3.09 -14.57 35.19
C ILE B 384 -1.72 -14.23 35.76
N ALA B 385 -0.86 -15.24 35.93
CA ALA B 385 0.48 -14.96 36.43
C ALA B 385 1.21 -14.04 35.47
N PRO B 386 1.98 -13.06 35.99
CA PRO B 386 2.76 -12.21 35.10
C PRO B 386 3.75 -13.00 34.25
N GLY B 387 3.83 -12.64 32.98
CA GLY B 387 4.80 -13.21 32.08
C GLY B 387 4.34 -14.52 31.49
N ALA B 388 3.11 -14.92 31.83
CA ALA B 388 2.56 -16.18 31.37
C ALA B 388 1.79 -16.01 30.06
N GLN B 389 1.97 -16.95 29.14
CA GLN B 389 1.24 -16.96 27.89
C GLN B 389 0.42 -18.25 27.83
N ILE B 390 -0.90 -18.07 27.76
CA ILE B 390 -1.85 -19.16 27.80
C ILE B 390 -2.05 -19.70 26.41
N GLN B 391 -1.95 -21.03 26.28
CA GLN B 391 -2.06 -21.66 24.97
C GLN B 391 -3.29 -22.55 24.93
N HIS B 392 -4.10 -22.37 23.89
CA HIS B 392 -5.27 -23.18 23.70
C HIS B 392 -4.88 -24.29 22.71
N LYS B 393 -5.63 -25.39 22.69
CA LYS B 393 -5.44 -26.44 21.71
C LYS B 393 -6.82 -26.69 21.12
N SER B 394 -6.84 -27.15 19.88
CA SER B 394 -8.08 -27.35 19.17
C SER B 394 -8.24 -28.80 18.85
N GLY B 395 -9.47 -29.30 18.91
CA GLY B 395 -9.75 -30.66 18.47
C GLY B 395 -11.19 -31.03 18.79
N ILE B 396 -11.43 -32.34 18.93
CA ILE B 396 -12.76 -32.83 19.27
C ILE B 396 -13.17 -32.24 20.61
N VAL B 397 -12.24 -32.20 21.55
CA VAL B 397 -12.44 -31.46 22.80
C VAL B 397 -11.33 -30.43 22.85
N SER B 398 -11.65 -29.16 22.68
CA SER B 398 -10.60 -28.14 22.77
C SER B 398 -10.29 -27.81 24.22
N GLY B 399 -9.15 -27.19 24.46
CA GLY B 399 -8.77 -26.88 25.82
C GLY B 399 -7.63 -25.91 25.99
N VAL B 400 -7.20 -25.81 27.25
CA VAL B 400 -6.21 -24.86 27.71
C VAL B 400 -5.02 -25.70 28.19
N GLN B 401 -3.81 -25.38 27.76
CA GLN B 401 -2.65 -26.23 28.11
C GLN B 401 -2.35 -26.12 29.59
N ALA B 402 -2.36 -24.88 30.11
CA ALA B 402 -2.10 -24.59 31.49
C ALA B 402 -2.64 -23.19 31.84
N LEU B 403 -2.86 -22.94 33.12
CA LEU B 403 -3.41 -21.67 33.56
C LEU B 403 -2.83 -21.26 34.89
N PRO B 404 -1.64 -20.63 34.86
CA PRO B 404 -1.00 -20.15 36.09
C PRO B 404 -1.73 -18.92 36.61
N LEU B 405 -2.33 -19.01 37.81
CA LEU B 405 -3.07 -17.93 38.44
C LEU B 405 -2.29 -17.39 39.62
N VAL B 406 -2.44 -16.09 39.90
CA VAL B 406 -1.83 -15.47 41.05
C VAL B 406 -2.89 -14.72 41.83
N TRP B 407 -2.69 -14.61 43.14
CA TRP B 407 -3.52 -13.75 43.98
C TRP B 407 -2.72 -13.40 45.22
N ASP B 408 -3.13 -12.33 45.90
CA ASP B 408 -2.53 -11.95 47.17
C ASP B 408 -3.29 -12.72 48.26
N PRO B 409 -2.60 -13.60 49.00
CA PRO B 409 -3.30 -14.33 50.07
C PRO B 409 -3.96 -13.40 51.10
N ALA B 410 -3.44 -12.19 51.26
CA ALA B 410 -4.04 -11.20 52.16
C ALA B 410 -5.27 -10.50 51.56
N THR B 411 -5.92 -11.15 50.60
CA THR B 411 -7.22 -10.71 50.05
C THR B 411 -8.12 -11.92 49.81
N THR B 412 -7.84 -13.01 50.52
CA THR B 412 -8.64 -14.25 50.43
C THR B 412 -9.33 -14.50 51.77
N LYS B 413 -10.51 -15.10 51.71
CA LYS B 413 -11.43 -15.12 52.84
C LYS B 413 -12.21 -16.42 52.88
N ALA B 414 -11.52 -17.49 53.24
CA ALA B 414 -12.08 -18.82 53.22
C ALA B 414 -13.30 -19.00 54.14
N VAL B 415 -14.26 -19.79 53.65
CA VAL B 415 -15.31 -20.36 54.49
C VAL B 415 -15.01 -21.86 54.66
N SER C 8 22.99 31.90 14.66
CA SER C 8 24.32 31.23 14.82
C SER C 8 24.35 29.87 14.15
N LYS C 9 25.55 29.33 13.96
CA LYS C 9 25.69 28.04 13.29
C LYS C 9 26.18 26.92 14.21
N VAL C 10 25.64 25.71 13.99
CA VAL C 10 26.09 24.49 14.64
C VAL C 10 26.49 23.54 13.52
N VAL C 11 27.60 22.82 13.68
CA VAL C 11 28.02 21.80 12.73
C VAL C 11 27.91 20.44 13.42
N TYR C 12 27.15 19.54 12.80
CA TYR C 12 26.95 18.19 13.28
C TYR C 12 27.73 17.23 12.39
N VAL C 13 28.69 16.53 12.97
CA VAL C 13 29.50 15.58 12.22
C VAL C 13 29.05 14.18 12.51
N SER C 14 28.54 13.49 11.50
CA SER C 14 28.06 12.13 11.72
C SER C 14 29.22 11.21 11.95
N HIS C 15 28.92 10.04 12.51
CA HIS C 15 29.93 9.00 12.69
C HIS C 15 30.77 8.74 11.45
N ASP C 16 30.14 8.79 10.27
CA ASP C 16 30.85 8.52 9.01
C ASP C 16 31.59 9.73 8.45
N GLY C 17 31.59 10.85 9.16
CA GLY C 17 32.37 12.00 8.73
C GLY C 17 31.60 13.00 7.88
N THR C 18 30.39 12.65 7.47
CA THR C 18 29.46 13.60 6.86
C THR C 18 29.18 14.76 7.80
N ARG C 19 29.29 16.00 7.32
CA ARG C 19 29.10 17.21 8.13
C ARG C 19 27.89 17.98 7.64
N ARG C 20 26.97 18.30 8.54
CA ARG C 20 25.83 19.14 8.25
C ARG C 20 25.86 20.38 9.11
N GLU C 21 25.63 21.51 8.47
CA GLU C 21 25.69 22.80 9.10
C GLU C 21 24.26 23.32 9.20
N LEU C 22 23.86 23.73 10.40
CA LEU C 22 22.53 24.26 10.63
C LEU C 22 22.55 25.68 11.16
N ASP C 23 21.56 26.48 10.74
CA ASP C 23 21.31 27.76 11.40
C ASP C 23 20.41 27.46 12.58
N VAL C 24 20.87 27.78 13.78
CA VAL C 24 20.13 27.47 14.99
C VAL C 24 19.91 28.74 15.78
N ALA C 25 18.65 29.03 16.08
CA ALA C 25 18.30 30.26 16.76
C ALA C 25 18.63 30.20 18.24
N CYS C 26 18.85 31.38 18.80
CA CYS C 26 19.10 31.55 20.23
C CYS C 26 18.01 30.89 21.05
N GLY C 27 18.38 30.17 22.11
CA GLY C 27 17.42 29.53 22.97
C GLY C 27 16.97 28.15 22.54
N VAL C 28 17.34 27.74 21.33
CA VAL C 28 16.98 26.42 20.83
C VAL C 28 18.07 25.39 21.19
N SER C 29 17.67 24.18 21.59
CA SER C 29 18.64 23.15 21.98
C SER C 29 19.21 22.51 20.73
N LEU C 30 20.40 21.94 20.84
CA LEU C 30 21.04 21.33 19.69
C LEU C 30 20.31 20.02 19.32
N MET C 31 19.68 19.38 20.30
CA MET C 31 18.81 18.23 19.98
C MET C 31 17.62 18.69 19.11
N GLN C 32 16.99 19.81 19.50
CA GLN C 32 15.77 20.28 18.82
C GLN C 32 16.06 20.65 17.37
N ALA C 33 17.17 21.36 17.18
CA ALA C 33 17.58 21.74 15.84
C ALA C 33 17.93 20.50 15.01
N ALA C 34 18.61 19.54 15.59
CA ALA C 34 18.88 18.29 14.87
C ALA C 34 17.56 17.62 14.44
N VAL C 35 16.66 17.40 15.40
CA VAL C 35 15.42 16.66 15.14
C VAL C 35 14.47 17.41 14.17
N SER C 36 14.53 18.73 14.18
CA SER C 36 13.74 19.57 13.28
C SER C 36 14.21 19.53 11.81
N ASN C 37 15.44 19.09 11.58
CA ASN C 37 16.09 19.19 10.26
C ASN C 37 16.67 17.91 9.72
N GLY C 38 16.27 16.77 10.28
CA GLY C 38 16.54 15.49 9.66
C GLY C 38 17.89 14.91 9.97
N ILE C 39 18.44 15.32 11.10
CA ILE C 39 19.68 14.74 11.57
C ILE C 39 19.27 13.51 12.39
N TYR C 40 19.06 12.40 11.67
CA TYR C 40 18.38 11.24 12.24
C TYR C 40 19.24 10.52 13.27
N ASP C 41 20.56 10.72 13.25
CA ASP C 41 21.45 10.08 14.22
C ASP C 41 21.40 10.71 15.63
N ILE C 42 20.58 11.75 15.76
CA ILE C 42 20.17 12.27 17.06
C ILE C 42 18.68 11.93 17.17
N VAL C 43 18.31 11.12 18.15
CA VAL C 43 16.89 10.70 18.28
C VAL C 43 16.03 11.67 19.08
N GLY C 44 16.48 12.04 20.29
CA GLY C 44 15.70 12.98 21.09
C GLY C 44 14.40 12.40 21.64
N ASP C 45 14.44 11.13 22.00
CA ASP C 45 13.22 10.39 22.35
C ASP C 45 12.38 10.94 23.50
N CYS C 46 13.03 11.42 24.57
CA CYS C 46 12.32 11.94 25.72
C CYS C 46 11.86 13.37 25.50
N GLY C 47 12.30 13.98 24.39
CA GLY C 47 11.85 15.32 24.06
C GLY C 47 12.63 16.41 24.79
N GLY C 48 13.76 16.05 25.38
CA GLY C 48 14.73 17.03 25.86
C GLY C 48 14.81 17.33 27.36
N SER C 49 14.50 16.36 28.21
CA SER C 49 14.60 16.60 29.67
C SER C 49 15.67 15.72 30.35
N ALA C 50 16.69 15.31 29.61
CA ALA C 50 17.77 14.52 30.13
C ALA C 50 17.17 13.26 30.78
N SER C 51 16.25 12.65 30.02
CA SER C 51 15.54 11.44 30.46
C SER C 51 15.80 10.19 29.61
N CYS C 52 16.47 10.31 28.46
CA CYS C 52 16.65 9.10 27.64
C CYS C 52 18.06 8.84 27.11
N ALA C 53 18.94 9.84 27.12
CA ALA C 53 20.27 9.70 26.58
C ALA C 53 20.34 9.39 25.07
N THR C 54 19.28 9.71 24.31
CA THR C 54 19.33 9.46 22.86
C THR C 54 19.64 10.71 22.00
N CYS C 55 20.26 11.71 22.62
CA CYS C 55 20.65 12.95 21.95
C CYS C 55 22.14 13.22 22.26
N HIS C 56 22.79 12.14 22.66
CA HIS C 56 24.22 12.13 22.99
C HIS C 56 25.08 12.73 21.87
N VAL C 57 26.06 13.54 22.23
CA VAL C 57 27.03 14.07 21.26
C VAL C 57 28.39 14.24 21.93
N TYR C 58 29.43 14.38 21.11
CA TYR C 58 30.77 14.75 21.58
C TYR C 58 31.02 16.17 21.16
N VAL C 59 31.16 17.06 22.14
CA VAL C 59 31.37 18.46 21.90
C VAL C 59 32.83 18.69 21.55
N ASN C 60 33.10 19.36 20.44
CA ASN C 60 34.47 19.60 20.04
C ASN C 60 35.18 20.41 21.14
N GLU C 61 36.39 19.98 21.53
CA GLU C 61 37.13 20.60 22.63
C GLU C 61 37.39 22.10 22.45
N ALA C 62 37.21 22.64 21.25
CA ALA C 62 37.34 24.07 21.06
C ALA C 62 36.18 24.82 21.73
N PHE C 63 35.12 24.12 22.08
CA PHE C 63 33.93 24.78 22.60
C PHE C 63 33.56 24.35 24.04
N THR C 64 34.26 23.36 24.58
CA THR C 64 33.87 22.82 25.88
C THR C 64 34.02 23.82 27.04
N ASP C 65 34.85 24.85 26.89
CA ASP C 65 34.93 25.88 27.93
C ASP C 65 34.01 27.07 27.63
N LYS C 66 33.20 26.92 26.58
CA LYS C 66 32.21 27.93 26.21
C LYS C 66 30.80 27.47 26.56
N VAL C 67 30.57 26.16 26.56
CA VAL C 67 29.25 25.64 26.86
C VAL C 67 29.13 25.57 28.38
N PRO C 68 28.02 26.05 28.96
CA PRO C 68 27.84 25.83 30.40
C PRO C 68 27.98 24.35 30.78
N ALA C 69 28.57 24.10 31.95
CA ALA C 69 28.87 22.75 32.36
C ALA C 69 27.58 21.93 32.54
N ALA C 70 27.70 20.62 32.42
CA ALA C 70 26.58 19.71 32.60
C ALA C 70 26.18 19.70 34.07
N ASN C 71 24.88 19.83 34.37
CA ASN C 71 24.40 19.70 35.74
C ASN C 71 24.37 18.24 36.22
N GLU C 72 24.04 18.05 37.51
CA GLU C 72 23.96 16.72 38.11
C GLU C 72 23.09 15.79 37.29
N ARG C 73 21.92 16.27 36.85
CA ARG C 73 20.97 15.43 36.13
C ARG C 73 21.55 14.89 34.84
N GLU C 74 22.17 15.77 34.09
CA GLU C 74 22.78 15.42 32.83
C GLU C 74 23.90 14.41 33.07
N ILE C 75 24.68 14.66 34.11
CA ILE C 75 25.78 13.75 34.46
C ILE C 75 25.22 12.37 34.78
N GLY C 76 24.23 12.31 35.69
CA GLY C 76 23.50 11.07 35.91
C GLY C 76 23.00 10.41 34.62
N MET C 77 22.26 11.13 33.77
CA MET C 77 21.72 10.52 32.55
C MET C 77 22.82 10.02 31.60
N LEU C 78 23.95 10.73 31.55
CA LEU C 78 25.06 10.39 30.65
C LEU C 78 25.67 9.01 30.99
N GLU C 79 25.55 8.61 32.26
CA GLU C 79 26.07 7.30 32.70
C GLU C 79 25.60 6.16 31.79
N SER C 80 24.42 6.29 31.23
CA SER C 80 23.81 5.21 30.46
C SER C 80 23.74 5.46 28.96
N VAL C 81 24.62 6.31 28.42
CA VAL C 81 24.69 6.39 26.96
C VAL C 81 25.22 5.05 26.46
N THR C 82 24.72 4.64 25.30
CA THR C 82 25.10 3.39 24.69
C THR C 82 26.36 3.44 23.82
N ALA C 83 26.72 4.58 23.26
CA ALA C 83 28.05 4.71 22.63
C ALA C 83 29.05 5.06 23.72
N GLU C 84 30.34 5.05 23.37
CA GLU C 84 31.39 5.29 24.35
C GLU C 84 31.18 6.64 25.06
N LEU C 85 31.16 6.62 26.39
CA LEU C 85 31.11 7.85 27.15
C LEU C 85 32.51 8.42 27.12
N LYS C 86 32.58 9.71 26.87
CA LYS C 86 33.87 10.39 26.75
C LYS C 86 33.87 11.65 27.60
N PRO C 87 35.05 12.20 27.87
CA PRO C 87 35.12 13.43 28.66
C PRO C 87 34.29 14.56 28.06
N ASN C 88 34.21 14.62 26.73
CA ASN C 88 33.39 15.65 26.09
C ASN C 88 31.97 15.21 25.69
N SER C 89 31.50 14.08 26.21
CA SER C 89 30.10 13.68 26.01
C SER C 89 29.16 14.67 26.68
N ARG C 90 28.16 15.10 25.92
CA ARG C 90 27.03 15.89 26.42
C ARG C 90 25.70 15.37 25.85
N LEU C 91 24.62 15.71 26.53
CA LEU C 91 23.31 15.53 25.95
C LEU C 91 23.00 16.80 25.24
N CYS C 92 22.80 16.71 23.95
CA CYS C 92 22.65 17.93 23.21
C CYS C 92 21.31 18.66 23.46
N CYS C 93 20.33 17.97 24.03
CA CYS C 93 19.12 18.63 24.47
C CYS C 93 19.42 19.58 25.61
N GLN C 94 20.55 19.37 26.27
CA GLN C 94 20.93 20.25 27.38
C GLN C 94 21.85 21.39 26.94
N ILE C 95 22.28 21.38 25.68
CA ILE C 95 23.07 22.49 25.13
C ILE C 95 22.13 23.48 24.38
N ILE C 96 22.01 24.67 24.94
CA ILE C 96 21.10 25.69 24.46
C ILE C 96 21.90 26.68 23.67
N MET C 97 21.52 26.88 22.40
CA MET C 97 22.29 27.76 21.52
C MET C 97 22.25 29.18 22.02
N THR C 98 23.40 29.86 21.93
CA THR C 98 23.52 31.30 22.17
C THR C 98 24.58 31.81 21.19
N PRO C 99 24.61 33.14 20.93
CA PRO C 99 25.65 33.67 20.03
C PRO C 99 27.09 33.32 20.46
N GLU C 100 27.37 33.18 21.75
CA GLU C 100 28.72 32.79 22.15
C GLU C 100 29.18 31.45 21.51
N LEU C 101 28.23 30.59 21.17
CA LEU C 101 28.54 29.24 20.66
C LEU C 101 28.57 29.11 19.14
N ASP C 102 28.37 30.21 18.43
CA ASP C 102 28.40 30.21 16.97
C ASP C 102 29.63 29.46 16.48
N GLY C 103 29.43 28.45 15.64
CA GLY C 103 30.54 27.70 15.10
C GLY C 103 30.71 26.35 15.79
N ILE C 104 29.96 26.15 16.87
CA ILE C 104 30.13 24.96 17.68
C ILE C 104 30.00 23.70 16.83
N VAL C 105 31.00 22.84 16.95
CA VAL C 105 31.03 21.56 16.27
C VAL C 105 30.73 20.44 17.26
N VAL C 106 29.77 19.59 16.93
CA VAL C 106 29.55 18.37 17.70
C VAL C 106 29.61 17.14 16.82
N ASP C 107 30.21 16.09 17.37
CA ASP C 107 30.25 14.79 16.71
C ASP C 107 29.19 13.87 17.25
N VAL C 108 28.49 13.19 16.34
CA VAL C 108 27.37 12.34 16.70
C VAL C 108 27.82 10.87 16.68
N PRO C 109 27.64 10.13 17.78
CA PRO C 109 28.09 8.73 17.83
C PRO C 109 27.31 7.86 16.87
N ASP C 110 27.72 6.62 16.69
CA ASP C 110 27.05 5.75 15.72
C ASP C 110 25.77 5.11 16.26
N ARG C 111 25.50 5.28 17.55
CA ARG C 111 24.25 4.78 18.14
C ARG C 111 23.75 5.72 19.27
N GLN C 112 22.44 5.69 19.51
CA GLN C 112 21.76 6.38 20.59
C GLN C 112 20.98 5.39 21.44
N TRP C 113 20.24 4.49 20.79
CA TRP C 113 19.51 3.50 21.53
C TRP C 113 20.46 2.43 22.06
N SER D 8 -46.04 -17.21 35.81
CA SER D 8 -47.15 -18.19 35.62
C SER D 8 -46.96 -19.48 36.39
N LYS D 9 -48.05 -20.17 36.68
CA LYS D 9 -48.03 -21.40 37.48
C LYS D 9 -48.23 -22.65 36.61
N VAL D 10 -47.54 -23.71 36.98
CA VAL D 10 -47.80 -25.04 36.40
C VAL D 10 -47.96 -26.04 37.55
N VAL D 11 -49.01 -26.84 37.46
CA VAL D 11 -49.27 -27.87 38.45
C VAL D 11 -48.91 -29.24 37.85
N TYR D 12 -47.95 -29.92 38.48
CA TYR D 12 -47.54 -31.28 38.10
C TYR D 12 -48.12 -32.27 39.07
N VAL D 13 -48.91 -33.21 38.55
CA VAL D 13 -49.61 -34.18 39.37
C VAL D 13 -48.97 -35.55 39.16
N SER D 14 -48.27 -36.03 40.18
CA SER D 14 -47.56 -37.27 40.04
C SER D 14 -48.54 -38.44 40.00
N HIS D 15 -48.02 -39.61 39.62
CA HIS D 15 -48.85 -40.77 39.40
C HIS D 15 -49.68 -41.06 40.64
N ASP D 16 -49.09 -40.77 41.81
CA ASP D 16 -49.73 -41.03 43.11
C ASP D 16 -50.71 -39.92 43.57
N GLY D 17 -50.92 -38.91 42.73
CA GLY D 17 -51.86 -37.87 43.08
C GLY D 17 -51.21 -36.77 43.91
N THR D 18 -49.93 -36.91 44.19
CA THR D 18 -49.21 -35.81 44.84
C THR D 18 -49.03 -34.69 43.81
N ARG D 19 -49.16 -33.45 44.28
CA ARG D 19 -49.23 -32.27 43.43
C ARG D 19 -48.11 -31.31 43.77
N ARG D 20 -47.44 -30.81 42.73
CA ARG D 20 -46.42 -29.78 42.89
C ARG D 20 -46.70 -28.64 41.94
N GLU D 21 -46.88 -27.44 42.49
CA GLU D 21 -47.12 -26.24 41.70
C GLU D 21 -45.81 -25.49 41.54
N LEU D 22 -45.39 -25.25 40.31
CA LEU D 22 -44.15 -24.50 40.05
C LEU D 22 -44.40 -23.13 39.43
N ASP D 23 -43.50 -22.19 39.71
CA ASP D 23 -43.46 -20.90 39.01
C ASP D 23 -42.59 -21.09 37.79
N VAL D 24 -43.14 -20.78 36.62
CA VAL D 24 -42.44 -21.03 35.36
C VAL D 24 -42.46 -19.79 34.51
N ALA D 25 -41.29 -19.33 34.08
CA ALA D 25 -41.20 -18.14 33.24
C ALA D 25 -41.68 -18.43 31.85
N CYS D 26 -42.23 -17.40 31.22
CA CYS D 26 -42.55 -17.38 29.82
C CYS D 26 -41.34 -17.87 29.01
N GLY D 27 -41.56 -18.77 28.04
CA GLY D 27 -40.52 -19.22 27.13
C GLY D 27 -39.79 -20.48 27.56
N VAL D 28 -39.92 -20.82 28.84
CA VAL D 28 -39.40 -22.06 29.40
C VAL D 28 -40.36 -23.23 29.18
N SER D 29 -39.82 -24.38 28.80
CA SER D 29 -40.64 -25.59 28.62
C SER D 29 -40.99 -26.23 29.95
N LEU D 30 -42.09 -26.96 29.97
CA LEU D 30 -42.55 -27.59 31.18
C LEU D 30 -41.59 -28.70 31.63
N MET D 31 -40.91 -29.32 30.67
CA MET D 31 -39.82 -30.22 31.00
C MET D 31 -38.71 -29.52 31.80
N GLN D 32 -38.21 -28.40 31.27
CA GLN D 32 -37.15 -27.65 31.93
C GLN D 32 -37.52 -27.31 33.38
N ALA D 33 -38.73 -26.81 33.59
CA ALA D 33 -39.12 -26.38 34.94
C ALA D 33 -39.17 -27.59 35.87
N ALA D 34 -39.66 -28.71 35.36
CA ALA D 34 -39.74 -29.93 36.16
C ALA D 34 -38.34 -30.38 36.56
N VAL D 35 -37.45 -30.45 35.57
CA VAL D 35 -36.10 -30.97 35.83
C VAL D 35 -35.30 -29.98 36.71
N SER D 36 -35.57 -28.69 36.58
CA SER D 36 -34.93 -27.67 37.41
C SER D 36 -35.41 -27.67 38.86
N ASN D 37 -36.51 -28.37 39.14
CA ASN D 37 -37.15 -28.26 40.45
C ASN D 37 -37.42 -29.57 41.14
N GLY D 38 -36.79 -30.65 40.70
CA GLY D 38 -36.86 -31.90 41.43
C GLY D 38 -38.11 -32.72 41.14
N ILE D 39 -38.70 -32.52 39.97
CA ILE D 39 -39.85 -33.32 39.56
C ILE D 39 -39.20 -34.50 38.83
N TYR D 40 -38.70 -35.47 39.62
CA TYR D 40 -37.87 -36.54 39.08
C TYR D 40 -38.65 -37.49 38.15
N ASP D 41 -39.99 -37.50 38.28
CA ASP D 41 -40.83 -38.37 37.44
C ASP D 41 -40.93 -37.85 35.99
N ILE D 42 -40.31 -36.71 35.75
CA ILE D 42 -39.99 -36.25 34.41
C ILE D 42 -38.48 -36.28 34.26
N VAL D 43 -37.98 -37.06 33.29
CA VAL D 43 -36.53 -37.25 33.14
C VAL D 43 -35.88 -36.22 32.24
N GLY D 44 -36.43 -36.07 31.04
CA GLY D 44 -35.93 -35.07 30.11
C GLY D 44 -34.57 -35.40 29.52
N ASP D 45 -34.39 -36.68 29.19
CA ASP D 45 -33.05 -37.21 28.89
C ASP D 45 -32.33 -36.53 27.73
N CYS D 46 -33.06 -36.16 26.68
CA CYS D 46 -32.45 -35.57 25.48
C CYS D 46 -32.25 -34.07 25.61
N GLY D 47 -32.84 -33.48 26.64
CA GLY D 47 -32.68 -32.06 26.86
C GLY D 47 -33.66 -31.21 26.10
N GLY D 48 -34.68 -31.84 25.54
CA GLY D 48 -35.85 -31.11 25.06
C GLY D 48 -36.02 -30.93 23.56
N SER D 49 -35.48 -31.84 22.76
CA SER D 49 -35.64 -31.77 21.29
C SER D 49 -36.58 -32.86 20.72
N ALA D 50 -37.51 -33.37 21.54
CA ALA D 50 -38.40 -34.45 21.12
C ALA D 50 -37.61 -35.64 20.51
N SER D 51 -36.58 -36.09 21.24
CA SER D 51 -35.68 -37.13 20.77
C SER D 51 -35.65 -38.38 21.65
N CYS D 52 -36.29 -38.32 22.82
CA CYS D 52 -36.17 -39.42 23.79
C CYS D 52 -37.47 -39.89 24.42
N ALA D 53 -38.50 -39.04 24.40
CA ALA D 53 -39.84 -39.34 24.99
C ALA D 53 -39.83 -39.63 26.51
N THR D 54 -38.91 -39.03 27.24
CA THR D 54 -38.84 -39.23 28.70
C THR D 54 -39.39 -38.02 29.48
N CYS D 55 -40.13 -37.17 28.78
CA CYS D 55 -40.80 -36.02 29.38
C CYS D 55 -42.34 -36.05 29.14
N HIS D 56 -42.84 -37.26 28.90
CA HIS D 56 -44.25 -37.52 28.64
C HIS D 56 -45.12 -37.03 29.81
N VAL D 57 -46.20 -36.31 29.48
CA VAL D 57 -47.23 -35.91 30.45
C VAL D 57 -48.62 -36.00 29.81
N TYR D 58 -49.66 -36.02 30.65
CA TYR D 58 -51.02 -35.95 30.16
C TYR D 58 -51.53 -34.53 30.46
N VAL D 59 -51.95 -33.83 29.43
CA VAL D 59 -52.41 -32.46 29.58
C VAL D 59 -53.86 -32.53 29.95
N ASN D 60 -54.21 -31.90 31.07
CA ASN D 60 -55.56 -31.90 31.58
C ASN D 60 -56.49 -31.25 30.57
N GLU D 61 -57.71 -31.77 30.46
CA GLU D 61 -58.63 -31.42 29.37
C GLU D 61 -59.03 -29.95 29.30
N ALA D 62 -59.02 -29.28 30.45
CA ALA D 62 -59.36 -27.86 30.52
C ALA D 62 -58.32 -26.97 29.84
N PHE D 63 -57.15 -27.53 29.55
CA PHE D 63 -56.08 -26.73 28.98
C PHE D 63 -55.67 -27.18 27.58
N THR D 64 -56.33 -28.19 27.03
CA THR D 64 -55.83 -28.78 25.78
C THR D 64 -56.06 -27.89 24.57
N ASP D 65 -57.10 -27.06 24.62
CA ASP D 65 -57.34 -26.11 23.55
C ASP D 65 -56.44 -24.88 23.69
N LYS D 66 -55.77 -24.75 24.84
CA LYS D 66 -54.92 -23.59 25.07
C LYS D 66 -53.51 -23.84 24.56
N VAL D 67 -53.13 -25.11 24.51
CA VAL D 67 -51.76 -25.47 24.11
C VAL D 67 -51.68 -25.59 22.58
N PRO D 68 -50.63 -25.01 21.97
CA PRO D 68 -50.40 -25.21 20.53
C PRO D 68 -50.29 -26.70 20.21
N ALA D 69 -50.86 -27.13 19.08
CA ALA D 69 -50.91 -28.55 18.75
C ALA D 69 -49.53 -29.15 18.52
N ALA D 70 -49.36 -30.41 18.94
CA ALA D 70 -48.10 -31.12 18.77
C ALA D 70 -47.73 -31.16 17.30
N ASN D 71 -46.45 -30.93 16.97
CA ASN D 71 -46.03 -30.98 15.55
C ASN D 71 -45.70 -32.40 15.13
N GLU D 72 -45.32 -32.58 13.87
CA GLU D 72 -45.09 -33.93 13.35
C GLU D 72 -44.03 -34.67 14.15
N ARG D 73 -42.94 -33.98 14.47
CA ARG D 73 -41.85 -34.62 15.21
C ARG D 73 -42.32 -35.09 16.56
N GLU D 74 -43.04 -34.26 17.31
CA GLU D 74 -43.52 -34.67 18.64
C GLU D 74 -44.45 -35.89 18.52
N ILE D 75 -45.40 -35.80 17.58
CA ILE D 75 -46.34 -36.88 17.29
C ILE D 75 -45.61 -38.18 16.99
N GLY D 76 -44.62 -38.11 16.11
CA GLY D 76 -43.75 -39.25 15.85
C GLY D 76 -43.06 -39.74 17.12
N MET D 77 -42.56 -38.83 17.96
CA MET D 77 -41.78 -39.25 19.11
C MET D 77 -42.68 -39.84 20.20
N LEU D 78 -43.89 -39.31 20.32
CA LEU D 78 -44.88 -39.79 21.28
C LEU D 78 -45.22 -41.26 21.06
N GLU D 79 -45.28 -41.67 19.78
CA GLU D 79 -45.60 -43.04 19.41
C GLU D 79 -44.81 -44.07 20.21
N SER D 80 -43.62 -43.68 20.70
CA SER D 80 -42.77 -44.60 21.47
C SER D 80 -42.71 -44.34 22.99
N VAL D 81 -43.67 -43.61 23.55
CA VAL D 81 -43.74 -43.50 25.01
C VAL D 81 -43.94 -44.87 25.61
N THR D 82 -43.41 -45.10 26.81
CA THR D 82 -43.49 -46.44 27.38
C THR D 82 -44.72 -46.62 28.25
N ALA D 83 -45.24 -45.53 28.78
CA ALA D 83 -46.51 -45.59 29.50
C ALA D 83 -47.64 -45.43 28.48
N GLU D 84 -48.87 -45.60 28.93
CA GLU D 84 -50.03 -45.51 28.05
C GLU D 84 -50.01 -44.23 27.23
N LEU D 85 -50.15 -44.36 25.92
CA LEU D 85 -50.30 -43.20 25.05
C LEU D 85 -51.79 -42.85 24.97
N LYS D 86 -52.16 -41.66 25.45
CA LYS D 86 -53.56 -41.20 25.39
C LYS D 86 -53.71 -39.99 24.46
N PRO D 87 -54.96 -39.67 24.10
CA PRO D 87 -55.20 -38.49 23.24
C PRO D 87 -54.61 -37.19 23.77
N ASN D 88 -54.53 -37.01 25.09
CA ASN D 88 -53.94 -35.80 25.64
C ASN D 88 -52.43 -35.93 26.00
N SER D 89 -51.80 -37.02 25.56
CA SER D 89 -50.36 -37.19 25.76
C SER D 89 -49.58 -36.07 25.07
N ARG D 90 -48.59 -35.54 25.75
CA ARG D 90 -47.68 -34.58 25.16
C ARG D 90 -46.26 -34.79 25.68
N LEU D 91 -45.27 -34.42 24.88
CA LEU D 91 -43.93 -34.23 25.39
C LEU D 91 -43.87 -32.84 26.00
N CYS D 92 -43.65 -32.76 27.31
CA CYS D 92 -43.71 -31.46 27.96
C CYS D 92 -42.51 -30.57 27.63
N CYS D 93 -41.47 -31.14 27.03
CA CYS D 93 -40.36 -30.32 26.53
C CYS D 93 -40.82 -29.53 25.30
N GLN D 94 -41.97 -29.93 24.74
CA GLN D 94 -42.57 -29.21 23.63
C GLN D 94 -43.67 -28.21 24.03
N ILE D 95 -44.07 -28.20 25.31
CA ILE D 95 -45.01 -27.21 25.85
C ILE D 95 -44.25 -26.02 26.45
N ILE D 96 -44.22 -24.89 25.74
CA ILE D 96 -43.48 -23.70 26.13
C ILE D 96 -44.41 -22.74 26.91
N MET D 97 -44.00 -22.36 28.11
CA MET D 97 -44.88 -21.59 28.99
C MET D 97 -45.16 -20.21 28.43
N THR D 98 -46.39 -19.76 28.61
CA THR D 98 -46.83 -18.43 28.26
C THR D 98 -47.83 -18.00 29.32
N PRO D 99 -48.09 -16.70 29.44
CA PRO D 99 -49.09 -16.27 30.45
C PRO D 99 -50.47 -16.95 30.23
N GLU D 100 -50.77 -17.21 28.96
CA GLU D 100 -51.99 -17.85 28.49
C GLU D 100 -52.16 -19.30 29.05
N LEU D 101 -51.05 -19.94 29.45
CA LEU D 101 -51.12 -21.28 30.02
C LEU D 101 -51.14 -21.28 31.54
N ASP D 102 -51.30 -20.10 32.14
CA ASP D 102 -51.18 -19.99 33.59
C ASP D 102 -52.10 -20.98 34.31
N GLY D 103 -51.52 -21.83 35.14
CA GLY D 103 -52.31 -22.75 35.94
C GLY D 103 -52.54 -24.09 35.28
N ILE D 104 -51.85 -24.32 34.16
CA ILE D 104 -52.02 -25.57 33.43
C ILE D 104 -51.66 -26.74 34.32
N VAL D 105 -52.48 -27.78 34.29
CA VAL D 105 -52.29 -28.97 35.09
C VAL D 105 -51.89 -30.10 34.15
N VAL D 106 -50.78 -30.74 34.45
CA VAL D 106 -50.40 -31.94 33.70
C VAL D 106 -50.27 -33.10 34.67
N ASP D 107 -50.64 -34.29 34.21
CA ASP D 107 -50.41 -35.52 34.96
C ASP D 107 -49.20 -36.25 34.40
N VAL D 108 -48.31 -36.70 35.28
CA VAL D 108 -47.08 -37.35 34.90
C VAL D 108 -47.26 -38.86 35.04
N PRO D 109 -46.96 -39.63 33.99
CA PRO D 109 -47.17 -41.09 34.04
C PRO D 109 -46.23 -41.76 35.04
N ASP D 110 -46.37 -43.06 35.26
CA ASP D 110 -45.58 -43.74 36.28
C ASP D 110 -44.21 -44.17 35.77
N ARG D 111 -44.01 -44.07 34.46
CA ARG D 111 -42.73 -44.37 33.83
C ARG D 111 -42.42 -43.43 32.64
N GLN D 112 -41.14 -43.25 32.38
CA GLN D 112 -40.68 -42.52 31.23
C GLN D 112 -39.78 -43.40 30.38
N TRP D 113 -38.93 -44.18 31.03
CA TRP D 113 -37.99 -45.05 30.32
C TRP D 113 -38.66 -46.35 29.88
N ASN E 11 -1.56 29.96 -6.95
CA ASN E 11 -0.72 28.76 -6.85
C ASN E 11 0.65 29.05 -6.21
N LEU E 12 0.65 29.67 -5.02
CA LEU E 12 1.92 30.05 -4.37
C LEU E 12 2.37 28.99 -3.38
N ALA E 13 3.68 28.75 -3.35
CA ALA E 13 4.27 27.77 -2.44
C ALA E 13 4.60 28.42 -1.10
N PRO E 14 4.37 27.68 0.01
CA PRO E 14 4.64 28.33 1.29
C PRO E 14 6.12 28.69 1.44
N LEU E 15 6.38 29.85 2.03
CA LEU E 15 7.74 30.40 2.16
C LEU E 15 8.62 29.42 2.96
N PRO E 16 9.81 29.07 2.43
CA PRO E 16 10.63 28.20 3.27
C PRO E 16 11.20 28.98 4.45
N PRO E 17 11.58 28.31 5.54
CA PRO E 17 12.01 29.04 6.75
C PRO E 17 13.26 29.89 6.54
N HIS E 18 14.08 29.57 5.54
CA HIS E 18 15.34 30.29 5.40
C HIS E 18 15.21 31.53 4.52
N VAL E 19 14.03 31.74 3.95
CA VAL E 19 13.82 32.90 3.07
C VAL E 19 13.14 34.00 3.85
N PRO E 20 13.83 35.15 4.01
CA PRO E 20 13.24 36.25 4.77
C PRO E 20 12.19 37.03 3.98
N GLU E 21 11.20 37.57 4.67
CA GLU E 21 10.08 38.25 4.00
C GLU E 21 10.46 39.40 3.05
N HIS E 22 11.50 40.17 3.36
CA HIS E 22 11.89 41.32 2.53
C HIS E 22 12.42 40.94 1.14
N LEU E 23 12.76 39.67 0.92
CA LEU E 23 13.24 39.23 -0.40
C LEU E 23 12.11 38.63 -1.26
N VAL E 24 10.92 38.46 -0.69
CA VAL E 24 9.82 37.85 -1.42
C VAL E 24 9.31 38.86 -2.46
N PHE E 25 9.16 38.39 -3.69
CA PHE E 25 8.66 39.15 -4.82
C PHE E 25 8.02 38.08 -5.69
N ASP E 26 6.71 38.11 -5.78
CA ASP E 26 6.01 36.97 -6.42
C ASP E 26 5.83 37.24 -7.90
N PHE E 27 6.85 36.86 -8.62
CA PHE E 27 6.89 36.98 -10.05
C PHE E 27 6.63 35.58 -10.59
N ASP E 28 5.70 35.48 -11.54
CA ASP E 28 5.39 34.22 -12.21
C ASP E 28 5.97 34.26 -13.62
N MET E 29 7.07 33.51 -13.82
CA MET E 29 7.81 33.56 -15.10
C MET E 29 6.98 33.02 -16.29
N TYR E 30 5.90 32.32 -16.00
CA TYR E 30 5.03 31.80 -17.04
C TYR E 30 3.79 32.68 -17.27
N ASN E 31 3.53 33.61 -16.37
CA ASN E 31 2.47 34.61 -16.60
C ASN E 31 2.77 35.91 -15.87
N PRO E 32 3.77 36.63 -16.35
CA PRO E 32 4.12 37.83 -15.58
C PRO E 32 3.00 38.87 -15.72
N SER E 33 2.74 39.59 -14.64
CA SER E 33 1.58 40.47 -14.61
C SER E 33 1.55 41.53 -15.71
N ASN E 34 2.71 42.04 -16.11
CA ASN E 34 2.74 43.16 -17.06
C ASN E 34 2.98 42.69 -18.49
N LEU E 35 2.59 41.46 -18.77
CA LEU E 35 2.84 40.87 -20.08
C LEU E 35 2.27 41.69 -21.23
N SER E 36 1.16 42.37 -20.99
CA SER E 36 0.53 43.11 -22.09
C SER E 36 1.44 44.26 -22.58
N ALA E 37 2.32 44.73 -21.71
CA ALA E 37 3.31 45.76 -22.09
C ALA E 37 4.35 45.21 -23.05
N GLY E 38 4.47 43.88 -23.12
CA GLY E 38 5.54 43.21 -23.81
C GLY E 38 6.37 42.39 -22.83
N VAL E 39 6.89 41.26 -23.27
CA VAL E 39 7.38 40.28 -22.30
C VAL E 39 8.69 40.79 -21.66
N GLN E 40 9.53 41.47 -22.43
CA GLN E 40 10.75 42.05 -21.83
C GLN E 40 10.37 43.10 -20.76
N GLU E 41 9.41 43.94 -21.10
CA GLU E 41 8.91 44.93 -20.16
C GLU E 41 8.40 44.24 -18.90
N ALA E 42 7.64 43.16 -19.09
CA ALA E 42 7.07 42.40 -17.98
C ALA E 42 8.13 41.87 -17.03
N TRP E 43 9.20 41.34 -17.59
CA TRP E 43 10.35 40.91 -16.78
C TRP E 43 11.10 42.07 -16.14
N ALA E 44 11.13 43.21 -16.81
CA ALA E 44 11.84 44.37 -16.31
C ALA E 44 11.23 44.92 -15.01
N VAL E 45 10.02 44.48 -14.65
CA VAL E 45 9.50 44.84 -13.33
C VAL E 45 10.46 44.37 -12.22
N LEU E 46 11.27 43.34 -12.49
CA LEU E 46 12.21 42.81 -11.52
C LEU E 46 13.36 43.81 -11.24
N GLN E 47 13.46 44.82 -12.09
CA GLN E 47 14.53 45.83 -12.00
C GLN E 47 14.04 47.24 -11.63
N GLU E 48 12.81 47.37 -11.16
CA GLU E 48 12.32 48.67 -10.73
C GLU E 48 13.07 49.08 -9.45
N SER E 49 13.08 50.37 -9.13
CA SER E 49 14.14 50.96 -8.28
C SER E 49 14.50 50.31 -6.92
N ASN E 50 13.50 49.87 -6.15
CA ASN E 50 13.79 49.27 -4.83
C ASN E 50 13.81 47.73 -4.77
N VAL E 51 13.70 47.04 -5.90
CA VAL E 51 13.70 45.58 -5.87
C VAL E 51 15.13 45.06 -5.66
N PRO E 52 15.33 44.15 -4.71
CA PRO E 52 16.67 43.60 -4.45
C PRO E 52 17.35 42.97 -5.67
N ASP E 53 18.66 42.78 -5.61
CA ASP E 53 19.39 42.13 -6.70
C ASP E 53 19.00 40.64 -6.80
N LEU E 54 18.49 40.08 -5.70
CA LEU E 54 18.19 38.65 -5.64
C LEU E 54 16.92 38.45 -4.82
N VAL E 55 15.87 37.95 -5.45
CA VAL E 55 14.61 37.78 -4.76
C VAL E 55 14.15 36.33 -4.77
N TRP E 56 13.17 36.04 -3.93
CA TRP E 56 12.50 34.74 -3.91
C TRP E 56 11.07 34.92 -4.37
N THR E 57 10.65 34.15 -5.37
CA THR E 57 9.24 34.10 -5.70
C THR E 57 8.61 32.84 -5.16
N ARG E 58 7.36 32.93 -4.71
CA ARG E 58 6.61 31.77 -4.31
C ARG E 58 5.93 31.05 -5.48
N SER E 59 6.00 31.62 -6.68
CA SER E 59 5.42 30.98 -7.84
C SER E 59 6.25 29.77 -8.32
N ASN E 60 5.56 28.89 -9.06
CA ASN E 60 6.20 27.82 -9.80
C ASN E 60 7.05 26.93 -8.89
N GLY E 61 6.52 26.66 -7.70
CA GLY E 61 7.20 25.83 -6.71
C GLY E 61 8.11 26.57 -5.75
N GLY E 62 8.43 27.84 -6.00
CA GLY E 62 9.35 28.57 -5.13
C GLY E 62 10.79 28.54 -5.67
N HIS E 63 11.37 29.72 -5.89
CA HIS E 63 12.74 29.76 -6.41
C HIS E 63 13.27 31.18 -6.37
N TRP E 64 14.60 31.28 -6.30
CA TRP E 64 15.33 32.52 -6.38
C TRP E 64 15.30 33.06 -7.81
N ILE E 65 15.49 34.37 -7.92
CA ILE E 65 15.70 35.04 -9.22
C ILE E 65 16.78 36.05 -9.01
N ALA E 66 17.86 35.94 -9.76
CA ALA E 66 18.85 36.99 -9.83
C ALA E 66 18.34 38.06 -10.80
N THR E 67 18.36 39.34 -10.42
CA THR E 67 17.66 40.37 -11.19
C THR E 67 18.58 41.32 -11.93
N ARG E 68 19.88 41.20 -11.69
CA ARG E 68 20.87 42.12 -12.24
C ARG E 68 21.96 41.37 -13.00
N GLY E 69 22.49 42.04 -14.02
CA GLY E 69 23.53 41.48 -14.88
C GLY E 69 24.72 40.95 -14.14
N GLN E 70 25.24 41.75 -13.20
CA GLN E 70 26.37 41.35 -12.37
C GLN E 70 26.19 39.98 -11.66
N LEU E 71 25.07 39.77 -10.97
CA LEU E 71 24.87 38.48 -10.30
C LEU E 71 24.66 37.34 -11.28
N ILE E 72 23.91 37.61 -12.34
CA ILE E 72 23.59 36.61 -13.34
C ILE E 72 24.90 36.08 -13.94
N ARG E 73 25.76 36.99 -14.39
CA ARG E 73 27.10 36.60 -14.87
C ARG E 73 27.90 35.84 -13.84
N GLU E 74 27.93 36.37 -12.62
CA GLU E 74 28.73 35.73 -11.57
C GLU E 74 28.32 34.29 -11.29
N ALA E 75 27.02 34.04 -11.25
CA ALA E 75 26.54 32.71 -10.94
C ALA E 75 26.80 31.75 -12.09
N TYR E 76 26.67 32.23 -13.33
CA TYR E 76 26.92 31.38 -14.48
C TYR E 76 28.40 30.99 -14.63
N GLU E 77 29.29 31.77 -14.00
CA GLU E 77 30.73 31.49 -13.99
C GLU E 77 31.13 30.52 -12.86
N ASP E 78 30.20 30.16 -12.01
CA ASP E 78 30.50 29.30 -10.84
C ASP E 78 29.69 27.99 -10.83
N TYR E 79 30.07 27.02 -11.66
CA TYR E 79 29.26 25.82 -11.78
C TYR E 79 29.35 24.94 -10.52
N ARG E 80 30.39 25.12 -9.70
CA ARG E 80 30.52 24.33 -8.48
C ARG E 80 29.41 24.62 -7.47
N HIS E 81 28.97 25.88 -7.39
CA HIS E 81 27.81 26.23 -6.55
C HIS E 81 26.51 26.15 -7.31
N PHE E 82 26.51 26.62 -8.56
CA PHE E 82 25.29 26.69 -9.35
C PHE E 82 25.35 25.65 -10.46
N SER E 83 24.79 24.48 -10.16
CA SER E 83 24.82 23.34 -11.07
C SER E 83 23.69 23.36 -12.12
N SER E 84 24.00 22.78 -13.27
CA SER E 84 23.07 22.68 -14.37
C SER E 84 22.33 21.33 -14.32
N GLU E 85 22.48 20.61 -13.22
CA GLU E 85 21.77 19.34 -13.06
C GLU E 85 20.25 19.54 -13.13
N SER E 86 19.74 20.64 -12.54
CA SER E 86 18.33 21.02 -12.65
C SER E 86 18.22 22.46 -13.09
N PRO E 87 18.24 22.70 -14.41
CA PRO E 87 18.37 24.08 -14.91
C PRO E 87 17.05 24.74 -15.21
N PHE E 88 15.94 24.02 -15.07
CA PHE E 88 14.63 24.51 -15.47
C PHE E 88 13.66 24.62 -14.30
N ILE E 89 12.85 25.67 -14.34
CA ILE E 89 11.72 25.87 -13.41
C ILE E 89 10.39 25.74 -14.17
N PRO E 90 9.41 24.97 -13.62
CA PRO E 90 9.41 24.19 -12.38
C PRO E 90 10.32 23.00 -12.51
N ARG E 91 10.78 22.51 -11.37
CA ARG E 91 11.73 21.41 -11.31
C ARG E 91 11.29 20.21 -12.18
N GLU E 92 9.97 19.99 -12.23
CA GLU E 92 9.35 18.92 -13.02
C GLU E 92 9.72 18.99 -14.49
N ALA E 93 9.86 20.21 -15.02
CA ALA E 93 10.09 20.38 -16.47
C ALA E 93 11.39 19.76 -16.94
N GLY E 94 12.24 19.39 -15.99
CA GLY E 94 13.55 18.84 -16.31
C GLY E 94 13.64 17.35 -16.02
N GLU E 95 12.55 16.77 -15.50
CA GLU E 95 12.55 15.38 -15.04
C GLU E 95 12.96 14.41 -16.14
N ALA E 96 12.50 14.67 -17.35
CA ALA E 96 12.75 13.75 -18.47
C ALA E 96 13.69 14.38 -19.51
N TYR E 97 14.35 15.47 -19.14
CA TYR E 97 15.24 16.19 -20.04
C TYR E 97 16.63 15.61 -19.88
N ASP E 98 17.18 15.01 -20.94
CA ASP E 98 18.54 14.47 -20.88
C ASP E 98 19.38 14.84 -22.09
N PHE E 99 18.98 15.92 -22.77
CA PHE E 99 19.82 16.48 -23.82
C PHE E 99 21.28 16.83 -23.38
N ILE E 100 22.22 16.71 -24.31
CA ILE E 100 23.64 16.95 -24.05
C ILE E 100 24.04 18.21 -24.79
N PRO E 101 24.87 19.08 -24.17
CA PRO E 101 25.61 18.92 -22.91
C PRO E 101 25.09 19.77 -21.76
N THR E 102 23.83 20.18 -21.82
CA THR E 102 23.19 21.02 -20.81
C THR E 102 23.52 20.74 -19.34
N SER E 103 23.47 19.47 -18.94
CA SER E 103 23.59 19.10 -17.52
C SER E 103 25.03 18.75 -17.10
N MET E 104 25.96 18.75 -18.07
CA MET E 104 27.35 18.45 -17.84
C MET E 104 28.18 19.65 -17.44
N ASP E 105 29.19 19.37 -16.62
CA ASP E 105 30.23 20.32 -16.25
C ASP E 105 31.50 19.98 -17.03
N PRO E 106 32.41 20.95 -17.16
CA PRO E 106 33.76 20.59 -17.59
C PRO E 106 34.37 19.70 -16.52
N PRO E 107 35.34 18.86 -16.90
CA PRO E 107 35.89 18.78 -18.26
C PRO E 107 35.01 18.04 -19.28
N GLU E 108 34.06 17.25 -18.82
CA GLU E 108 33.28 16.48 -19.78
C GLU E 108 32.51 17.37 -20.76
N GLN E 109 31.76 18.36 -20.27
CA GLN E 109 31.00 19.20 -21.21
C GLN E 109 31.90 19.77 -22.29
N ARG E 110 33.14 20.08 -21.94
CA ARG E 110 34.05 20.67 -22.91
C ARG E 110 34.38 19.68 -24.01
N GLN E 111 34.36 18.39 -23.67
CA GLN E 111 34.56 17.36 -24.68
C GLN E 111 33.41 17.39 -25.69
N PHE E 112 32.19 17.50 -25.22
CA PHE E 112 31.07 17.46 -26.13
C PHE E 112 30.98 18.74 -26.94
N ARG E 113 31.38 19.83 -26.33
CA ARG E 113 31.42 21.10 -27.07
C ARG E 113 32.48 21.21 -28.20
N ALA E 114 33.58 20.54 -28.01
CA ALA E 114 34.61 20.45 -29.01
C ALA E 114 33.97 19.81 -30.24
N LEU E 115 33.25 18.72 -30.01
CA LEU E 115 32.61 18.02 -31.12
C LEU E 115 31.50 18.86 -31.77
N ALA E 116 30.65 19.46 -30.96
CA ALA E 116 29.60 20.34 -31.46
C ALA E 116 30.20 21.43 -32.34
N ASN E 117 31.36 21.93 -31.92
CA ASN E 117 31.98 23.03 -32.63
C ASN E 117 32.37 22.66 -34.05
N GLN E 118 32.55 21.36 -34.30
CA GLN E 118 32.87 20.88 -35.64
C GLN E 118 31.67 20.90 -36.53
N VAL E 119 30.46 20.94 -35.96
CA VAL E 119 29.28 20.96 -36.82
C VAL E 119 28.60 22.32 -36.92
N VAL E 120 28.81 23.23 -35.96
CA VAL E 120 28.16 24.54 -36.04
C VAL E 120 29.07 25.68 -35.64
N GLY E 121 30.37 25.42 -35.67
CA GLY E 121 31.37 26.44 -35.42
C GLY E 121 31.46 27.49 -36.51
N MET E 122 32.13 28.61 -36.22
CA MET E 122 32.15 29.74 -37.13
C MET E 122 32.58 29.35 -38.56
N PRO E 123 33.62 28.49 -38.71
CA PRO E 123 34.05 28.12 -40.06
C PRO E 123 32.96 27.39 -40.82
N VAL E 124 32.15 26.59 -40.13
CA VAL E 124 31.02 25.90 -40.76
C VAL E 124 29.95 26.91 -41.16
N VAL E 125 29.58 27.78 -40.24
CA VAL E 125 28.59 28.80 -40.55
C VAL E 125 29.10 29.60 -41.78
N ASP E 126 30.35 30.03 -41.75
CA ASP E 126 30.88 30.82 -42.86
C ASP E 126 30.64 30.12 -44.20
N LYS E 127 30.98 28.83 -44.34
CA LYS E 127 30.73 28.18 -45.63
C LYS E 127 29.27 27.82 -45.93
N LEU E 128 28.41 27.79 -44.92
CA LEU E 128 27.01 27.51 -45.16
C LEU E 128 26.21 28.78 -45.49
N GLU E 129 26.81 29.95 -45.26
CA GLU E 129 26.07 31.19 -45.39
C GLU E 129 25.35 31.33 -46.73
N ASN E 130 26.02 30.98 -47.81
CA ASN E 130 25.43 31.13 -49.15
C ASN E 130 24.15 30.33 -49.30
N ARG E 131 24.10 29.14 -48.69
CA ARG E 131 22.88 28.33 -48.73
C ARG E 131 21.82 28.91 -47.79
N ILE E 132 22.22 29.43 -46.65
CA ILE E 132 21.28 30.03 -45.71
C ILE E 132 20.63 31.20 -46.43
N GLN E 133 21.44 32.03 -47.09
CA GLN E 133 20.94 33.15 -47.90
C GLN E 133 20.00 32.68 -49.01
N GLU E 134 20.36 31.65 -49.77
CA GLU E 134 19.42 31.15 -50.77
C GLU E 134 18.13 30.65 -50.11
N LEU E 135 18.23 30.00 -48.96
CA LEU E 135 17.04 29.53 -48.28
C LEU E 135 16.14 30.71 -47.87
N ALA E 136 16.72 31.71 -47.24
CA ALA E 136 15.97 32.86 -46.79
C ALA E 136 15.29 33.54 -47.97
N SER E 137 16.01 33.69 -49.06
CA SER E 137 15.54 34.41 -50.23
C SER E 137 14.34 33.72 -50.88
N SER E 138 14.47 32.41 -51.05
CA SER E 138 13.40 31.58 -51.58
C SER E 138 12.12 31.76 -50.76
N LEU E 139 12.26 31.66 -49.45
CA LEU E 139 11.14 31.84 -48.54
C LEU E 139 10.52 33.21 -48.67
N ILE E 140 11.34 34.28 -48.66
CA ILE E 140 10.78 35.62 -48.72
C ILE E 140 10.17 35.91 -50.08
N GLU E 141 10.77 35.40 -51.14
CA GLU E 141 10.21 35.66 -52.48
C GLU E 141 8.86 34.99 -52.68
N SER E 142 8.65 33.83 -52.06
CA SER E 142 7.35 33.17 -52.21
C SER E 142 6.28 34.00 -51.53
N LEU E 143 6.67 34.78 -50.53
CA LEU E 143 5.72 35.55 -49.72
C LEU E 143 5.49 36.94 -50.32
N ARG E 144 6.55 37.52 -50.86
CA ARG E 144 6.56 38.94 -51.27
C ARG E 144 5.34 39.40 -52.08
N PRO E 145 4.97 38.65 -53.12
CA PRO E 145 3.83 39.11 -53.91
C PRO E 145 2.46 39.07 -53.17
N GLN E 146 2.36 38.45 -52.01
CA GLN E 146 1.05 38.19 -51.39
C GLN E 146 0.53 39.41 -50.65
N GLY E 147 1.45 40.27 -50.21
CA GLY E 147 1.10 41.50 -49.52
C GLY E 147 0.74 41.27 -48.06
N GLN E 148 0.98 40.05 -47.58
CA GLN E 148 0.67 39.70 -46.19
C GLN E 148 1.18 38.30 -45.86
N CYS E 149 1.46 38.08 -44.57
CA CYS E 149 1.75 36.75 -44.07
C CYS E 149 1.61 36.67 -42.54
N ASN E 150 1.68 35.47 -41.98
CA ASN E 150 1.93 35.33 -40.55
C ASN E 150 3.41 35.02 -40.47
N PHE E 151 4.20 36.02 -40.09
CA PHE E 151 5.64 35.89 -40.18
C PHE E 151 6.09 34.70 -39.37
N THR E 152 5.40 34.46 -38.26
CA THR E 152 5.81 33.42 -37.33
C THR E 152 5.77 32.05 -37.99
N GLU E 153 4.67 31.74 -38.66
CA GLU E 153 4.47 30.44 -39.29
C GLU E 153 5.04 30.32 -40.69
N ASP E 154 5.02 31.43 -41.44
CA ASP E 154 5.34 31.40 -42.86
C ASP E 154 6.83 31.65 -43.15
N TYR E 155 7.53 32.24 -42.19
CA TYR E 155 8.98 32.38 -42.31
C TYR E 155 9.72 31.90 -41.07
N ALA E 156 9.38 32.41 -39.89
CA ALA E 156 10.23 32.13 -38.70
C ALA E 156 10.39 30.64 -38.36
N GLU E 157 9.33 29.88 -38.53
CA GLU E 157 9.35 28.44 -38.28
C GLU E 157 10.05 27.66 -39.38
N PRO E 158 9.66 27.84 -40.64
CA PRO E 158 10.32 27.00 -41.65
C PRO E 158 11.81 27.26 -41.81
N PHE E 159 12.26 28.49 -41.55
CA PHE E 159 13.65 28.87 -41.82
C PHE E 159 14.68 28.05 -41.02
N PRO E 160 14.56 28.02 -39.69
CA PRO E 160 15.52 27.29 -38.87
C PRO E 160 15.42 25.75 -39.03
N ILE E 161 14.22 25.22 -39.19
CA ILE E 161 14.12 23.78 -39.40
C ILE E 161 14.73 23.35 -40.75
N ARG E 162 14.55 24.14 -41.80
CA ARG E 162 15.19 23.82 -43.07
C ARG E 162 16.72 23.97 -43.00
N ILE E 163 17.20 24.93 -42.24
CA ILE E 163 18.64 25.02 -42.01
C ILE E 163 19.14 23.74 -41.30
N PHE E 164 18.42 23.25 -40.31
CA PHE E 164 18.88 22.04 -39.63
C PHE E 164 18.91 20.82 -40.57
N MET E 165 17.89 20.64 -41.40
CA MET E 165 17.93 19.60 -42.44
C MET E 165 19.17 19.76 -43.32
N LEU E 166 19.52 20.98 -43.70
CA LEU E 166 20.72 21.20 -44.53
C LEU E 166 21.98 20.78 -43.77
N LEU E 167 22.09 21.24 -42.53
CA LEU E 167 23.20 20.89 -41.66
C LEU E 167 23.35 19.39 -41.47
N ALA E 168 22.22 18.75 -41.15
CA ALA E 168 22.18 17.35 -40.72
C ALA E 168 22.10 16.40 -41.89
N GLY E 169 22.01 16.96 -43.09
CA GLY E 169 21.90 16.15 -44.29
C GLY E 169 20.66 15.26 -44.32
N LEU E 170 19.52 15.81 -43.90
CA LEU E 170 18.26 15.06 -43.85
C LEU E 170 17.33 15.48 -44.96
N PRO E 171 16.45 14.56 -45.41
CA PRO E 171 15.53 14.88 -46.51
C PRO E 171 14.41 15.83 -46.10
N GLU E 172 14.09 16.71 -47.05
CA GLU E 172 13.03 17.71 -46.91
C GLU E 172 11.69 17.09 -46.52
N GLU E 173 11.43 15.89 -47.02
CA GLU E 173 10.14 15.24 -46.76
C GLU E 173 10.00 14.83 -45.30
N ASP E 174 11.09 14.88 -44.55
CA ASP E 174 11.04 14.57 -43.13
C ASP E 174 10.65 15.80 -42.33
N ILE E 175 10.49 16.95 -42.97
CA ILE E 175 10.25 18.14 -42.13
C ILE E 175 8.94 18.09 -41.34
N PRO E 176 7.81 17.72 -41.99
CA PRO E 176 6.55 17.61 -41.23
C PRO E 176 6.63 16.81 -39.93
N HIS E 177 7.32 15.68 -39.93
CA HIS E 177 7.40 14.81 -38.76
C HIS E 177 8.22 15.47 -37.67
N LEU E 178 9.35 16.04 -38.06
CA LEU E 178 10.24 16.71 -37.12
C LEU E 178 9.63 18.00 -36.57
N LYS E 179 8.91 18.73 -37.40
CA LYS E 179 8.16 19.86 -36.89
C LYS E 179 7.13 19.38 -35.87
N TYR E 180 6.46 18.28 -36.16
CA TYR E 180 5.43 17.77 -35.27
C TYR E 180 6.03 17.45 -33.91
N LEU E 181 7.15 16.75 -33.93
CA LEU E 181 7.73 16.25 -32.69
C LEU E 181 8.25 17.38 -31.80
N THR E 182 8.99 18.30 -32.41
CA THR E 182 9.59 19.37 -31.65
C THR E 182 8.52 20.31 -31.14
N ASP E 183 7.44 20.47 -31.92
CA ASP E 183 6.29 21.28 -31.49
C ASP E 183 5.65 20.64 -30.27
N GLN E 184 5.64 19.32 -30.20
CA GLN E 184 5.03 18.63 -29.07
C GLN E 184 5.83 18.90 -27.78
N MET E 185 7.15 19.08 -27.92
CA MET E 185 8.00 19.42 -26.79
C MET E 185 7.84 20.88 -26.36
N THR E 186 7.86 21.78 -27.34
CA THR E 186 7.97 23.20 -27.02
C THR E 186 6.61 23.90 -26.94
N ARG E 187 5.65 23.44 -27.71
CA ARG E 187 4.26 23.91 -27.56
C ARG E 187 3.32 22.70 -27.35
N PRO E 188 3.44 22.07 -26.17
CA PRO E 188 2.63 20.90 -25.77
C PRO E 188 1.19 21.03 -26.26
N ASP E 189 0.68 19.97 -26.88
CA ASP E 189 -0.63 19.90 -27.52
C ASP E 189 -1.70 19.35 -26.56
N GLY E 190 -1.22 18.74 -25.47
CA GLY E 190 -2.07 18.02 -24.54
C GLY E 190 -2.29 16.56 -24.93
N SER E 191 -1.59 16.11 -25.98
CA SER E 191 -1.78 14.75 -26.51
C SER E 191 -0.52 13.91 -26.40
N MET E 192 0.55 14.48 -25.85
CA MET E 192 1.85 13.81 -25.78
C MET E 192 2.67 14.47 -24.71
N THR E 193 3.36 13.68 -23.89
CA THR E 193 4.23 14.20 -22.85
C THR E 193 5.55 14.54 -23.50
N PHE E 194 6.29 15.47 -22.90
CA PHE E 194 7.62 15.80 -23.37
C PHE E 194 8.41 14.51 -23.50
N ALA E 195 8.39 13.70 -22.44
CA ALA E 195 9.11 12.42 -22.43
C ALA E 195 8.82 11.56 -23.67
N GLU E 196 7.57 11.50 -24.05
CA GLU E 196 7.20 10.72 -25.22
C GLU E 196 7.65 11.39 -26.50
N ALA E 197 7.50 12.71 -26.58
CA ALA E 197 7.95 13.45 -27.76
C ALA E 197 9.44 13.23 -27.99
N LYS E 198 10.19 13.38 -26.91
CA LYS E 198 11.62 13.18 -26.94
C LYS E 198 12.00 11.78 -27.41
N GLU E 199 11.35 10.76 -26.87
CA GLU E 199 11.68 9.39 -27.26
C GLU E 199 11.42 9.22 -28.75
N ALA E 200 10.38 9.85 -29.28
CA ALA E 200 10.08 9.67 -30.70
C ALA E 200 11.16 10.35 -31.54
N LEU E 201 11.69 11.47 -31.05
CA LEU E 201 12.74 12.16 -31.76
C LEU E 201 14.01 11.31 -31.73
N TYR E 202 14.28 10.71 -30.58
CA TYR E 202 15.46 9.88 -30.43
C TYR E 202 15.32 8.67 -31.36
N ASP E 203 14.12 8.10 -31.47
CA ASP E 203 13.94 6.89 -32.26
C ASP E 203 14.05 7.22 -33.74
N TYR E 204 13.75 8.47 -34.08
CA TYR E 204 13.92 8.94 -35.44
C TYR E 204 15.41 9.06 -35.76
N LEU E 205 16.17 9.58 -34.81
CA LEU E 205 17.58 9.83 -35.04
C LEU E 205 18.45 8.56 -34.98
N ILE E 206 18.11 7.60 -34.12
CA ILE E 206 19.04 6.49 -33.91
C ILE E 206 19.36 5.63 -35.17
N PRO E 207 18.35 5.27 -35.98
CA PRO E 207 18.73 4.52 -37.20
C PRO E 207 19.71 5.32 -38.08
N ILE E 208 19.50 6.63 -38.16
CA ILE E 208 20.35 7.52 -38.98
C ILE E 208 21.80 7.57 -38.46
N ILE E 209 21.93 7.75 -37.15
CA ILE E 209 23.21 7.69 -36.47
C ILE E 209 23.94 6.39 -36.73
N GLU E 210 23.25 5.27 -36.55
CA GLU E 210 23.88 3.97 -36.65
C GLU E 210 24.25 3.68 -38.11
N GLN E 211 23.45 4.16 -39.05
CA GLN E 211 23.77 4.08 -40.46
C GLN E 211 24.99 4.96 -40.90
N ARG E 212 25.11 6.17 -40.36
CA ARG E 212 26.18 7.08 -40.81
C ARG E 212 27.47 6.88 -40.00
N ARG E 213 27.37 6.07 -38.97
CA ARG E 213 28.56 5.56 -38.33
C ARG E 213 29.25 4.53 -39.24
N GLN E 214 28.48 3.69 -39.93
CA GLN E 214 29.05 2.66 -40.82
C GLN E 214 29.31 3.15 -42.26
N LYS E 215 28.72 4.28 -42.64
CA LYS E 215 28.89 4.87 -43.96
C LYS E 215 29.00 6.39 -43.80
N PRO E 216 30.14 6.86 -43.27
CA PRO E 216 30.34 8.27 -42.87
C PRO E 216 30.30 9.33 -43.98
N GLY E 217 29.35 10.25 -43.92
CA GLY E 217 29.33 11.43 -44.76
C GLY E 217 29.98 12.62 -44.07
N THR E 218 29.65 13.85 -44.50
CA THR E 218 30.20 15.07 -43.88
C THR E 218 29.13 16.01 -43.34
N ASP E 219 27.93 15.49 -43.18
CA ASP E 219 26.85 16.20 -42.51
C ASP E 219 27.01 16.16 -41.00
N ALA E 220 26.16 16.90 -40.29
CA ALA E 220 26.27 17.03 -38.83
C ALA E 220 26.04 15.72 -38.10
N ILE E 221 25.15 14.88 -38.62
CA ILE E 221 24.82 13.67 -37.86
C ILE E 221 26.05 12.73 -37.98
N SER E 222 26.62 12.66 -39.18
CA SER E 222 27.86 11.90 -39.43
C SER E 222 29.00 12.30 -38.51
N ILE E 223 29.25 13.59 -38.42
CA ILE E 223 30.38 14.03 -37.62
C ILE E 223 30.12 13.74 -36.14
N VAL E 224 28.91 14.02 -35.66
CA VAL E 224 28.57 13.65 -34.29
C VAL E 224 28.74 12.14 -34.07
N ALA E 225 28.10 11.30 -34.91
CA ALA E 225 28.10 9.83 -34.68
C ALA E 225 29.48 9.26 -34.69
N ASN E 226 30.37 9.83 -35.50
CA ASN E 226 31.75 9.39 -35.57
C ASN E 226 32.77 10.08 -34.65
N GLY E 227 32.30 10.93 -33.76
CA GLY E 227 33.20 11.70 -32.92
C GLY E 227 33.72 10.95 -31.71
N GLN E 228 34.75 11.53 -31.11
CA GLN E 228 35.36 11.02 -29.88
C GLN E 228 35.05 12.01 -28.76
N VAL E 229 34.72 11.48 -27.60
CA VAL E 229 34.55 12.27 -26.38
C VAL E 229 35.24 11.52 -25.25
N ASN E 230 35.91 12.26 -24.37
CA ASN E 230 36.69 11.67 -23.28
C ASN E 230 37.71 10.63 -23.78
N GLY E 231 38.21 10.76 -25.00
CA GLY E 231 39.24 9.86 -25.52
C GLY E 231 38.73 8.51 -26.03
N ARG E 232 37.45 8.44 -26.33
CA ARG E 232 36.85 7.23 -26.86
C ARG E 232 35.64 7.58 -27.75
N PRO E 233 35.08 6.58 -28.46
CA PRO E 233 33.95 6.91 -29.34
C PRO E 233 32.72 7.33 -28.56
N ILE E 234 32.06 8.36 -29.04
CA ILE E 234 30.78 8.72 -28.48
C ILE E 234 29.87 7.51 -28.67
N THR E 235 29.00 7.26 -27.69
CA THR E 235 28.03 6.18 -27.81
C THR E 235 26.88 6.66 -28.68
N SER E 236 26.11 5.73 -29.20
CA SER E 236 24.85 6.02 -29.89
C SER E 236 23.90 6.89 -29.07
N ASP E 237 23.78 6.55 -27.77
CA ASP E 237 22.92 7.26 -26.81
C ASP E 237 23.34 8.73 -26.68
N GLU E 238 24.64 8.95 -26.53
CA GLU E 238 25.18 10.29 -26.38
C GLU E 238 24.96 11.10 -27.66
N ALA E 239 25.13 10.43 -28.81
CA ALA E 239 24.98 11.11 -30.11
C ALA E 239 23.54 11.56 -30.32
N LYS E 240 22.57 10.71 -30.02
CA LYS E 240 21.18 11.10 -30.17
C LYS E 240 20.80 12.24 -29.20
N ARG E 241 21.37 12.19 -28.00
CA ARG E 241 21.08 13.21 -26.98
C ARG E 241 21.72 14.56 -27.31
N MET E 242 22.87 14.56 -27.97
CA MET E 242 23.41 15.85 -28.43
C MET E 242 22.73 16.28 -29.74
N CYS E 243 22.56 15.36 -30.69
CA CYS E 243 21.93 15.77 -31.93
C CYS E 243 20.55 16.31 -31.62
N GLY E 244 19.88 15.70 -30.64
CA GLY E 244 18.58 16.15 -30.19
C GLY E 244 18.52 17.65 -29.90
N LEU E 245 19.51 18.16 -29.20
CA LEU E 245 19.53 19.56 -28.79
C LEU E 245 20.05 20.47 -29.93
N LEU E 246 20.92 19.93 -30.77
CA LEU E 246 21.33 20.66 -31.96
C LEU E 246 20.11 20.99 -32.80
N LEU E 247 19.12 20.09 -32.78
CA LEU E 247 17.82 20.39 -33.37
C LEU E 247 16.94 21.33 -32.54
N VAL E 248 16.55 20.90 -31.34
CA VAL E 248 15.62 21.71 -30.54
C VAL E 248 16.19 23.09 -30.17
N GLY E 249 17.48 23.13 -29.89
CA GLY E 249 18.13 24.37 -29.47
C GLY E 249 18.03 25.50 -30.47
N GLY E 250 17.96 25.14 -31.74
CA GLY E 250 17.96 26.10 -32.82
C GLY E 250 16.62 26.44 -33.43
N LEU E 251 15.53 25.92 -32.85
CA LEU E 251 14.20 26.18 -33.39
C LEU E 251 13.48 27.37 -32.73
N ASP E 252 12.84 27.18 -31.58
CA ASP E 252 12.01 28.25 -31.04
C ASP E 252 12.76 29.49 -30.54
N THR E 253 14.01 29.35 -30.08
CA THR E 253 14.78 30.55 -29.79
C THR E 253 14.82 31.46 -31.02
N VAL E 254 15.15 30.86 -32.16
CA VAL E 254 15.22 31.60 -33.41
C VAL E 254 13.84 32.04 -33.90
N VAL E 255 12.86 31.12 -33.96
CA VAL E 255 11.50 31.51 -34.31
C VAL E 255 11.01 32.74 -33.54
N ASN E 256 11.12 32.66 -32.22
CA ASN E 256 10.65 33.74 -31.34
C ASN E 256 11.48 34.99 -31.42
N PHE E 257 12.80 34.85 -31.47
CA PHE E 257 13.61 36.04 -31.59
C PHE E 257 13.38 36.80 -32.89
N LEU E 258 13.29 36.08 -34.00
CA LEU E 258 13.00 36.74 -35.27
C LEU E 258 11.63 37.42 -35.21
N SER E 259 10.66 36.79 -34.56
CA SER E 259 9.35 37.42 -34.45
C SER E 259 9.36 38.72 -33.63
N PHE E 260 10.07 38.72 -32.50
CA PHE E 260 10.22 39.94 -31.69
C PHE E 260 10.84 41.09 -32.48
N SER E 261 11.83 40.78 -33.31
CA SER E 261 12.57 41.78 -34.06
C SER E 261 11.69 42.31 -35.19
N MET E 262 10.99 41.42 -35.89
CA MET E 262 10.15 41.84 -37.00
C MET E 262 8.93 42.62 -36.48
N GLU E 263 8.42 42.22 -35.33
CA GLU E 263 7.36 42.98 -34.66
C GLU E 263 7.82 44.42 -34.44
N PHE E 264 8.99 44.60 -33.80
CA PHE E 264 9.58 45.92 -33.64
C PHE E 264 9.78 46.67 -34.94
N LEU E 265 10.38 46.02 -35.93
CA LEU E 265 10.59 46.74 -37.21
C LEU E 265 9.28 47.16 -37.89
N ALA E 266 8.26 46.30 -37.85
CA ALA E 266 6.94 46.66 -38.37
C ALA E 266 6.35 47.89 -37.71
N LYS E 267 6.69 48.11 -36.44
CA LYS E 267 6.16 49.24 -35.65
C LYS E 267 7.14 50.41 -35.60
N SER E 268 8.26 50.29 -36.31
CA SER E 268 9.30 51.30 -36.21
C SER E 268 9.88 51.66 -37.57
N PRO E 269 9.13 52.46 -38.36
CA PRO E 269 9.55 52.80 -39.73
C PRO E 269 10.86 53.55 -39.77
N GLU E 270 11.11 54.43 -38.81
CA GLU E 270 12.40 55.11 -38.79
C GLU E 270 13.53 54.12 -38.58
N HIS E 271 13.30 53.07 -37.81
CA HIS E 271 14.36 52.07 -37.61
C HIS E 271 14.55 51.26 -38.87
N ARG E 272 13.45 50.96 -39.56
CA ARG E 272 13.53 50.21 -40.81
C ARG E 272 14.32 51.04 -41.80
N GLN E 273 13.96 52.31 -41.92
CA GLN E 273 14.60 53.20 -42.89
C GLN E 273 16.12 53.33 -42.70
N GLU E 274 16.59 53.30 -41.45
CA GLU E 274 18.03 53.32 -41.22
C GLU E 274 18.71 52.09 -41.88
N LEU E 275 18.08 50.92 -41.73
CA LEU E 275 18.63 49.68 -42.27
C LEU E 275 18.42 49.56 -43.79
N ILE E 276 17.37 50.19 -44.31
CA ILE E 276 17.07 50.19 -45.75
C ILE E 276 18.10 51.05 -46.46
N GLU E 277 18.39 52.22 -45.92
CA GLU E 277 19.38 53.10 -46.50
C GLU E 277 20.83 52.64 -46.24
N ARG E 278 21.08 52.09 -45.06
CA ARG E 278 22.42 51.60 -44.74
C ARG E 278 22.43 50.12 -44.27
N PRO E 279 22.30 49.17 -45.21
CA PRO E 279 22.21 47.75 -44.81
C PRO E 279 23.49 47.21 -44.15
N GLU E 280 24.62 47.89 -44.40
CA GLU E 280 25.87 47.58 -43.74
C GLU E 280 25.69 47.69 -42.23
N ARG E 281 24.69 48.44 -41.78
CA ARG E 281 24.38 48.48 -40.34
C ARG E 281 23.65 47.26 -39.76
N ILE E 282 23.21 46.34 -40.60
CA ILE E 282 22.40 45.22 -40.09
C ILE E 282 23.09 44.34 -39.02
N PRO E 283 24.37 43.97 -39.20
CA PRO E 283 25.05 43.22 -38.14
C PRO E 283 25.07 43.92 -36.74
N ALA E 284 25.39 45.21 -36.68
CA ALA E 284 25.34 46.00 -35.44
C ALA E 284 23.91 46.07 -34.91
N ALA E 285 22.96 46.34 -35.81
CA ALA E 285 21.56 46.43 -35.44
C ALA E 285 21.11 45.11 -34.85
N SER E 286 21.52 44.03 -35.50
CA SER E 286 21.23 42.69 -34.99
C SER E 286 21.74 42.43 -33.55
N GLU E 287 22.90 42.96 -33.17
CA GLU E 287 23.37 42.76 -31.78
C GLU E 287 22.48 43.53 -30.78
N GLU E 288 22.13 44.75 -31.15
CA GLU E 288 21.31 45.61 -30.31
C GLU E 288 19.90 45.00 -30.17
N LEU E 289 19.38 44.40 -31.24
CA LEU E 289 18.09 43.72 -31.13
C LEU E 289 18.19 42.48 -30.25
N LEU E 290 19.30 41.76 -30.33
CA LEU E 290 19.49 40.60 -29.47
C LEU E 290 19.49 41.03 -27.99
N ARG E 291 20.09 42.19 -27.71
CA ARG E 291 20.04 42.76 -26.37
C ARG E 291 18.61 43.10 -26.01
N ARG E 292 17.95 43.84 -26.90
CA ARG E 292 16.69 44.45 -26.54
C ARG E 292 15.58 43.43 -26.40
N PHE E 293 15.60 42.43 -27.27
CA PHE E 293 14.53 41.46 -27.36
C PHE E 293 15.03 40.07 -26.99
N SER E 294 15.96 40.08 -26.03
CA SER E 294 16.48 38.88 -25.35
C SER E 294 15.30 38.09 -24.81
N LEU E 295 15.41 36.76 -24.80
CA LEU E 295 14.22 35.94 -24.59
C LEU E 295 14.36 34.66 -23.78
N VAL E 296 15.57 34.29 -23.36
CA VAL E 296 15.78 33.06 -22.61
C VAL E 296 15.86 33.27 -21.11
N ALA E 297 15.29 32.36 -20.33
CA ALA E 297 15.49 32.39 -18.88
C ALA E 297 15.51 30.97 -18.28
N ASP E 298 16.70 30.39 -18.16
CA ASP E 298 16.85 29.18 -17.38
C ASP E 298 17.77 29.49 -16.21
N GLY E 299 18.35 28.49 -15.58
CA GLY E 299 19.01 28.75 -14.33
C GLY E 299 19.74 27.56 -13.83
N ARG E 300 19.88 27.47 -12.50
CA ARG E 300 20.76 26.49 -11.93
C ARG E 300 20.18 26.00 -10.61
N ILE E 301 20.87 25.05 -10.00
CA ILE E 301 20.45 24.54 -8.70
C ILE E 301 21.64 24.57 -7.78
N LEU E 302 21.40 24.91 -6.51
CA LEU E 302 22.45 24.95 -5.49
C LEU E 302 22.93 23.56 -5.12
N THR E 303 24.22 23.36 -5.26
CA THR E 303 24.83 22.08 -4.94
C THR E 303 25.03 21.98 -3.44
N SER E 304 25.20 23.12 -2.77
CA SER E 304 25.32 23.14 -1.33
C SER E 304 24.74 24.44 -0.78
N ASP E 305 24.63 24.51 0.55
CA ASP E 305 24.33 25.75 1.23
C ASP E 305 25.42 26.74 0.88
N TYR E 306 25.03 27.97 0.55
CA TYR E 306 25.95 28.98 0.05
C TYR E 306 25.36 30.37 0.26
N GLU E 307 26.15 31.27 0.85
CA GLU E 307 25.76 32.67 0.96
C GLU E 307 26.27 33.45 -0.24
N PHE E 308 25.33 34.05 -0.98
CA PHE E 308 25.60 34.71 -2.24
C PHE E 308 25.08 36.13 -2.11
N HIS E 309 25.99 37.10 -2.12
CA HIS E 309 25.64 38.53 -2.02
C HIS E 309 24.74 38.84 -0.83
N GLY E 310 25.17 38.34 0.32
CA GLY E 310 24.49 38.58 1.58
C GLY E 310 23.23 37.75 1.76
N VAL E 311 22.96 36.81 0.86
CA VAL E 311 21.72 36.03 0.91
C VAL E 311 22.04 34.57 1.12
N GLN E 312 21.35 33.95 2.05
CA GLN E 312 21.54 32.52 2.35
C GLN E 312 20.75 31.67 1.35
N LEU E 313 21.47 31.01 0.47
CA LEU E 313 20.92 30.02 -0.42
C LEU E 313 21.10 28.63 0.22
N LYS E 314 20.14 27.73 0.04
CA LYS E 314 20.23 26.38 0.58
C LYS E 314 20.37 25.35 -0.53
N LYS E 315 21.06 24.28 -0.20
CA LYS E 315 21.25 23.15 -1.10
C LYS E 315 19.91 22.71 -1.66
N GLY E 316 19.85 22.52 -2.97
CA GLY E 316 18.60 22.11 -3.61
C GLY E 316 17.72 23.28 -4.03
N ASP E 317 18.00 24.48 -3.55
CA ASP E 317 17.24 25.65 -3.97
C ASP E 317 17.49 25.82 -5.47
N GLN E 318 16.45 26.15 -6.22
CA GLN E 318 16.65 26.53 -7.62
C GLN E 318 16.79 28.05 -7.73
N ILE E 319 17.66 28.51 -8.63
CA ILE E 319 17.79 29.95 -8.90
C ILE E 319 17.67 30.23 -10.39
N LEU E 320 16.69 31.07 -10.71
CA LEU E 320 16.47 31.51 -12.08
C LEU E 320 17.48 32.61 -12.33
N LEU E 321 18.18 32.49 -13.45
CA LEU E 321 19.27 33.40 -13.80
C LEU E 321 18.96 33.91 -15.20
N PRO E 322 17.97 34.80 -15.31
CA PRO E 322 17.34 35.06 -16.61
C PRO E 322 18.29 35.72 -17.62
N GLN E 323 18.72 34.98 -18.64
CA GLN E 323 19.59 35.54 -19.70
C GLN E 323 19.07 36.89 -20.19
N MET E 324 17.76 36.98 -20.30
CA MET E 324 17.08 38.18 -20.78
C MET E 324 17.40 39.47 -20.00
N LEU E 325 17.66 39.37 -18.70
CA LEU E 325 17.67 40.58 -17.84
C LEU E 325 18.96 41.36 -17.85
N SER E 326 20.08 40.69 -18.10
CA SER E 326 21.38 41.34 -18.08
C SER E 326 21.46 42.55 -19.00
N GLY E 327 20.94 42.42 -20.22
CA GLY E 327 21.03 43.51 -21.17
C GLY E 327 19.94 44.57 -20.99
N LEU E 328 18.90 44.26 -20.22
CA LEU E 328 17.81 45.19 -19.90
C LEU E 328 18.17 45.99 -18.67
N ASP E 329 19.27 45.58 -18.02
CA ASP E 329 19.74 46.13 -16.76
C ASP E 329 20.27 47.53 -17.01
N GLU E 330 19.65 48.54 -16.39
CA GLU E 330 20.08 49.92 -16.64
C GLU E 330 21.50 50.13 -16.13
N ARG E 331 21.95 49.31 -15.19
CA ARG E 331 23.31 49.38 -14.69
C ARG E 331 24.32 48.92 -15.75
N GLU E 332 23.88 48.18 -16.76
CA GLU E 332 24.77 47.71 -17.84
C GLU E 332 24.64 48.50 -19.14
N ASN E 333 23.43 48.98 -19.43
CA ASN E 333 23.18 49.80 -20.61
C ASN E 333 22.23 50.95 -20.28
N ALA E 334 22.66 52.17 -20.57
CA ALA E 334 21.82 53.31 -20.29
C ALA E 334 20.62 53.26 -21.24
N ALA E 335 19.48 53.78 -20.76
CA ALA E 335 18.20 53.76 -21.47
C ALA E 335 17.94 52.38 -22.12
N PRO E 336 17.83 51.33 -21.29
CA PRO E 336 17.83 49.95 -21.79
C PRO E 336 16.67 49.59 -22.72
N MET E 337 15.54 50.27 -22.64
CA MET E 337 14.40 49.94 -23.47
C MET E 337 14.46 50.65 -24.83
N HIS E 338 15.40 51.58 -24.97
CA HIS E 338 15.63 52.31 -26.23
C HIS E 338 16.45 51.47 -27.17
N VAL E 339 16.04 51.40 -28.44
CA VAL E 339 16.78 50.64 -29.44
C VAL E 339 17.66 51.62 -30.20
N ASP E 340 18.96 51.44 -30.07
CA ASP E 340 19.91 52.34 -30.71
C ASP E 340 20.88 51.51 -31.49
N PHE E 341 20.74 51.47 -32.81
CA PHE E 341 21.61 50.63 -33.61
C PHE E 341 23.08 51.09 -33.59
N SER E 342 23.33 52.32 -33.14
CA SER E 342 24.70 52.83 -32.97
C SER E 342 25.13 52.81 -31.49
N ARG E 343 24.49 51.97 -30.70
CA ARG E 343 24.81 51.87 -29.28
C ARG E 343 26.25 51.41 -29.15
N GLN E 344 27.00 52.07 -28.27
CA GLN E 344 28.45 52.00 -28.29
C GLN E 344 28.97 50.73 -27.65
N CYS E 345 28.40 50.41 -26.50
CA CYS E 345 28.87 49.27 -25.74
C CYS E 345 27.66 48.40 -25.41
N VAL E 346 27.29 47.52 -26.33
CA VAL E 346 26.10 46.70 -26.19
C VAL E 346 26.40 45.52 -25.25
N SER E 347 25.94 45.60 -24.01
CA SER E 347 26.19 44.57 -23.03
C SER E 347 24.93 43.69 -22.93
N HIS E 348 25.09 42.37 -23.06
CA HIS E 348 24.00 41.42 -22.91
C HIS E 348 24.50 40.02 -22.60
N THR E 349 23.59 39.16 -22.18
CA THR E 349 23.86 37.73 -22.00
C THR E 349 22.77 36.90 -22.69
N THR E 350 22.38 37.32 -23.89
CA THR E 350 21.25 36.72 -24.59
C THR E 350 21.48 35.28 -24.99
N PHE E 351 22.75 34.95 -25.24
CA PHE E 351 23.13 33.57 -25.58
C PHE E 351 23.60 32.82 -24.34
N GLY E 352 23.47 33.45 -23.18
CA GLY E 352 23.94 32.89 -21.94
C GLY E 352 25.30 33.39 -21.51
N HIS E 353 25.94 32.63 -20.66
CA HIS E 353 27.15 33.08 -20.02
C HIS E 353 27.78 31.87 -19.35
N GLY E 354 29.11 31.88 -19.30
CA GLY E 354 29.86 30.79 -18.72
C GLY E 354 30.09 29.75 -19.78
N SER E 355 30.45 28.53 -19.35
CA SER E 355 30.86 27.52 -20.29
C SER E 355 29.71 27.00 -21.13
N HIS E 356 28.45 27.22 -20.71
CA HIS E 356 27.32 26.75 -21.49
C HIS E 356 26.78 27.82 -22.48
N LEU E 357 27.46 28.96 -22.60
CA LEU E 357 26.98 30.01 -23.50
C LEU E 357 26.71 29.34 -24.87
N CYS E 358 25.60 29.72 -25.50
CA CYS E 358 25.07 29.03 -26.69
C CYS E 358 26.13 28.55 -27.68
N LEU E 359 26.21 27.24 -27.88
CA LEU E 359 27.21 26.74 -28.81
C LEU E 359 26.76 26.99 -30.26
N GLY E 360 25.50 27.44 -30.42
CA GLY E 360 24.95 27.79 -31.72
C GLY E 360 24.92 29.27 -32.05
N GLN E 361 25.61 30.06 -31.23
CA GLN E 361 25.52 31.51 -31.31
C GLN E 361 25.88 32.05 -32.69
N HIS E 362 26.86 31.42 -33.36
CA HIS E 362 27.32 31.95 -34.64
C HIS E 362 26.30 31.67 -35.73
N LEU E 363 25.68 30.50 -35.65
CA LEU E 363 24.62 30.15 -36.59
C LEU E 363 23.42 31.04 -36.35
N ALA E 364 23.07 31.26 -35.09
CA ALA E 364 21.93 32.10 -34.74
C ALA E 364 22.14 33.50 -35.29
N ARG E 365 23.28 34.14 -34.99
CA ARG E 365 23.57 35.47 -35.56
C ARG E 365 23.49 35.49 -37.08
N ARG E 366 24.05 34.49 -37.73
CA ARG E 366 24.08 34.53 -39.19
C ARG E 366 22.63 34.46 -39.70
N GLU E 367 21.82 33.62 -39.04
CA GLU E 367 20.42 33.48 -39.40
C GLU E 367 19.65 34.81 -39.28
N ILE E 368 19.87 35.50 -38.18
CA ILE E 368 19.26 36.81 -37.94
C ILE E 368 19.70 37.83 -38.98
N ILE E 369 21.01 37.94 -39.18
CA ILE E 369 21.56 38.93 -40.09
C ILE E 369 21.13 38.67 -41.54
N VAL E 370 21.10 37.40 -41.94
CA VAL E 370 20.66 37.05 -43.27
C VAL E 370 19.18 37.38 -43.43
N THR E 371 18.38 37.06 -42.42
CA THR E 371 16.93 37.25 -42.51
C THR E 371 16.61 38.73 -42.73
N LEU E 372 17.14 39.57 -41.85
CA LEU E 372 16.92 40.99 -41.92
C LEU E 372 17.43 41.56 -43.27
N LYS E 373 18.64 41.19 -43.68
CA LYS E 373 19.13 41.65 -44.98
C LYS E 373 18.22 41.22 -46.13
N GLU E 374 17.84 39.93 -46.18
CA GLU E 374 17.11 39.43 -47.35
C GLU E 374 15.64 39.86 -47.34
N TRP E 375 15.11 40.10 -46.15
CA TRP E 375 13.79 40.65 -46.02
C TRP E 375 13.71 42.11 -46.45
N LEU E 376 14.53 42.97 -45.84
CA LEU E 376 14.43 44.40 -46.08
C LEU E 376 14.83 44.80 -47.48
N THR E 377 15.67 43.99 -48.13
CA THR E 377 16.01 44.23 -49.52
C THR E 377 14.81 44.01 -50.45
N ARG E 378 13.91 43.10 -50.05
CA ARG E 378 12.77 42.72 -50.90
C ARG E 378 11.48 43.40 -50.44
N ILE E 379 11.28 43.44 -49.13
CA ILE E 379 10.07 44.01 -48.53
C ILE E 379 10.45 45.07 -47.48
N PRO E 380 10.85 46.28 -47.94
CA PRO E 380 11.30 47.34 -47.04
C PRO E 380 10.18 47.91 -46.21
N ASP E 381 9.00 47.97 -46.80
CA ASP E 381 7.87 48.65 -46.21
C ASP E 381 6.79 47.64 -45.77
N PHE E 382 6.52 47.56 -44.48
CA PHE E 382 5.53 46.63 -43.94
C PHE E 382 5.05 47.05 -42.54
N SER E 383 3.87 46.58 -42.17
CA SER E 383 3.21 46.91 -40.90
C SER E 383 2.50 45.70 -40.29
N ILE E 384 2.20 45.81 -39.01
CA ILE E 384 1.27 44.88 -38.39
C ILE E 384 -0.10 45.02 -39.06
N ALA E 385 -0.76 43.89 -39.29
CA ALA E 385 -2.08 43.88 -39.91
C ALA E 385 -3.04 44.76 -39.10
N PRO E 386 -3.77 45.63 -39.79
CA PRO E 386 -4.71 46.45 -39.01
C PRO E 386 -5.68 45.58 -38.23
N GLY E 387 -6.00 46.01 -37.01
CA GLY E 387 -6.89 45.25 -36.16
C GLY E 387 -6.24 44.13 -35.35
N ALA E 388 -5.01 43.75 -35.71
CA ALA E 388 -4.35 42.64 -35.05
C ALA E 388 -3.80 43.06 -33.70
N GLN E 389 -4.00 42.21 -32.69
CA GLN E 389 -3.46 42.44 -31.37
C GLN E 389 -2.40 41.37 -31.07
N ILE E 390 -1.15 41.80 -31.03
CA ILE E 390 -0.05 40.85 -30.90
C ILE E 390 0.22 40.41 -29.47
N GLN E 391 0.09 39.11 -29.27
CA GLN E 391 0.27 38.51 -27.95
C GLN E 391 1.66 37.93 -27.78
N HIS E 392 2.28 38.28 -26.67
CA HIS E 392 3.52 37.65 -26.26
C HIS E 392 3.24 36.51 -25.32
N LYS E 393 4.22 35.63 -25.17
CA LYS E 393 4.14 34.56 -24.21
C LYS E 393 5.45 34.53 -23.45
N SER E 394 5.39 34.06 -22.21
CA SER E 394 6.50 34.07 -21.29
C SER E 394 6.80 32.68 -20.81
N GLY E 395 8.08 32.38 -20.66
CA GLY E 395 8.51 31.11 -20.11
C GLY E 395 10.02 31.04 -20.09
N ILE E 396 10.53 29.82 -20.22
CA ILE E 396 11.95 29.59 -20.34
C ILE E 396 12.45 30.15 -21.67
N VAL E 397 11.66 29.98 -22.72
CA VAL E 397 11.89 30.66 -23.98
C VAL E 397 10.64 31.47 -24.29
N SER E 398 10.71 32.79 -24.13
CA SER E 398 9.57 33.68 -24.34
C SER E 398 9.41 33.89 -25.82
N GLY E 399 8.24 34.37 -26.22
CA GLY E 399 7.94 34.41 -27.63
C GLY E 399 6.70 35.18 -28.03
N VAL E 400 6.41 35.10 -29.32
CA VAL E 400 5.26 35.79 -29.93
C VAL E 400 4.31 34.71 -30.45
N GLN E 401 3.03 34.83 -30.12
CA GLN E 401 2.04 33.85 -30.53
C GLN E 401 1.86 33.82 -32.04
N ALA E 402 1.78 35.02 -32.63
CA ALA E 402 1.62 35.17 -34.09
C ALA E 402 1.98 36.58 -34.50
N LEU E 403 2.36 36.73 -35.76
CA LEU E 403 2.74 38.03 -36.28
C LEU E 403 2.21 38.31 -37.68
N PRO E 404 0.90 38.63 -37.80
CA PRO E 404 0.29 39.00 -39.08
C PRO E 404 0.89 40.30 -39.61
N LEU E 405 1.59 40.25 -40.75
CA LEU E 405 2.21 41.44 -41.36
C LEU E 405 1.48 41.71 -42.65
N VAL E 406 1.40 42.97 -43.06
CA VAL E 406 0.83 43.34 -44.33
C VAL E 406 1.78 44.31 -45.00
N TRP E 407 1.66 44.41 -46.31
CA TRP E 407 2.42 45.37 -47.08
C TRP E 407 1.84 45.50 -48.47
N ASP E 408 2.20 46.59 -49.16
CA ASP E 408 1.76 46.84 -50.54
C ASP E 408 2.77 46.21 -51.47
N PRO E 409 2.35 45.21 -52.26
CA PRO E 409 3.31 44.51 -53.12
C PRO E 409 4.04 45.42 -54.09
N ALA E 410 3.40 46.53 -54.44
CA ALA E 410 3.98 47.49 -55.38
C ALA E 410 5.22 48.15 -54.79
N THR E 411 5.32 48.17 -53.46
CA THR E 411 6.49 48.75 -52.79
C THR E 411 7.61 47.71 -52.60
N THR E 412 7.45 46.52 -53.16
CA THR E 412 8.45 45.46 -52.96
C THR E 412 9.23 45.25 -54.23
N LYS E 413 10.27 44.41 -54.16
CA LYS E 413 10.97 44.00 -55.37
C LYS E 413 11.58 42.63 -55.21
N ALA E 414 11.66 41.92 -56.33
CA ALA E 414 12.37 40.65 -56.38
C ALA E 414 13.83 40.96 -56.68
N VAL E 415 14.74 40.25 -56.03
CA VAL E 415 16.16 40.42 -56.31
C VAL E 415 16.78 39.03 -56.46
N ASN F 11 19.93 -15.42 -45.96
CA ASN F 11 19.29 -16.72 -46.05
C ASN F 11 17.79 -16.59 -46.35
N LEU F 12 17.49 -16.23 -47.59
CA LEU F 12 16.11 -16.09 -48.06
C LEU F 12 15.72 -17.34 -48.82
N ALA F 13 14.53 -17.85 -48.56
CA ALA F 13 14.05 -19.02 -49.29
C ALA F 13 13.60 -18.61 -50.67
N PRO F 14 13.64 -19.54 -51.65
CA PRO F 14 13.06 -19.29 -52.97
C PRO F 14 11.59 -18.84 -52.91
N LEU F 15 11.25 -17.87 -53.75
CA LEU F 15 9.88 -17.35 -53.81
C LEU F 15 8.98 -18.39 -54.47
N PRO F 16 7.91 -18.82 -53.78
CA PRO F 16 7.10 -19.81 -54.51
C PRO F 16 6.37 -19.14 -55.69
N PRO F 17 6.11 -19.89 -56.77
CA PRO F 17 5.57 -19.28 -58.00
C PRO F 17 4.18 -18.66 -57.79
N HIS F 18 3.42 -19.10 -56.80
CA HIS F 18 2.08 -18.54 -56.63
C HIS F 18 2.13 -17.14 -55.98
N VAL F 19 3.32 -16.71 -55.56
CA VAL F 19 3.46 -15.46 -54.84
C VAL F 19 3.93 -14.35 -55.77
N PRO F 20 3.07 -13.32 -56.00
CA PRO F 20 3.58 -12.23 -56.87
C PRO F 20 4.72 -11.42 -56.22
N GLU F 21 5.70 -11.07 -57.04
CA GLU F 21 6.89 -10.38 -56.58
C GLU F 21 6.52 -9.08 -55.84
N HIS F 22 5.44 -8.42 -56.25
CA HIS F 22 5.08 -7.11 -55.66
C HIS F 22 4.57 -7.19 -54.21
N LEU F 23 4.17 -8.38 -53.75
CA LEU F 23 3.77 -8.55 -52.35
C LEU F 23 4.95 -8.96 -51.49
N VAL F 24 6.12 -9.07 -52.11
CA VAL F 24 7.31 -9.48 -51.39
C VAL F 24 7.92 -8.34 -50.60
N PHE F 25 7.97 -8.53 -49.29
CA PHE F 25 8.50 -7.50 -48.42
C PHE F 25 9.62 -8.09 -47.54
N ASP F 26 10.68 -7.31 -47.38
CA ASP F 26 11.83 -7.64 -46.55
C ASP F 26 11.44 -7.62 -45.05
N PHE F 27 11.30 -8.78 -44.42
CA PHE F 27 11.08 -8.76 -42.96
C PHE F 27 11.52 -10.05 -42.29
N ASP F 28 12.55 -9.93 -41.46
CA ASP F 28 13.07 -11.04 -40.68
C ASP F 28 12.60 -10.81 -39.24
N MET F 29 11.64 -11.62 -38.79
CA MET F 29 11.03 -11.47 -37.49
C MET F 29 11.97 -11.78 -36.34
N TYR F 30 13.11 -12.39 -36.65
CA TYR F 30 14.11 -12.69 -35.65
C TYR F 30 15.22 -11.63 -35.64
N ASN F 31 15.22 -10.72 -36.60
CA ASN F 31 16.25 -9.68 -36.65
C ASN F 31 15.80 -8.53 -37.54
N PRO F 32 14.74 -7.82 -37.12
CA PRO F 32 14.14 -6.78 -37.96
C PRO F 32 15.05 -5.58 -37.99
N SER F 33 15.02 -4.84 -39.08
CA SER F 33 15.85 -3.67 -39.16
C SER F 33 15.23 -2.64 -38.21
N ASN F 34 16.05 -1.70 -37.74
CA ASN F 34 15.58 -0.61 -36.87
C ASN F 34 15.25 -1.03 -35.45
N LEU F 35 15.77 -2.17 -35.03
CA LEU F 35 15.54 -2.71 -33.70
C LEU F 35 16.06 -1.75 -32.59
N SER F 36 17.04 -0.91 -32.91
CA SER F 36 17.57 0.04 -31.90
C SER F 36 16.54 1.11 -31.45
N ALA F 37 15.53 1.37 -32.28
CA ALA F 37 14.42 2.27 -31.92
C ALA F 37 13.41 1.62 -30.97
N GLY F 38 13.50 0.29 -30.83
CA GLY F 38 12.56 -0.49 -30.03
C GLY F 38 11.91 -1.55 -30.92
N VAL F 39 11.53 -2.70 -30.36
CA VAL F 39 11.11 -3.84 -31.20
C VAL F 39 9.72 -3.60 -31.77
N GLN F 40 8.84 -3.03 -30.94
CA GLN F 40 7.52 -2.65 -31.43
C GLN F 40 7.63 -1.68 -32.60
N GLU F 41 8.54 -0.70 -32.50
CA GLU F 41 8.76 0.25 -33.60
C GLU F 41 9.32 -0.50 -34.81
N ALA F 42 10.22 -1.44 -34.56
CA ALA F 42 10.82 -2.14 -35.69
C ALA F 42 9.72 -2.91 -36.42
N TRP F 43 8.82 -3.54 -35.67
CA TRP F 43 7.73 -4.26 -36.32
C TRP F 43 6.76 -3.32 -37.04
N ALA F 44 6.51 -2.13 -36.48
CA ALA F 44 5.56 -1.20 -37.09
C ALA F 44 5.90 -0.79 -38.53
N VAL F 45 7.12 -1.09 -38.99
CA VAL F 45 7.46 -0.76 -40.38
C VAL F 45 6.53 -1.47 -41.35
N LEU F 46 5.86 -2.52 -40.88
CA LEU F 46 4.94 -3.27 -41.73
C LEU F 46 3.61 -2.56 -41.92
N GLN F 47 3.44 -1.46 -41.19
CA GLN F 47 2.21 -0.72 -41.17
C GLN F 47 2.44 0.67 -41.77
N GLU F 48 3.56 0.86 -42.47
CA GLU F 48 3.81 2.12 -43.19
C GLU F 48 2.89 2.14 -44.39
N SER F 49 2.63 3.34 -44.93
CA SER F 49 1.53 3.56 -45.86
C SER F 49 1.63 2.75 -47.15
N ASN F 50 2.85 2.48 -47.61
CA ASN F 50 3.03 1.72 -48.85
C ASN F 50 2.89 0.22 -48.70
N VAL F 51 2.70 -0.26 -47.48
CA VAL F 51 2.78 -1.70 -47.26
C VAL F 51 1.36 -2.27 -47.32
N PRO F 52 1.12 -3.25 -48.21
CA PRO F 52 -0.18 -3.92 -48.26
C PRO F 52 -0.55 -4.61 -46.94
N ASP F 53 -1.85 -4.93 -46.78
CA ASP F 53 -2.36 -5.64 -45.61
C ASP F 53 -1.75 -7.05 -45.44
N LEU F 54 -1.28 -7.60 -46.56
CA LEU F 54 -0.84 -8.97 -46.61
C LEU F 54 0.37 -9.08 -47.50
N VAL F 55 1.50 -9.43 -46.90
CA VAL F 55 2.77 -9.46 -47.61
C VAL F 55 3.47 -10.78 -47.42
N TRP F 56 4.42 -11.05 -48.30
CA TRP F 56 5.21 -12.24 -48.20
C TRP F 56 6.62 -11.89 -47.88
N THR F 57 7.23 -12.62 -46.96
CA THR F 57 8.66 -12.48 -46.74
C THR F 57 9.33 -13.81 -47.01
N ARG F 58 10.52 -13.73 -47.60
CA ARG F 58 11.30 -14.93 -47.94
C ARG F 58 12.21 -15.33 -46.77
N SER F 59 12.22 -14.51 -45.71
CA SER F 59 13.00 -14.82 -44.51
C SER F 59 12.45 -16.06 -43.75
N ASN F 60 13.34 -16.77 -43.05
CA ASN F 60 12.91 -17.77 -42.08
C ASN F 60 12.00 -18.79 -42.70
N GLY F 61 12.38 -19.24 -43.89
CA GLY F 61 11.67 -20.29 -44.60
C GLY F 61 10.62 -19.80 -45.60
N GLY F 62 10.23 -18.54 -45.47
CA GLY F 62 9.22 -18.00 -46.35
C GLY F 62 7.81 -18.12 -45.78
N HIS F 63 7.15 -16.98 -45.62
CA HIS F 63 5.83 -16.95 -45.01
C HIS F 63 5.07 -15.63 -45.27
N TRP F 64 3.75 -15.72 -45.16
CA TRP F 64 2.89 -14.55 -45.18
C TRP F 64 2.98 -13.80 -43.86
N ILE F 65 2.64 -12.51 -43.91
CA ILE F 65 2.41 -11.73 -42.72
C ILE F 65 1.15 -10.93 -42.98
N ALA F 66 0.16 -11.03 -42.09
CA ALA F 66 -0.95 -10.09 -42.08
C ALA F 66 -0.50 -8.90 -41.27
N THR F 67 -0.68 -7.69 -41.78
CA THR F 67 -0.09 -6.52 -41.12
C THR F 67 -1.05 -5.69 -40.29
N ARG F 68 -2.32 -6.08 -40.26
CA ARG F 68 -3.36 -5.19 -39.78
C ARG F 68 -4.30 -5.93 -38.85
N GLY F 69 -4.82 -5.22 -37.84
CA GLY F 69 -5.66 -5.81 -36.80
C GLY F 69 -6.86 -6.55 -37.33
N GLN F 70 -7.50 -6.00 -38.35
CA GLN F 70 -8.71 -6.62 -38.91
C GLN F 70 -8.46 -8.02 -39.56
N LEU F 71 -7.40 -8.17 -40.35
CA LEU F 71 -7.04 -9.46 -40.94
C LEU F 71 -6.58 -10.45 -39.88
N ILE F 72 -5.81 -9.95 -38.90
CA ILE F 72 -5.27 -10.75 -37.82
C ILE F 72 -6.42 -11.37 -37.05
N ARG F 73 -7.40 -10.55 -36.66
CA ARG F 73 -8.53 -11.09 -35.91
C ARG F 73 -9.35 -12.03 -36.80
N GLU F 74 -9.56 -11.66 -38.05
CA GLU F 74 -10.38 -12.49 -38.94
C GLU F 74 -9.74 -13.88 -39.15
N ALA F 75 -8.43 -13.91 -39.38
CA ALA F 75 -7.74 -15.20 -39.52
C ALA F 75 -7.85 -16.05 -38.26
N TYR F 76 -7.62 -15.43 -37.12
CA TYR F 76 -7.70 -16.11 -35.81
C TYR F 76 -9.11 -16.65 -35.48
N GLU F 77 -10.15 -16.09 -36.11
CA GLU F 77 -11.53 -16.57 -35.98
C GLU F 77 -11.90 -17.71 -36.94
N ASP F 78 -10.96 -18.10 -37.82
CA ASP F 78 -11.25 -19.12 -38.82
C ASP F 78 -10.20 -20.21 -38.77
N TYR F 79 -10.31 -21.15 -37.83
CA TYR F 79 -9.26 -22.21 -37.73
C TYR F 79 -9.42 -23.27 -38.84
N ARG F 80 -10.55 -23.23 -39.53
CA ARG F 80 -10.79 -24.21 -40.55
C ARG F 80 -9.90 -23.91 -41.76
N HIS F 81 -9.61 -22.62 -42.02
CA HIS F 81 -8.72 -22.25 -43.11
C HIS F 81 -7.33 -22.03 -42.56
N PHE F 82 -7.25 -21.51 -41.35
CA PHE F 82 -5.99 -21.14 -40.74
C PHE F 82 -5.76 -22.03 -39.52
N SER F 83 -5.10 -23.17 -39.71
CA SER F 83 -4.98 -24.16 -38.66
C SER F 83 -3.76 -23.92 -37.75
N SER F 84 -3.93 -24.26 -36.47
CA SER F 84 -2.82 -24.20 -35.53
C SER F 84 -1.85 -25.37 -35.65
N GLU F 85 -2.10 -26.29 -36.59
CA GLU F 85 -1.22 -27.46 -36.74
C GLU F 85 0.27 -27.10 -36.82
N SER F 86 0.60 -25.97 -37.44
CA SER F 86 1.99 -25.52 -37.56
C SER F 86 1.97 -24.03 -37.32
N PRO F 87 1.94 -23.63 -36.04
CA PRO F 87 1.71 -22.23 -35.68
C PRO F 87 2.99 -21.39 -35.53
N PHE F 88 4.17 -21.98 -35.69
CA PHE F 88 5.44 -21.29 -35.45
C PHE F 88 6.34 -21.16 -36.70
N ILE F 89 7.03 -20.03 -36.81
CA ILE F 89 7.98 -19.82 -37.89
C ILE F 89 9.32 -19.79 -37.18
N PRO F 90 10.34 -20.49 -37.71
CA PRO F 90 10.32 -21.28 -38.94
C PRO F 90 9.63 -22.61 -38.71
N ARG F 91 9.14 -23.21 -39.80
CA ARG F 91 8.38 -24.46 -39.80
C ARG F 91 9.12 -25.56 -39.05
N GLU F 92 10.44 -25.54 -39.14
CA GLU F 92 11.32 -26.43 -38.35
C GLU F 92 10.92 -26.50 -36.86
N ALA F 93 10.54 -25.37 -36.28
CA ALA F 93 10.06 -25.36 -34.92
C ALA F 93 8.72 -26.08 -34.90
N GLY F 94 7.96 -26.00 -33.83
CA GLY F 94 6.67 -26.66 -33.87
C GLY F 94 6.80 -28.16 -33.93
N GLU F 95 7.59 -28.68 -34.87
CA GLU F 95 8.08 -30.04 -34.78
C GLU F 95 8.69 -30.17 -33.38
N ALA F 96 9.71 -29.36 -33.10
CA ALA F 96 10.31 -29.31 -31.77
C ALA F 96 9.31 -28.85 -30.71
N TYR F 97 8.54 -27.80 -31.02
CA TYR F 97 7.60 -27.21 -30.07
C TYR F 97 6.28 -27.99 -30.04
N ASP F 98 6.28 -29.15 -29.39
CA ASP F 98 5.09 -30.02 -29.36
C ASP F 98 4.24 -29.78 -28.12
N PHE F 99 4.42 -28.61 -27.52
CA PHE F 99 3.56 -28.20 -26.39
C PHE F 99 2.06 -28.33 -26.72
N ILE F 100 1.27 -28.56 -25.67
CA ILE F 100 -0.17 -28.73 -25.80
C ILE F 100 -0.83 -27.58 -25.09
N PRO F 101 -1.88 -27.00 -25.69
CA PRO F 101 -2.58 -27.38 -26.92
C PRO F 101 -2.34 -26.44 -28.07
N THR F 102 -1.15 -25.87 -28.16
CA THR F 102 -0.94 -24.79 -29.11
C THR F 102 -0.94 -25.25 -30.56
N SER F 103 -0.58 -26.50 -30.82
CA SER F 103 -0.72 -27.03 -32.18
C SER F 103 -2.03 -27.79 -32.44
N MET F 104 -3.03 -27.59 -31.59
CA MET F 104 -4.35 -28.22 -31.80
C MET F 104 -5.43 -27.24 -32.23
N ASP F 105 -6.33 -27.72 -33.08
CA ASP F 105 -7.54 -27.01 -33.42
C ASP F 105 -8.68 -27.51 -32.53
N PRO F 106 -9.72 -26.68 -32.31
CA PRO F 106 -10.93 -27.33 -31.81
C PRO F 106 -11.36 -28.45 -32.77
N PRO F 107 -12.11 -29.46 -32.28
CA PRO F 107 -12.62 -29.63 -30.91
C PRO F 107 -11.60 -30.17 -29.90
N GLU F 108 -10.54 -30.83 -30.36
CA GLU F 108 -9.62 -31.40 -29.38
C GLU F 108 -8.98 -30.33 -28.50
N GLN F 109 -8.65 -29.17 -29.08
CA GLN F 109 -8.09 -28.09 -28.27
C GLN F 109 -8.99 -27.68 -27.09
N ARG F 110 -10.31 -27.64 -27.30
CA ARG F 110 -11.24 -27.26 -26.25
C ARG F 110 -11.23 -28.22 -25.03
N GLN F 111 -10.93 -29.50 -25.26
CA GLN F 111 -10.77 -30.51 -24.21
C GLN F 111 -9.63 -30.11 -23.27
N PHE F 112 -8.49 -29.77 -23.87
CA PHE F 112 -7.33 -29.31 -23.11
C PHE F 112 -7.58 -27.99 -22.39
N ARG F 113 -8.31 -27.09 -23.05
CA ARG F 113 -8.65 -25.81 -22.47
C ARG F 113 -9.52 -25.98 -21.22
N ALA F 114 -10.52 -26.84 -21.30
CA ALA F 114 -11.35 -27.18 -20.16
C ALA F 114 -10.45 -27.59 -18.96
N LEU F 115 -9.46 -28.44 -19.23
CA LEU F 115 -8.63 -28.94 -18.13
C LEU F 115 -7.75 -27.82 -17.58
N ALA F 116 -7.12 -27.07 -18.47
CA ALA F 116 -6.21 -26.03 -18.03
C ALA F 116 -6.92 -24.93 -17.25
N ASN F 117 -8.21 -24.73 -17.53
CA ASN F 117 -8.97 -23.69 -16.85
C ASN F 117 -9.20 -23.99 -15.36
N GLN F 118 -9.14 -25.28 -15.06
CA GLN F 118 -9.23 -25.74 -13.68
C GLN F 118 -7.93 -25.44 -12.90
N VAL F 119 -6.79 -25.22 -13.58
CA VAL F 119 -5.56 -24.89 -12.83
C VAL F 119 -5.08 -23.43 -12.84
N VAL F 120 -5.45 -22.65 -13.85
CA VAL F 120 -5.03 -21.25 -13.93
C VAL F 120 -6.17 -20.30 -14.27
N GLY F 121 -7.40 -20.79 -14.14
CA GLY F 121 -8.60 -19.98 -14.33
C GLY F 121 -8.79 -18.90 -13.26
N MET F 122 -9.73 -17.98 -13.50
CA MET F 122 -9.91 -16.84 -12.60
C MET F 122 -10.05 -17.21 -11.11
N PRO F 123 -10.80 -18.27 -10.80
CA PRO F 123 -11.02 -18.57 -9.39
C PRO F 123 -9.71 -18.91 -8.68
N VAL F 124 -8.85 -19.63 -9.39
CA VAL F 124 -7.52 -19.94 -8.91
C VAL F 124 -6.69 -18.66 -8.71
N VAL F 125 -6.65 -17.82 -9.72
CA VAL F 125 -5.88 -16.58 -9.64
C VAL F 125 -6.37 -15.75 -8.48
N ASP F 126 -7.70 -15.63 -8.32
CA ASP F 126 -8.25 -14.85 -7.21
C ASP F 126 -7.75 -15.41 -5.87
N LYS F 127 -7.73 -16.73 -5.78
CA LYS F 127 -7.26 -17.37 -4.55
C LYS F 127 -5.73 -17.23 -4.36
N LEU F 128 -4.98 -17.14 -5.45
CA LEU F 128 -3.53 -16.98 -5.35
C LEU F 128 -3.08 -15.53 -5.07
N GLU F 129 -3.96 -14.55 -5.26
CA GLU F 129 -3.52 -13.16 -5.27
C GLU F 129 -2.72 -12.75 -4.02
N ASN F 130 -3.16 -13.14 -2.85
CA ASN F 130 -2.45 -12.69 -1.66
C ASN F 130 -1.03 -13.22 -1.66
N ARG F 131 -0.82 -14.45 -2.10
CA ARG F 131 0.54 -14.98 -2.15
C ARG F 131 1.34 -14.28 -3.23
N ILE F 132 0.67 -13.87 -4.31
CA ILE F 132 1.38 -13.22 -5.40
C ILE F 132 1.87 -11.89 -4.90
N GLN F 133 1.02 -11.19 -4.16
CA GLN F 133 1.38 -9.89 -3.63
C GLN F 133 2.52 -9.99 -2.61
N GLU F 134 2.45 -11.03 -1.80
CA GLU F 134 3.47 -11.26 -0.77
C GLU F 134 4.83 -11.45 -1.48
N LEU F 135 4.82 -12.25 -2.52
CA LEU F 135 6.04 -12.54 -3.28
C LEU F 135 6.62 -11.27 -3.92
N ALA F 136 5.75 -10.47 -4.55
CA ALA F 136 6.13 -9.21 -5.17
C ALA F 136 6.79 -8.32 -4.14
N SER F 137 6.08 -8.13 -3.02
CA SER F 137 6.53 -7.25 -1.94
C SER F 137 7.91 -7.66 -1.43
N SER F 138 8.07 -8.95 -1.22
CA SER F 138 9.30 -9.48 -0.67
C SER F 138 10.47 -9.25 -1.62
N LEU F 139 10.28 -9.52 -2.90
CA LEU F 139 11.34 -9.30 -3.90
C LEU F 139 11.67 -7.80 -3.98
N ILE F 140 10.65 -6.96 -3.99
CA ILE F 140 10.89 -5.52 -4.08
C ILE F 140 11.62 -5.00 -2.86
N GLU F 141 11.16 -5.39 -1.67
CA GLU F 141 11.78 -4.93 -0.43
C GLU F 141 13.28 -5.36 -0.38
N SER F 142 13.59 -6.58 -0.81
CA SER F 142 14.99 -7.01 -0.90
C SER F 142 15.83 -6.02 -1.75
N LEU F 143 15.22 -5.48 -2.81
CA LEU F 143 15.93 -4.58 -3.72
C LEU F 143 15.98 -3.14 -3.22
N ARG F 144 14.87 -2.68 -2.65
CA ARG F 144 14.67 -1.28 -2.31
C ARG F 144 15.89 -0.58 -1.73
N PRO F 145 16.56 -1.17 -0.73
CA PRO F 145 17.65 -0.38 -0.13
C PRO F 145 18.92 -0.23 -1.01
N GLN F 146 19.09 -1.10 -1.99
CA GLN F 146 20.29 -1.09 -2.84
C GLN F 146 20.39 0.17 -3.73
N GLY F 147 19.26 0.73 -4.14
CA GLY F 147 19.27 1.88 -5.03
C GLY F 147 19.55 1.52 -6.49
N GLN F 148 19.61 0.22 -6.78
CA GLN F 148 19.89 -0.25 -8.13
C GLN F 148 19.47 -1.73 -8.24
N CYS F 149 19.27 -2.18 -9.46
CA CYS F 149 19.04 -3.58 -9.75
C CYS F 149 19.05 -3.78 -11.26
N ASN F 150 19.31 -5.01 -11.70
CA ASN F 150 18.91 -5.43 -13.03
C ASN F 150 17.52 -6.04 -12.92
N PHE F 151 16.52 -5.23 -13.26
CA PHE F 151 15.14 -5.59 -13.01
C PHE F 151 14.75 -6.94 -13.66
N THR F 152 15.30 -7.19 -14.85
CA THR F 152 15.00 -8.41 -15.60
C THR F 152 15.42 -9.65 -14.83
N GLU F 153 16.63 -9.65 -14.33
CA GLU F 153 17.19 -10.75 -13.54
C GLU F 153 16.72 -10.79 -12.06
N ASP F 154 16.56 -9.61 -11.46
CA ASP F 154 16.36 -9.50 -10.00
C ASP F 154 14.89 -9.53 -9.59
N TYR F 155 13.99 -9.21 -10.52
CA TYR F 155 12.56 -9.26 -10.24
C TYR F 155 11.78 -10.03 -11.30
N ALA F 156 11.90 -9.62 -12.57
CA ALA F 156 11.07 -10.16 -13.64
C ALA F 156 11.18 -11.68 -13.84
N GLU F 157 12.37 -12.26 -13.73
CA GLU F 157 12.56 -13.71 -13.86
C GLU F 157 12.15 -14.54 -12.60
N PRO F 158 12.56 -14.12 -11.40
CA PRO F 158 12.19 -15.01 -10.28
C PRO F 158 10.69 -14.96 -9.93
N PHE F 159 10.01 -13.87 -10.29
CA PHE F 159 8.63 -13.67 -9.89
C PHE F 159 7.68 -14.72 -10.50
N PRO F 160 7.65 -14.86 -11.84
CA PRO F 160 6.74 -15.85 -12.44
C PRO F 160 7.14 -17.30 -12.18
N ILE F 161 8.43 -17.60 -12.15
CA ILE F 161 8.84 -18.97 -11.89
C ILE F 161 8.46 -19.38 -10.44
N ARG F 162 8.66 -18.50 -9.46
CA ARG F 162 8.23 -18.80 -8.12
C ARG F 162 6.72 -18.95 -8.06
N ILE F 163 6.00 -18.16 -8.87
CA ILE F 163 4.56 -18.34 -8.94
C ILE F 163 4.22 -19.70 -9.53
N PHE F 164 4.94 -20.12 -10.56
CA PHE F 164 4.67 -21.47 -11.07
C PHE F 164 4.90 -22.56 -10.00
N MET F 165 5.97 -22.44 -9.22
CA MET F 165 6.28 -23.46 -8.20
C MET F 165 5.14 -23.56 -7.17
N LEU F 166 4.60 -22.43 -6.78
CA LEU F 166 3.45 -22.39 -5.86
C LEU F 166 2.24 -23.13 -6.45
N LEU F 167 1.87 -22.70 -7.63
CA LEU F 167 0.74 -23.23 -8.37
C LEU F 167 0.88 -24.77 -8.57
N ALA F 168 2.07 -25.20 -8.93
CA ALA F 168 2.32 -26.60 -9.27
C ALA F 168 2.72 -27.45 -8.06
N GLY F 169 2.88 -26.82 -6.89
CA GLY F 169 3.17 -27.60 -5.70
C GLY F 169 4.54 -28.26 -5.74
N LEU F 170 5.50 -27.57 -6.34
CA LEU F 170 6.87 -28.06 -6.49
C LEU F 170 7.81 -27.34 -5.50
N PRO F 171 8.86 -28.03 -5.00
CA PRO F 171 9.74 -27.42 -4.00
C PRO F 171 10.66 -26.34 -4.57
N GLU F 172 10.92 -25.35 -3.74
CA GLU F 172 11.73 -24.20 -4.11
C GLU F 172 13.10 -24.59 -4.66
N GLU F 173 13.69 -25.64 -4.09
CA GLU F 173 15.05 -26.01 -4.46
C GLU F 173 15.16 -26.54 -5.88
N ASP F 174 14.03 -26.83 -6.49
CA ASP F 174 13.99 -27.21 -7.90
C ASP F 174 14.10 -26.01 -8.83
N ILE F 175 14.06 -24.80 -8.27
CA ILE F 175 14.05 -23.62 -9.14
C ILE F 175 15.32 -23.49 -9.99
N PRO F 176 16.51 -23.64 -9.37
CA PRO F 176 17.70 -23.56 -10.22
C PRO F 176 17.66 -24.49 -11.43
N HIS F 177 17.19 -25.72 -11.27
CA HIS F 177 17.18 -26.69 -12.38
C HIS F 177 16.21 -26.25 -13.52
N LEU F 178 15.02 -25.81 -13.14
CA LEU F 178 14.02 -25.40 -14.11
C LEU F 178 14.42 -24.08 -14.76
N LYS F 179 15.07 -23.20 -14.00
CA LYS F 179 15.61 -22.00 -14.60
C LYS F 179 16.62 -22.35 -15.70
N TYR F 180 17.51 -23.28 -15.41
CA TYR F 180 18.52 -23.64 -16.37
C TYR F 180 17.89 -24.21 -17.60
N LEU F 181 17.03 -25.20 -17.41
CA LEU F 181 16.38 -25.86 -18.54
C LEU F 181 15.58 -24.86 -19.38
N THR F 182 14.76 -24.03 -18.74
CA THR F 182 13.93 -23.08 -19.49
C THR F 182 14.82 -22.00 -20.09
N ASP F 183 15.87 -21.59 -19.37
CA ASP F 183 16.87 -20.72 -19.97
C ASP F 183 17.52 -21.33 -21.23
N GLN F 184 17.78 -22.63 -21.18
CA GLN F 184 18.41 -23.26 -22.33
C GLN F 184 17.44 -23.36 -23.51
N MET F 185 16.15 -23.54 -23.20
CA MET F 185 15.12 -23.60 -24.23
C MET F 185 14.96 -22.25 -24.91
N THR F 186 15.05 -21.18 -24.12
CA THR F 186 14.97 -19.82 -24.63
C THR F 186 16.20 -19.46 -25.47
N ARG F 187 17.40 -19.70 -24.93
CA ARG F 187 18.66 -19.32 -25.60
C ARG F 187 19.78 -20.35 -25.39
N PRO F 188 19.84 -21.37 -26.25
CA PRO F 188 20.89 -22.41 -26.20
C PRO F 188 22.34 -21.89 -26.42
N ASP F 189 23.36 -22.61 -25.93
CA ASP F 189 24.76 -22.17 -26.07
C ASP F 189 25.70 -23.21 -26.71
N GLY F 190 25.19 -24.43 -26.97
CA GLY F 190 26.01 -25.51 -27.48
C GLY F 190 26.29 -26.57 -26.43
N SER F 191 26.09 -26.20 -25.17
CA SER F 191 26.12 -27.15 -24.06
C SER F 191 24.78 -27.87 -23.94
N MET F 192 23.79 -27.46 -24.74
CA MET F 192 22.47 -28.09 -24.73
C MET F 192 21.62 -27.58 -25.90
N THR F 193 21.07 -28.50 -26.68
CA THR F 193 20.18 -28.09 -27.76
C THR F 193 18.78 -27.90 -27.22
N PHE F 194 17.92 -27.25 -28.02
CA PHE F 194 16.54 -27.05 -27.60
C PHE F 194 15.89 -28.40 -27.29
N ALA F 195 16.08 -29.37 -28.18
CA ALA F 195 15.49 -30.70 -28.00
C ALA F 195 15.90 -31.34 -26.66
N GLU F 196 17.17 -31.19 -26.30
CA GLU F 196 17.66 -31.78 -25.05
C GLU F 196 17.05 -31.14 -23.81
N ALA F 197 16.99 -29.82 -23.81
CA ALA F 197 16.46 -29.12 -22.66
C ALA F 197 14.96 -29.42 -22.50
N LYS F 198 14.24 -29.48 -23.62
CA LYS F 198 12.82 -29.77 -23.58
C LYS F 198 12.60 -31.17 -23.03
N GLU F 199 13.32 -32.13 -23.59
CA GLU F 199 13.21 -33.50 -23.11
C GLU F 199 13.56 -33.55 -21.64
N ALA F 200 14.60 -32.84 -21.21
CA ALA F 200 14.92 -32.77 -19.78
C ALA F 200 13.74 -32.18 -18.98
N LEU F 201 13.04 -31.21 -19.55
CA LEU F 201 11.88 -30.64 -18.85
C LEU F 201 10.74 -31.65 -18.74
N TYR F 202 10.42 -32.29 -19.86
CA TYR F 202 9.41 -33.33 -19.87
C TYR F 202 9.79 -34.42 -18.87
N ASP F 203 11.06 -34.80 -18.86
CA ASP F 203 11.53 -35.86 -17.98
C ASP F 203 11.42 -35.52 -16.49
N TYR F 204 11.69 -34.26 -16.13
CA TYR F 204 11.47 -33.79 -14.77
C TYR F 204 9.99 -33.94 -14.39
N LEU F 205 9.11 -33.63 -15.33
CA LEU F 205 7.66 -33.59 -15.06
C LEU F 205 7.00 -34.97 -15.03
N ILE F 206 7.42 -35.92 -15.87
CA ILE F 206 6.67 -37.19 -15.98
C ILE F 206 6.53 -37.95 -14.68
N PRO F 207 7.62 -38.12 -13.92
CA PRO F 207 7.50 -38.89 -12.68
C PRO F 207 6.60 -38.21 -11.67
N ILE F 208 6.61 -36.88 -11.67
CA ILE F 208 5.73 -36.13 -10.76
C ILE F 208 4.24 -36.27 -11.20
N ILE F 209 4.00 -36.27 -12.51
CA ILE F 209 2.67 -36.51 -13.07
C ILE F 209 2.18 -37.89 -12.66
N GLU F 210 3.06 -38.87 -12.79
CA GLU F 210 2.68 -40.24 -12.49
C GLU F 210 2.47 -40.46 -11.00
N GLN F 211 3.31 -39.87 -10.15
CA GLN F 211 3.18 -39.95 -8.71
C GLN F 211 1.83 -39.38 -8.25
N ARG F 212 1.42 -38.27 -8.87
CA ARG F 212 0.23 -37.54 -8.44
C ARG F 212 -1.09 -38.04 -9.04
N ARG F 213 -1.02 -38.79 -10.13
CA ARG F 213 -2.18 -39.51 -10.62
C ARG F 213 -2.55 -40.57 -9.59
N GLN F 214 -1.52 -41.18 -9.01
CA GLN F 214 -1.70 -42.27 -8.05
C GLN F 214 -1.99 -41.79 -6.63
N LYS F 215 -1.30 -40.74 -6.23
CA LYS F 215 -1.47 -40.13 -4.91
C LYS F 215 -1.75 -38.65 -5.11
N PRO F 216 -2.99 -38.31 -5.53
CA PRO F 216 -3.29 -36.93 -5.92
C PRO F 216 -3.35 -35.92 -4.80
N GLY F 217 -2.76 -34.75 -5.04
CA GLY F 217 -2.91 -33.59 -4.18
C GLY F 217 -3.85 -32.56 -4.83
N THR F 218 -3.70 -31.30 -4.46
CA THR F 218 -4.61 -30.23 -4.91
C THR F 218 -3.91 -29.23 -5.83
N ASP F 219 -2.63 -29.51 -6.13
CA ASP F 219 -1.80 -28.63 -6.94
C ASP F 219 -2.10 -28.82 -8.42
N ALA F 220 -1.50 -27.96 -9.23
CA ALA F 220 -1.79 -27.90 -10.67
C ALA F 220 -1.43 -29.19 -11.39
N ILE F 221 -0.35 -29.82 -10.97
CA ILE F 221 0.09 -31.07 -11.60
C ILE F 221 -0.81 -32.25 -11.26
N SER F 222 -1.32 -32.34 -10.03
CA SER F 222 -2.32 -33.36 -9.68
C SER F 222 -3.56 -33.22 -10.54
N ILE F 223 -4.07 -32.00 -10.62
CA ILE F 223 -5.29 -31.73 -11.38
C ILE F 223 -5.12 -32.13 -12.84
N VAL F 224 -4.04 -31.68 -13.48
CA VAL F 224 -3.76 -32.10 -14.84
C VAL F 224 -3.55 -33.63 -14.97
N ALA F 225 -2.70 -34.21 -14.11
CA ALA F 225 -2.44 -35.65 -14.15
C ALA F 225 -3.73 -36.48 -14.07
N ASN F 226 -4.70 -35.97 -13.31
CA ASN F 226 -5.93 -36.67 -13.08
C ASN F 226 -7.06 -36.27 -14.00
N GLY F 227 -6.76 -35.43 -14.99
CA GLY F 227 -7.79 -34.87 -15.86
C GLY F 227 -8.25 -35.83 -16.94
N GLN F 228 -9.38 -35.51 -17.55
CA GLN F 228 -9.92 -36.27 -18.66
C GLN F 228 -9.91 -35.37 -19.89
N VAL F 229 -9.49 -35.92 -21.03
CA VAL F 229 -9.63 -35.24 -22.30
C VAL F 229 -10.11 -36.23 -23.36
N ASN F 230 -10.99 -35.77 -24.25
CA ASN F 230 -11.49 -36.60 -25.34
C ASN F 230 -12.30 -37.80 -24.83
N GLY F 231 -12.88 -37.68 -23.63
CA GLY F 231 -13.66 -38.76 -23.03
C GLY F 231 -12.88 -39.93 -22.41
N ARG F 232 -11.60 -39.71 -22.11
CA ARG F 232 -10.76 -40.70 -21.41
C ARG F 232 -9.68 -39.97 -20.61
N PRO F 233 -8.89 -40.69 -19.79
CA PRO F 233 -7.82 -40.01 -19.03
C PRO F 233 -6.77 -39.40 -19.95
N ILE F 234 -6.26 -38.24 -19.58
CA ILE F 234 -5.10 -37.66 -20.25
C ILE F 234 -3.93 -38.64 -20.11
N THR F 235 -3.12 -38.78 -21.16
CA THR F 235 -1.98 -39.71 -21.10
C THR F 235 -0.80 -38.99 -20.44
N SER F 236 0.20 -39.74 -20.01
CA SER F 236 1.40 -39.15 -19.46
C SER F 236 2.02 -38.17 -20.43
N ASP F 237 2.16 -38.60 -21.67
CA ASP F 237 2.68 -37.75 -22.73
C ASP F 237 1.93 -36.42 -22.93
N GLU F 238 0.59 -36.49 -22.98
CA GLU F 238 -0.20 -35.25 -23.14
C GLU F 238 -0.01 -34.34 -21.91
N ALA F 239 0.10 -34.96 -20.74
CA ALA F 239 0.14 -34.19 -19.49
C ALA F 239 1.43 -33.42 -19.38
N LYS F 240 2.53 -34.07 -19.74
CA LYS F 240 3.83 -33.45 -19.61
C LYS F 240 3.95 -32.35 -20.65
N ARG F 241 3.34 -32.55 -21.81
CA ARG F 241 3.43 -31.56 -22.88
C ARG F 241 2.57 -30.30 -22.58
N MET F 242 1.49 -30.46 -21.81
CA MET F 242 0.73 -29.29 -21.37
C MET F 242 1.33 -28.65 -20.12
N CYS F 243 1.73 -29.46 -19.16
CA CYS F 243 2.38 -28.90 -17.95
C CYS F 243 3.64 -28.13 -18.36
N GLY F 244 4.33 -28.62 -19.37
CA GLY F 244 5.53 -27.99 -19.90
C GLY F 244 5.25 -26.56 -20.34
N LEU F 245 4.11 -26.39 -20.99
CA LEU F 245 3.69 -25.08 -21.50
C LEU F 245 3.08 -24.19 -20.43
N LEU F 246 2.49 -24.80 -19.41
CA LEU F 246 1.95 -24.03 -18.30
C LEU F 246 3.11 -23.29 -17.61
N LEU F 247 4.30 -23.92 -17.63
CA LEU F 247 5.52 -23.28 -17.13
C LEU F 247 6.07 -22.31 -18.17
N VAL F 248 6.47 -22.83 -19.31
CA VAL F 248 7.17 -22.03 -20.32
C VAL F 248 6.32 -20.85 -20.79
N GLY F 249 5.04 -21.10 -21.05
CA GLY F 249 4.12 -20.05 -21.48
C GLY F 249 3.99 -18.82 -20.59
N GLY F 250 4.29 -18.99 -19.31
CA GLY F 250 4.20 -17.91 -18.36
C GLY F 250 5.53 -17.31 -17.93
N LEU F 251 6.64 -17.69 -18.59
CA LEU F 251 7.94 -17.16 -18.15
C LEU F 251 8.37 -16.00 -19.03
N ASP F 252 8.94 -16.31 -20.19
CA ASP F 252 9.49 -15.27 -21.07
C ASP F 252 8.50 -14.16 -21.43
N THR F 253 7.24 -14.51 -21.67
CA THR F 253 6.21 -13.52 -21.90
C THR F 253 6.13 -12.52 -20.74
N VAL F 254 5.99 -13.04 -19.52
CA VAL F 254 5.88 -12.17 -18.34
C VAL F 254 7.14 -11.37 -18.11
N VAL F 255 8.29 -12.05 -18.08
CA VAL F 255 9.60 -11.43 -17.87
C VAL F 255 9.83 -10.27 -18.84
N ASN F 256 9.63 -10.53 -20.12
CA ASN F 256 9.82 -9.51 -21.13
C ASN F 256 8.76 -8.41 -21.09
N PHE F 257 7.50 -8.78 -20.89
CA PHE F 257 6.46 -7.77 -20.84
C PHE F 257 6.67 -6.83 -19.66
N LEU F 258 7.01 -7.39 -18.50
CA LEU F 258 7.24 -6.56 -17.34
C LEU F 258 8.40 -5.66 -17.64
N SER F 259 9.37 -6.18 -18.39
CA SER F 259 10.57 -5.40 -18.69
C SER F 259 10.30 -4.18 -19.59
N PHE F 260 9.61 -4.39 -20.70
CA PHE F 260 9.19 -3.30 -21.58
C PHE F 260 8.44 -2.23 -20.77
N SER F 261 7.56 -2.70 -19.88
CA SER F 261 6.73 -1.81 -19.10
C SER F 261 7.57 -1.04 -18.12
N MET F 262 8.50 -1.71 -17.41
CA MET F 262 9.31 -0.97 -16.45
C MET F 262 10.30 -0.05 -17.17
N GLU F 263 10.75 -0.43 -18.37
CA GLU F 263 11.60 0.47 -19.16
C GLU F 263 10.84 1.75 -19.49
N PHE F 264 9.59 1.61 -19.93
CA PHE F 264 8.77 2.77 -20.22
C PHE F 264 8.57 3.63 -18.97
N LEU F 265 8.25 3.01 -17.85
CA LEU F 265 7.96 3.82 -16.68
C LEU F 265 9.19 4.53 -16.17
N ALA F 266 10.34 3.87 -16.33
CA ALA F 266 11.63 4.44 -15.96
C ALA F 266 11.92 5.69 -16.80
N LYS F 267 11.45 5.69 -18.04
CA LYS F 267 11.71 6.84 -18.92
C LYS F 267 10.59 7.90 -18.91
N SER F 268 9.56 7.66 -18.12
CA SER F 268 8.33 8.46 -18.26
C SER F 268 7.74 8.92 -16.93
N PRO F 269 8.43 9.85 -16.25
CA PRO F 269 8.10 10.31 -14.91
C PRO F 269 6.65 10.75 -14.79
N GLU F 270 6.10 11.45 -15.79
CA GLU F 270 4.70 11.88 -15.72
C GLU F 270 3.78 10.69 -15.66
N HIS F 271 4.16 9.59 -16.31
CA HIS F 271 3.28 8.42 -16.28
C HIS F 271 3.35 7.72 -14.90
N ARG F 272 4.53 7.67 -14.30
CA ARG F 272 4.64 7.11 -12.96
C ARG F 272 3.78 7.94 -12.01
N GLN F 273 3.93 9.24 -12.13
CA GLN F 273 3.33 10.16 -11.17
C GLN F 273 1.83 10.01 -11.25
N GLU F 274 1.30 9.82 -12.46
CA GLU F 274 -0.13 9.59 -12.62
C GLU F 274 -0.57 8.40 -11.78
N LEU F 275 0.20 7.32 -11.81
CA LEU F 275 -0.22 6.08 -11.13
C LEU F 275 0.01 6.10 -9.62
N ILE F 276 1.05 6.79 -9.20
CA ILE F 276 1.24 7.06 -7.78
C ILE F 276 0.07 7.90 -7.24
N GLU F 277 -0.35 8.90 -8.01
CA GLU F 277 -1.44 9.79 -7.58
C GLU F 277 -2.82 9.17 -7.70
N ARG F 278 -3.01 8.30 -8.68
CA ARG F 278 -4.29 7.68 -8.93
C ARG F 278 -4.10 6.20 -9.01
N PRO F 279 -3.79 5.56 -7.86
CA PRO F 279 -3.50 4.12 -7.98
C PRO F 279 -4.67 3.33 -8.56
N GLU F 280 -5.89 3.84 -8.46
CA GLU F 280 -7.03 3.12 -9.03
C GLU F 280 -6.96 2.95 -10.57
N ARG F 281 -6.08 3.71 -11.23
CA ARG F 281 -5.92 3.59 -12.68
C ARG F 281 -4.89 2.51 -13.08
N ILE F 282 -4.28 1.83 -12.12
CA ILE F 282 -3.29 0.83 -12.49
C ILE F 282 -3.82 -0.29 -13.40
N PRO F 283 -4.99 -0.89 -13.07
CA PRO F 283 -5.50 -1.90 -14.02
C PRO F 283 -5.72 -1.37 -15.45
N ALA F 284 -6.37 -0.22 -15.60
CA ALA F 284 -6.51 0.43 -16.92
C ALA F 284 -5.11 0.70 -17.56
N ALA F 285 -4.18 1.23 -16.79
CA ALA F 285 -2.83 1.47 -17.30
C ALA F 285 -2.18 0.19 -17.81
N SER F 286 -2.35 -0.90 -17.06
N SER F 286 -2.37 -0.91 -17.08
CA SER F 286 -1.82 -2.18 -17.43
CA SER F 286 -1.78 -2.19 -17.46
C SER F 286 -2.34 -2.65 -18.78
C SER F 286 -2.34 -2.68 -18.80
N GLU F 287 -3.63 -2.44 -19.04
CA GLU F 287 -4.24 -2.81 -20.31
C GLU F 287 -3.64 -1.97 -21.46
N GLU F 288 -3.33 -0.72 -21.19
CA GLU F 288 -2.78 0.13 -22.22
C GLU F 288 -1.30 -0.22 -22.43
N LEU F 289 -0.58 -0.63 -21.38
CA LEU F 289 0.79 -1.08 -21.57
C LEU F 289 0.82 -2.40 -22.34
N LEU F 290 -0.14 -3.28 -22.06
CA LEU F 290 -0.32 -4.51 -22.85
C LEU F 290 -0.51 -4.24 -24.37
N ARG F 291 -1.27 -3.20 -24.71
CA ARG F 291 -1.41 -2.80 -26.12
C ARG F 291 -0.06 -2.28 -26.65
N ARG F 292 0.52 -1.30 -25.96
CA ARG F 292 1.67 -0.58 -26.49
C ARG F 292 2.93 -1.45 -26.55
N PHE F 293 3.07 -2.35 -25.59
CA PHE F 293 4.28 -3.17 -25.49
C PHE F 293 3.99 -4.67 -25.72
N SER F 294 2.98 -4.93 -26.54
CA SER F 294 2.65 -6.25 -27.05
C SER F 294 3.92 -6.91 -27.63
N LEU F 295 4.07 -8.21 -27.46
CA LEU F 295 5.37 -8.86 -27.72
C LEU F 295 5.35 -10.25 -28.37
N VAL F 296 4.18 -10.80 -28.66
CA VAL F 296 4.12 -12.15 -29.21
C VAL F 296 3.78 -12.16 -30.69
N ALA F 297 4.31 -13.13 -31.45
CA ALA F 297 3.98 -13.25 -32.86
C ALA F 297 4.06 -14.70 -33.32
N ASP F 298 2.91 -15.37 -33.34
CA ASP F 298 2.88 -16.68 -33.97
C ASP F 298 1.86 -16.66 -35.08
N GLY F 299 1.40 -17.82 -35.49
CA GLY F 299 0.57 -17.83 -36.67
C GLY F 299 -0.11 -19.16 -36.91
N ARG F 300 -0.43 -19.39 -38.18
CA ARG F 300 -1.23 -20.54 -38.55
C ARG F 300 -0.73 -21.04 -39.89
N ILE F 301 -1.27 -22.18 -40.31
CA ILE F 301 -0.95 -22.80 -41.59
C ILE F 301 -2.24 -23.05 -42.36
N LEU F 302 -2.17 -22.80 -43.67
CA LEU F 302 -3.30 -22.94 -44.57
C LEU F 302 -3.63 -24.40 -44.78
N THR F 303 -4.89 -24.73 -44.56
CA THR F 303 -5.34 -26.10 -44.73
C THR F 303 -5.74 -26.38 -46.18
N SER F 304 -5.98 -25.35 -46.96
CA SER F 304 -6.26 -25.55 -48.41
C SER F 304 -5.95 -24.26 -49.15
N ASP F 305 -6.01 -24.30 -50.48
CA ASP F 305 -5.85 -23.09 -51.27
C ASP F 305 -7.06 -22.23 -50.95
N TYR F 306 -6.82 -20.95 -50.72
CA TYR F 306 -7.87 -20.06 -50.24
C TYR F 306 -7.51 -18.65 -50.65
N GLU F 307 -8.45 -17.95 -51.29
CA GLU F 307 -8.23 -16.53 -51.56
C GLU F 307 -8.70 -15.67 -50.38
N PHE F 308 -7.78 -14.89 -49.86
CA PHE F 308 -7.99 -14.10 -48.69
C PHE F 308 -7.63 -12.65 -49.01
N HIS F 309 -8.63 -11.77 -48.94
CA HIS F 309 -8.43 -10.35 -49.15
C HIS F 309 -7.67 -10.08 -50.45
N GLY F 310 -8.04 -10.84 -51.47
CA GLY F 310 -7.57 -10.62 -52.83
C GLY F 310 -6.25 -11.32 -53.10
N VAL F 311 -5.76 -12.10 -52.13
CA VAL F 311 -4.46 -12.76 -52.27
C VAL F 311 -4.64 -14.27 -52.28
N GLN F 312 -3.99 -14.90 -53.24
CA GLN F 312 -4.02 -16.34 -53.36
C GLN F 312 -3.04 -16.99 -52.38
N LEU F 313 -3.60 -17.64 -51.37
CA LEU F 313 -2.86 -18.40 -50.39
C LEU F 313 -2.95 -19.85 -50.79
N LYS F 314 -1.87 -20.60 -50.55
CA LYS F 314 -1.79 -21.96 -50.99
C LYS F 314 -1.76 -22.88 -49.78
N LYS F 315 -2.40 -24.05 -49.95
CA LYS F 315 -2.38 -25.08 -48.92
C LYS F 315 -0.97 -25.31 -48.43
N GLY F 316 -0.81 -25.34 -47.11
CA GLY F 316 0.49 -25.56 -46.51
C GLY F 316 1.33 -24.28 -46.34
N ASP F 317 0.89 -23.18 -46.92
CA ASP F 317 1.55 -21.89 -46.69
C ASP F 317 1.44 -21.53 -45.20
N GLN F 318 2.53 -21.02 -44.63
CA GLN F 318 2.45 -20.46 -43.29
C GLN F 318 2.13 -18.98 -43.36
N ILE F 319 1.33 -18.53 -42.40
CA ILE F 319 1.07 -17.10 -42.24
C ILE F 319 1.24 -16.66 -40.79
N LEU F 320 2.15 -15.73 -40.62
CA LEU F 320 2.36 -15.04 -39.36
C LEU F 320 1.22 -14.05 -39.19
N LEU F 321 0.60 -14.07 -38.03
CA LEU F 321 -0.51 -13.22 -37.65
C LEU F 321 -0.09 -12.56 -36.32
N PRO F 322 0.87 -11.65 -36.40
CA PRO F 322 1.54 -11.11 -35.21
C PRO F 322 0.59 -10.42 -34.21
N GLN F 323 0.41 -11.05 -33.05
CA GLN F 323 -0.47 -10.51 -32.01
C GLN F 323 -0.07 -9.07 -31.70
N MET F 324 1.23 -8.82 -31.77
CA MET F 324 1.82 -7.51 -31.49
C MET F 324 1.24 -6.39 -32.34
N LEU F 325 0.90 -6.69 -33.61
CA LEU F 325 0.58 -5.59 -34.54
C LEU F 325 -0.84 -5.04 -34.40
N SER F 326 -1.80 -5.83 -33.97
CA SER F 326 -3.20 -5.36 -33.93
C SER F 326 -3.34 -4.04 -33.17
N GLY F 327 -2.70 -3.97 -31.99
CA GLY F 327 -2.87 -2.84 -31.09
C GLY F 327 -2.08 -1.61 -31.50
N LEU F 328 -1.10 -1.84 -32.37
CA LEU F 328 -0.26 -0.77 -32.90
C LEU F 328 -0.81 -0.19 -34.18
N ASP F 329 -1.83 -0.85 -34.73
CA ASP F 329 -2.47 -0.49 -35.99
C ASP F 329 -3.21 0.84 -35.84
N GLU F 330 -2.79 1.88 -36.57
CA GLU F 330 -3.41 3.21 -36.47
C GLU F 330 -4.90 3.12 -36.80
N ARG F 331 -5.28 2.11 -37.57
CA ARG F 331 -6.67 1.98 -37.93
C ARG F 331 -7.51 1.55 -36.74
N GLU F 332 -6.87 0.99 -35.71
CA GLU F 332 -7.58 0.45 -34.56
C GLU F 332 -7.42 1.35 -33.35
N ASN F 333 -6.31 2.08 -33.30
CA ASN F 333 -6.07 2.98 -32.18
C ASN F 333 -5.40 4.27 -32.64
N ALA F 334 -6.06 5.39 -32.40
CA ALA F 334 -5.48 6.70 -32.72
C ALA F 334 -4.14 6.93 -32.00
N ALA F 335 -3.14 7.39 -32.76
CA ALA F 335 -1.81 7.67 -32.24
C ALA F 335 -1.29 6.47 -31.46
N PRO F 336 -1.00 5.39 -32.19
CA PRO F 336 -0.82 4.11 -31.52
C PRO F 336 0.45 4.02 -30.66
N MET F 337 1.45 4.84 -30.92
CA MET F 337 2.69 4.79 -30.13
C MET F 337 2.56 5.62 -28.85
N HIS F 338 1.47 6.37 -28.75
CA HIS F 338 1.16 7.17 -27.56
C HIS F 338 0.55 6.28 -26.48
N VAL F 339 1.08 6.40 -25.26
CA VAL F 339 0.55 5.71 -24.09
C VAL F 339 -0.37 6.66 -23.33
N ASP F 340 -1.64 6.31 -23.29
CA ASP F 340 -2.63 7.14 -22.60
C ASP F 340 -3.38 6.21 -21.69
N PHE F 341 -3.16 6.38 -20.39
CA PHE F 341 -3.79 5.54 -19.41
C PHE F 341 -5.28 5.81 -19.38
N SER F 342 -5.69 6.95 -19.93
CA SER F 342 -7.11 7.23 -20.13
C SER F 342 -7.56 6.94 -21.55
N ARG F 343 -6.81 6.12 -22.28
CA ARG F 343 -7.20 5.77 -23.64
C ARG F 343 -8.56 5.11 -23.58
N GLN F 344 -9.44 5.40 -24.53
CA GLN F 344 -10.85 5.04 -24.35
C GLN F 344 -11.38 3.77 -24.99
N CYS F 345 -10.93 3.45 -26.18
CA CYS F 345 -11.34 2.19 -26.79
C CYS F 345 -10.05 1.43 -27.05
N VAL F 346 -9.46 0.91 -25.97
CA VAL F 346 -8.18 0.20 -26.05
C VAL F 346 -8.32 -1.13 -26.75
N SER F 347 -7.89 -1.18 -28.00
CA SER F 347 -8.02 -2.37 -28.86
C SER F 347 -6.68 -3.05 -28.99
N HIS F 348 -6.63 -4.35 -28.71
CA HIS F 348 -5.41 -5.13 -28.88
C HIS F 348 -5.72 -6.62 -29.00
N THR F 349 -4.74 -7.40 -29.48
CA THR F 349 -4.79 -8.87 -29.41
C THR F 349 -3.49 -9.35 -28.77
N THR F 350 -3.07 -8.65 -27.73
CA THR F 350 -1.81 -8.96 -27.07
C THR F 350 -1.78 -10.34 -26.49
N PHE F 351 -2.94 -10.85 -26.07
CA PHE F 351 -3.04 -12.23 -25.57
C PHE F 351 -3.50 -13.20 -26.67
N GLY F 352 -3.62 -12.70 -27.88
CA GLY F 352 -4.13 -13.51 -28.96
C GLY F 352 -5.60 -13.25 -29.18
N HIS F 353 -6.19 -14.08 -30.02
CA HIS F 353 -7.58 -13.89 -30.43
C HIS F 353 -8.06 -15.25 -30.88
N GLY F 354 -9.34 -15.52 -30.70
CA GLY F 354 -9.87 -16.82 -31.12
C GLY F 354 -9.79 -17.82 -29.98
N SER F 355 -9.99 -19.10 -30.27
CA SER F 355 -10.09 -20.10 -29.25
C SER F 355 -8.79 -20.29 -28.47
N HIS F 356 -7.66 -19.86 -29.04
CA HIS F 356 -6.36 -19.99 -28.36
C HIS F 356 -5.96 -18.75 -27.56
N LEU F 357 -6.86 -17.81 -27.41
CA LEU F 357 -6.49 -16.60 -26.65
C LEU F 357 -5.93 -17.05 -25.30
N CYS F 358 -4.75 -16.50 -24.93
CA CYS F 358 -3.98 -16.97 -23.76
C CYS F 358 -4.81 -17.49 -22.60
N LEU F 359 -4.65 -18.75 -22.26
CA LEU F 359 -5.41 -19.32 -21.14
C LEU F 359 -4.82 -18.86 -19.79
N GLY F 360 -3.65 -18.23 -19.83
CA GLY F 360 -3.05 -17.64 -18.65
C GLY F 360 -3.34 -16.15 -18.48
N GLN F 361 -4.27 -15.62 -19.29
CA GLN F 361 -4.47 -14.17 -19.34
C GLN F 361 -4.76 -13.57 -17.96
N HIS F 362 -5.58 -14.26 -17.18
CA HIS F 362 -5.97 -13.77 -15.85
C HIS F 362 -4.81 -13.78 -14.88
N LEU F 363 -3.97 -14.81 -14.94
CA LEU F 363 -2.76 -14.83 -14.15
C LEU F 363 -1.80 -13.72 -14.60
N ALA F 364 -1.67 -13.57 -15.92
CA ALA F 364 -0.79 -12.54 -16.45
C ALA F 364 -1.18 -11.15 -15.93
N ARG F 365 -2.46 -10.80 -16.04
CA ARG F 365 -2.90 -9.48 -15.62
C ARG F 365 -2.67 -9.28 -14.12
N ARG F 366 -2.91 -10.31 -13.31
CA ARG F 366 -2.73 -10.17 -11.87
C ARG F 366 -1.26 -9.92 -11.54
N GLU F 367 -0.36 -10.61 -12.24
CA GLU F 367 1.08 -10.41 -12.07
C GLU F 367 1.50 -8.99 -12.45
N ILE F 368 0.96 -8.49 -13.53
CA ILE F 368 1.29 -7.17 -14.00
C ILE F 368 0.80 -6.12 -13.01
N ILE F 369 -0.47 -6.21 -12.62
CA ILE F 369 -1.10 -5.19 -11.77
C ILE F 369 -0.52 -5.22 -10.33
N VAL F 370 -0.34 -6.41 -9.76
CA VAL F 370 0.35 -6.53 -8.47
C VAL F 370 1.77 -5.93 -8.57
N THR F 371 2.51 -6.26 -9.62
CA THR F 371 3.88 -5.76 -9.77
C THR F 371 3.90 -4.23 -9.79
N LEU F 372 3.06 -3.65 -10.63
CA LEU F 372 3.03 -2.20 -10.74
C LEU F 372 2.60 -1.56 -9.43
N LYS F 373 1.55 -2.10 -8.81
CA LYS F 373 1.08 -1.53 -7.54
C LYS F 373 2.15 -1.55 -6.43
N GLU F 374 2.75 -2.71 -6.22
CA GLU F 374 3.78 -2.90 -5.20
C GLU F 374 5.06 -2.16 -5.51
N TRP F 375 5.47 -2.09 -6.79
CA TRP F 375 6.70 -1.38 -7.13
C TRP F 375 6.55 0.13 -6.88
N LEU F 376 5.48 0.73 -7.39
CA LEU F 376 5.33 2.16 -7.33
C LEU F 376 5.03 2.61 -5.90
N THR F 377 4.53 1.71 -5.08
CA THR F 377 4.30 2.05 -3.68
C THR F 377 5.62 2.12 -2.92
N ARG F 378 6.59 1.29 -3.31
CA ARG F 378 7.82 1.19 -2.55
C ARG F 378 8.94 1.99 -3.17
N ILE F 379 8.96 2.02 -4.50
CA ILE F 379 10.02 2.66 -5.24
C ILE F 379 9.36 3.52 -6.31
N PRO F 380 8.81 4.67 -5.90
CA PRO F 380 8.03 5.50 -6.83
C PRO F 380 8.89 6.22 -7.82
N ASP F 381 10.15 6.48 -7.46
CA ASP F 381 11.00 7.32 -8.28
C ASP F 381 12.24 6.55 -8.74
N PHE F 382 12.29 6.16 -10.03
CA PHE F 382 13.41 5.39 -10.57
C PHE F 382 13.72 5.73 -12.01
N SER F 383 14.90 5.37 -12.46
CA SER F 383 15.33 5.73 -13.80
C SER F 383 16.26 4.66 -14.31
N ILE F 384 16.55 4.73 -15.61
CA ILE F 384 17.53 3.84 -16.24
C ILE F 384 18.94 4.20 -15.75
N ALA F 385 19.78 3.21 -15.50
CA ALA F 385 21.12 3.50 -15.00
C ALA F 385 21.89 4.30 -16.05
N PRO F 386 22.53 5.41 -15.64
CA PRO F 386 23.39 6.20 -16.52
C PRO F 386 24.32 5.34 -17.31
N GLY F 387 24.38 5.60 -18.61
CA GLY F 387 25.32 4.93 -19.47
C GLY F 387 24.82 3.62 -20.03
N ALA F 388 23.66 3.14 -19.57
CA ALA F 388 23.13 1.87 -20.09
C ALA F 388 22.43 2.09 -21.41
N GLN F 389 22.74 1.25 -22.39
CA GLN F 389 21.97 1.19 -23.64
C GLN F 389 21.08 -0.08 -23.58
N ILE F 390 19.77 0.12 -23.49
CA ILE F 390 18.83 -0.99 -23.42
C ILE F 390 18.69 -1.65 -24.80
N GLN F 391 18.82 -2.97 -24.83
CA GLN F 391 18.73 -3.74 -26.07
C GLN F 391 17.50 -4.59 -26.08
N HIS F 392 16.72 -4.41 -27.13
CA HIS F 392 15.59 -5.30 -27.38
C HIS F 392 16.04 -6.46 -28.27
N LYS F 393 15.25 -7.52 -28.22
CA LYS F 393 15.39 -8.65 -29.13
C LYS F 393 14.02 -9.02 -29.70
N SER F 394 14.04 -9.62 -30.88
CA SER F 394 12.84 -9.93 -31.63
C SER F 394 12.72 -11.43 -31.89
N GLY F 395 11.49 -11.93 -31.91
CA GLY F 395 11.25 -13.33 -32.24
C GLY F 395 9.79 -13.65 -32.04
N ILE F 396 9.49 -14.91 -31.75
CA ILE F 396 8.12 -15.32 -31.47
C ILE F 396 7.65 -14.61 -30.20
N VAL F 397 8.56 -14.49 -29.24
CA VAL F 397 8.32 -13.62 -28.08
C VAL F 397 9.44 -12.61 -28.12
N SER F 398 9.12 -11.32 -28.22
CA SER F 398 10.17 -10.32 -28.26
C SER F 398 10.49 -9.90 -26.85
N GLY F 399 11.63 -9.28 -26.63
CA GLY F 399 11.97 -8.89 -25.27
C GLY F 399 13.06 -7.83 -25.10
N VAL F 400 13.54 -7.76 -23.86
CA VAL F 400 14.53 -6.81 -23.42
C VAL F 400 15.68 -7.64 -22.86
N GLN F 401 16.90 -7.38 -23.29
CA GLN F 401 18.03 -8.18 -22.78
C GLN F 401 18.32 -7.96 -21.30
N ALA F 402 18.27 -6.70 -20.87
CA ALA F 402 18.60 -6.35 -19.49
C ALA F 402 18.00 -4.97 -19.22
N LEU F 403 17.71 -4.70 -17.95
CA LEU F 403 17.13 -3.41 -17.57
C LEU F 403 17.76 -2.89 -16.27
N PRO F 404 18.97 -2.33 -16.37
CA PRO F 404 19.57 -1.72 -15.19
C PRO F 404 18.79 -0.46 -14.78
N LEU F 405 18.25 -0.48 -13.56
CA LEU F 405 17.54 0.65 -12.98
C LEU F 405 18.28 1.16 -11.77
N VAL F 406 18.16 2.46 -11.49
CA VAL F 406 18.75 3.07 -10.32
C VAL F 406 17.70 3.93 -9.62
N TRP F 407 17.85 4.11 -8.31
CA TRP F 407 17.01 5.06 -7.57
C TRP F 407 17.73 5.49 -6.31
N ASP F 408 17.26 6.60 -5.74
CA ASP F 408 17.75 7.09 -4.45
C ASP F 408 16.93 6.42 -3.33
N PRO F 409 17.58 5.59 -2.49
CA PRO F 409 16.89 4.89 -1.39
C PRO F 409 16.11 5.80 -0.42
N ALA F 410 16.57 7.04 -0.26
CA ALA F 410 15.87 7.99 0.57
C ALA F 410 14.47 8.33 0.01
N THR F 411 14.22 7.99 -1.25
CA THR F 411 12.92 8.30 -1.85
C THR F 411 11.97 7.11 -1.82
N THR F 412 12.40 6.04 -1.17
CA THR F 412 11.59 4.84 -1.12
C THR F 412 10.75 4.84 0.15
N LYS F 413 9.75 3.94 0.17
CA LYS F 413 8.71 3.91 1.20
C LYS F 413 8.55 2.49 1.73
N ALA F 414 8.10 2.37 2.98
CA ALA F 414 7.75 1.08 3.58
C ALA F 414 6.25 0.91 3.52
N VAL F 415 5.57 2.01 3.82
CA VAL F 415 4.11 2.11 3.77
C VAL F 415 3.45 1.13 4.75
N SER G 8 43.12 50.88 -32.97
CA SER G 8 44.51 50.38 -32.74
C SER G 8 44.75 49.04 -33.45
N LYS G 9 46.02 48.73 -33.74
CA LYS G 9 46.37 47.48 -34.44
C LYS G 9 46.75 46.31 -33.55
N VAL G 10 46.34 45.11 -33.97
CA VAL G 10 46.72 43.85 -33.33
C VAL G 10 47.18 42.91 -34.43
N VAL G 11 48.31 42.24 -34.22
CA VAL G 11 48.82 41.26 -35.18
C VAL G 11 48.65 39.88 -34.54
N TYR G 12 47.94 38.99 -35.25
CA TYR G 12 47.79 37.59 -34.84
C TYR G 12 48.72 36.71 -35.69
N VAL G 13 49.66 36.02 -35.05
CA VAL G 13 50.65 35.17 -35.75
C VAL G 13 50.28 33.71 -35.52
N SER G 14 49.92 33.00 -36.58
CA SER G 14 49.57 31.58 -36.47
C SER G 14 50.79 30.73 -36.15
N HIS G 15 50.53 29.48 -35.79
CA HIS G 15 51.59 28.53 -35.48
C HIS G 15 52.59 28.38 -36.63
N ASP G 16 52.17 28.57 -37.87
CA ASP G 16 53.09 28.44 -39.01
C ASP G 16 53.72 29.77 -39.42
N GLY G 17 53.52 30.81 -38.63
CA GLY G 17 54.15 32.09 -38.88
C GLY G 17 53.26 33.09 -39.61
N THR G 18 52.13 32.64 -40.15
CA THR G 18 51.27 33.56 -40.90
C THR G 18 50.79 34.70 -40.01
N ARG G 19 51.09 35.93 -40.45
CA ARG G 19 50.79 37.15 -39.72
C ARG G 19 49.50 37.78 -40.24
N ARG G 20 48.58 38.07 -39.33
CA ARG G 20 47.37 38.81 -39.70
C ARG G 20 47.13 40.00 -38.78
N GLU G 21 47.06 41.17 -39.37
CA GLU G 21 46.87 42.39 -38.62
C GLU G 21 45.42 42.80 -38.69
N LEU G 22 44.88 43.23 -37.56
CA LEU G 22 43.51 43.68 -37.48
C LEU G 22 43.48 45.07 -36.85
N ASP G 23 42.55 45.88 -37.33
CA ASP G 23 42.14 47.12 -36.69
C ASP G 23 41.08 46.76 -35.67
N VAL G 24 41.34 47.07 -34.41
CA VAL G 24 40.51 46.58 -33.31
C VAL G 24 40.09 47.79 -32.47
N ALA G 25 38.78 47.97 -32.32
CA ALA G 25 38.24 49.10 -31.58
C ALA G 25 38.55 49.01 -30.10
N CYS G 26 38.81 50.17 -29.53
CA CYS G 26 39.03 50.29 -28.10
C CYS G 26 37.87 49.60 -27.34
N GLY G 27 38.21 48.72 -26.40
CA GLY G 27 37.19 48.02 -25.61
C GLY G 27 36.78 46.66 -26.15
N VAL G 28 37.26 46.31 -27.32
CA VAL G 28 36.99 44.99 -27.90
C VAL G 28 38.07 44.00 -27.43
N SER G 29 37.70 42.76 -27.08
CA SER G 29 38.70 41.75 -26.68
C SER G 29 39.39 41.15 -27.91
N LEU G 30 40.59 40.60 -27.70
CA LEU G 30 41.37 40.09 -28.79
C LEU G 30 40.78 38.80 -29.29
N MET G 31 40.02 38.12 -28.45
CA MET G 31 39.19 37.00 -28.91
C MET G 31 38.10 37.54 -29.84
N GLN G 32 37.35 38.56 -29.42
CA GLN G 32 36.24 39.06 -30.21
C GLN G 32 36.70 39.49 -31.59
N ALA G 33 37.79 40.24 -31.64
CA ALA G 33 38.30 40.70 -32.91
C ALA G 33 38.68 39.51 -33.78
N ALA G 34 39.32 38.50 -33.20
CA ALA G 34 39.71 37.32 -33.96
C ALA G 34 38.51 36.57 -34.53
N VAL G 35 37.52 36.30 -33.68
CA VAL G 35 36.36 35.51 -34.10
C VAL G 35 35.49 36.28 -35.08
N SER G 36 35.51 37.60 -34.98
CA SER G 36 34.81 38.47 -35.92
C SER G 36 35.44 38.50 -37.33
N ASN G 37 36.71 38.13 -37.45
CA ASN G 37 37.46 38.34 -38.70
C ASN G 37 38.08 37.08 -39.29
N GLY G 38 37.58 35.91 -38.91
CA GLY G 38 37.99 34.70 -39.57
C GLY G 38 39.35 34.17 -39.14
N ILE G 39 39.77 34.51 -37.92
CA ILE G 39 40.96 33.90 -37.34
C ILE G 39 40.51 32.63 -36.61
N TYR G 40 40.35 31.55 -37.37
CA TYR G 40 39.76 30.31 -36.89
C TYR G 40 40.64 29.55 -35.87
N ASP G 41 41.93 29.85 -35.82
CA ASP G 41 42.80 29.18 -34.84
C ASP G 41 42.57 29.71 -33.42
N ILE G 42 41.68 30.69 -33.32
CA ILE G 42 41.12 31.13 -32.03
C ILE G 42 39.62 30.76 -32.07
N VAL G 43 39.17 29.93 -31.14
CA VAL G 43 37.81 29.41 -31.23
C VAL G 43 36.84 30.30 -30.44
N GLY G 44 37.19 30.61 -29.20
CA GLY G 44 36.35 31.44 -28.34
C GLY G 44 34.99 30.84 -27.98
N ASP G 45 35.00 29.55 -27.63
CA ASP G 45 33.79 28.79 -27.46
C ASP G 45 32.87 29.27 -26.31
N CYS G 46 33.44 29.74 -25.21
CA CYS G 46 32.57 30.15 -24.10
C CYS G 46 32.04 31.59 -24.29
N GLY G 47 32.48 32.25 -25.34
CA GLY G 47 32.01 33.59 -25.61
C GLY G 47 32.71 34.64 -24.78
N GLY G 48 33.79 34.27 -24.08
CA GLY G 48 34.71 35.24 -23.49
C GLY G 48 34.65 35.50 -21.98
N SER G 49 34.30 34.48 -21.17
CA SER G 49 34.30 34.61 -19.71
C SER G 49 35.38 33.81 -18.96
N ALA G 50 36.48 33.50 -19.64
CA ALA G 50 37.51 32.62 -19.08
C ALA G 50 36.89 31.30 -18.59
N SER G 51 36.13 30.65 -19.45
CA SER G 51 35.35 29.45 -19.05
C SER G 51 35.71 28.22 -19.90
N CYS G 52 36.57 28.39 -20.91
CA CYS G 52 36.82 27.30 -21.87
C CYS G 52 38.27 27.16 -22.34
N ALA G 53 39.05 28.23 -22.24
CA ALA G 53 40.45 28.21 -22.65
C ALA G 53 40.67 27.92 -24.15
N THR G 54 39.66 28.13 -25.00
CA THR G 54 39.83 27.97 -26.45
C THR G 54 40.18 29.28 -27.19
N CYS G 55 40.72 30.26 -26.47
CA CYS G 55 41.14 31.53 -27.04
C CYS G 55 42.59 31.81 -26.63
N HIS G 56 43.29 30.72 -26.28
CA HIS G 56 44.67 30.76 -25.82
C HIS G 56 45.59 31.46 -26.83
N VAL G 57 46.37 32.44 -26.36
CA VAL G 57 47.45 33.04 -27.18
C VAL G 57 48.71 33.26 -26.33
N TYR G 58 49.82 33.51 -27.01
CA TYR G 58 51.10 33.86 -26.37
C TYR G 58 51.40 35.32 -26.65
N VAL G 59 51.44 36.12 -25.60
CA VAL G 59 51.66 37.54 -25.78
C VAL G 59 53.14 37.80 -25.99
N ASN G 60 53.46 38.55 -27.04
CA ASN G 60 54.84 38.96 -27.36
C ASN G 60 55.48 39.67 -26.17
N GLU G 61 56.74 39.38 -25.91
CA GLU G 61 57.39 39.90 -24.69
C GLU G 61 57.34 41.43 -24.59
N ALA G 62 57.17 42.11 -25.70
CA ALA G 62 57.17 43.57 -25.74
C ALA G 62 55.92 44.15 -25.08
N PHE G 63 54.93 43.32 -24.84
CA PHE G 63 53.64 43.75 -24.30
C PHE G 63 53.19 43.01 -23.06
N THR G 64 53.96 42.01 -22.64
CA THR G 64 53.55 41.20 -21.48
C THR G 64 53.41 42.03 -20.21
N ASP G 65 54.22 43.06 -20.10
CA ASP G 65 54.22 43.94 -18.94
C ASP G 65 53.21 45.07 -19.07
N LYS G 66 52.63 45.20 -20.26
CA LYS G 66 51.78 46.33 -20.58
C LYS G 66 50.32 45.93 -20.46
N VAL G 67 49.99 44.71 -20.87
CA VAL G 67 48.64 44.22 -20.76
C VAL G 67 48.31 44.02 -19.30
N PRO G 68 47.09 44.39 -18.86
CA PRO G 68 46.66 44.10 -17.49
C PRO G 68 46.89 42.64 -17.10
N ALA G 69 47.36 42.40 -15.87
CA ALA G 69 47.73 41.05 -15.44
C ALA G 69 46.50 40.14 -15.41
N ALA G 70 46.73 38.86 -15.66
CA ALA G 70 45.65 37.89 -15.62
C ALA G 70 45.12 37.76 -14.20
N ASN G 71 43.80 37.82 -14.00
CA ASN G 71 43.23 37.65 -12.66
C ASN G 71 43.21 36.18 -12.23
N GLU G 72 42.68 35.90 -11.04
CA GLU G 72 42.68 34.54 -10.50
C GLU G 72 41.89 33.59 -11.41
N ARG G 73 40.70 33.99 -11.82
CA ARG G 73 39.90 33.17 -12.74
C ARG G 73 40.66 32.79 -14.03
N GLU G 74 41.28 33.78 -14.68
CA GLU G 74 42.06 33.48 -15.88
C GLU G 74 43.20 32.47 -15.61
N ILE G 75 43.92 32.65 -14.51
CA ILE G 75 45.03 31.77 -14.18
C ILE G 75 44.54 30.35 -14.01
N GLY G 76 43.42 30.19 -13.32
CA GLY G 76 42.79 28.89 -13.13
C GLY G 76 42.40 28.25 -14.46
N MET G 77 41.83 29.05 -15.36
CA MET G 77 41.33 28.51 -16.63
C MET G 77 42.52 28.10 -17.49
N LEU G 78 43.61 28.85 -17.39
CA LEU G 78 44.77 28.62 -18.25
C LEU G 78 45.38 27.23 -17.99
N GLU G 79 45.08 26.67 -16.82
CA GLU G 79 45.53 25.33 -16.45
C GLU G 79 44.99 24.28 -17.44
N SER G 80 43.89 24.60 -18.12
CA SER G 80 43.29 23.64 -19.06
C SER G 80 43.65 23.87 -20.52
N VAL G 81 44.58 24.78 -20.84
CA VAL G 81 44.97 24.94 -22.25
C VAL G 81 45.44 23.59 -22.80
N THR G 82 45.16 23.31 -24.07
CA THR G 82 45.60 22.07 -24.71
C THR G 82 46.97 22.25 -25.36
N ALA G 83 47.26 23.44 -25.87
CA ALA G 83 48.61 23.70 -26.41
C ALA G 83 49.57 23.92 -25.25
N GLU G 84 50.88 23.97 -25.51
CA GLU G 84 51.87 24.24 -24.45
C GLU G 84 51.57 25.51 -23.66
N LEU G 85 51.49 25.40 -22.34
CA LEU G 85 51.39 26.57 -21.49
C LEU G 85 52.79 27.16 -21.38
N LYS G 86 52.91 28.42 -21.76
CA LYS G 86 54.18 29.16 -21.67
C LYS G 86 54.03 30.34 -20.71
N PRO G 87 55.15 30.92 -20.24
CA PRO G 87 55.06 32.00 -19.27
C PRO G 87 54.20 33.16 -19.76
N ASN G 88 54.13 33.34 -21.07
CA ASN G 88 53.35 34.45 -21.65
C ASN G 88 51.98 34.04 -22.21
N SER G 89 51.49 32.86 -21.82
CA SER G 89 50.15 32.41 -22.20
C SER G 89 49.15 33.31 -21.51
N ARG G 90 48.20 33.81 -22.31
CA ARG G 90 46.97 34.45 -21.87
C ARG G 90 45.77 33.91 -22.63
N LEU G 91 44.61 34.12 -22.06
CA LEU G 91 43.36 34.00 -22.77
C LEU G 91 43.05 35.33 -23.41
N CYS G 92 42.93 35.36 -24.73
CA CYS G 92 42.74 36.63 -25.44
C CYS G 92 41.36 37.25 -25.21
N CYS G 93 40.40 36.47 -24.72
CA CYS G 93 39.12 37.08 -24.32
C CYS G 93 39.31 38.00 -23.09
N GLN G 94 40.43 37.85 -22.38
CA GLN G 94 40.67 38.64 -21.18
C GLN G 94 41.54 39.83 -21.48
N ILE G 95 41.93 40.01 -22.75
CA ILE G 95 42.76 41.15 -23.13
C ILE G 95 41.87 42.14 -23.88
N ILE G 96 41.58 43.24 -23.21
CA ILE G 96 40.72 44.26 -23.76
C ILE G 96 41.62 45.28 -24.45
N MET G 97 41.40 45.46 -25.76
CA MET G 97 42.15 46.43 -26.55
C MET G 97 42.00 47.86 -26.02
N THR G 98 43.12 48.56 -25.96
CA THR G 98 43.14 50.00 -25.70
C THR G 98 44.27 50.53 -26.54
N PRO G 99 44.41 51.85 -26.62
CA PRO G 99 45.55 52.43 -27.35
C PRO G 99 46.92 52.08 -26.76
N GLU G 100 46.99 51.80 -25.46
CA GLU G 100 48.26 51.39 -24.85
C GLU G 100 48.85 50.19 -25.59
N LEU G 101 47.97 49.32 -26.07
CA LEU G 101 48.38 48.05 -26.65
C LEU G 101 48.48 48.09 -28.18
N ASP G 102 48.35 49.28 -28.76
CA ASP G 102 48.47 49.42 -30.22
C ASP G 102 49.75 48.73 -30.74
N GLY G 103 49.61 47.83 -31.69
CA GLY G 103 50.77 47.15 -32.27
C GLY G 103 51.11 45.81 -31.61
N ILE G 104 50.40 45.50 -30.54
CA ILE G 104 50.56 44.24 -29.84
C ILE G 104 50.54 43.01 -30.78
N VAL G 105 51.50 42.12 -30.56
CA VAL G 105 51.54 40.85 -31.28
C VAL G 105 51.22 39.69 -30.35
N VAL G 106 50.33 38.81 -30.80
CA VAL G 106 50.09 37.56 -30.09
C VAL G 106 50.34 36.39 -31.04
N ASP G 107 51.01 35.35 -30.54
CA ASP G 107 51.11 34.12 -31.30
C ASP G 107 49.93 33.21 -30.91
N VAL G 108 49.37 32.52 -31.90
CA VAL G 108 48.26 31.61 -31.69
C VAL G 108 48.79 30.18 -31.74
N PRO G 109 48.49 29.39 -30.71
CA PRO G 109 49.06 28.03 -30.75
C PRO G 109 48.42 27.15 -31.82
N ASP G 110 48.97 25.95 -31.99
CA ASP G 110 48.51 25.04 -33.03
C ASP G 110 47.18 24.38 -32.72
N ARG G 111 46.67 24.54 -31.49
CA ARG G 111 45.39 23.96 -31.13
C ARG G 111 44.74 24.73 -29.98
N GLN G 112 43.40 24.64 -29.91
CA GLN G 112 42.62 25.19 -28.81
C GLN G 112 41.77 24.11 -28.11
N TRP G 113 41.13 23.26 -28.90
CA TRP G 113 40.38 22.13 -28.39
C TRP G 113 41.31 21.01 -27.94
N SER H 8 -25.06 0.88 -15.09
CA SER H 8 -26.33 0.10 -15.24
C SER H 8 -26.19 -1.30 -14.63
N LYS H 9 -27.28 -1.84 -14.11
CA LYS H 9 -27.21 -3.08 -13.35
C LYS H 9 -27.57 -4.32 -14.16
N VAL H 10 -26.79 -5.37 -13.93
CA VAL H 10 -27.05 -6.68 -14.48
C VAL H 10 -27.26 -7.63 -13.31
N VAL H 11 -28.27 -8.47 -13.43
CA VAL H 11 -28.53 -9.49 -12.44
C VAL H 11 -28.19 -10.86 -13.02
N TYR H 12 -27.20 -11.52 -12.44
CA TYR H 12 -26.80 -12.86 -12.85
C TYR H 12 -27.36 -13.86 -11.84
N VAL H 13 -28.25 -14.74 -12.29
CA VAL H 13 -28.90 -15.66 -11.38
C VAL H 13 -28.28 -17.00 -11.62
N SER H 14 -27.72 -17.60 -10.58
CA SER H 14 -27.03 -18.86 -10.78
C SER H 14 -28.03 -20.01 -10.89
N HIS H 15 -27.55 -21.14 -11.40
CA HIS H 15 -28.35 -22.34 -11.61
C HIS H 15 -29.17 -22.70 -10.36
N ASP H 16 -28.55 -22.48 -9.20
CA ASP H 16 -29.14 -22.86 -7.93
C ASP H 16 -30.05 -21.75 -7.36
N GLY H 17 -30.21 -20.66 -8.11
CA GLY H 17 -31.12 -19.59 -7.73
C GLY H 17 -30.47 -18.33 -7.18
N THR H 18 -29.20 -18.42 -6.84
CA THR H 18 -28.48 -17.29 -6.25
C THR H 18 -28.46 -16.06 -7.15
N ARG H 19 -29.00 -14.95 -6.67
CA ARG H 19 -28.96 -13.70 -7.44
C ARG H 19 -27.73 -12.86 -7.09
N ARG H 20 -26.92 -12.56 -8.09
CA ARG H 20 -25.81 -11.64 -7.90
C ARG H 20 -25.95 -10.43 -8.80
N GLU H 21 -26.04 -9.27 -8.16
CA GLU H 21 -26.24 -7.99 -8.83
C GLU H 21 -24.91 -7.25 -8.99
N LEU H 22 -24.56 -6.89 -10.23
CA LEU H 22 -23.36 -6.11 -10.49
C LEU H 22 -23.71 -4.84 -11.24
N ASP H 23 -22.96 -3.79 -10.93
CA ASP H 23 -22.96 -2.55 -11.68
C ASP H 23 -22.03 -2.73 -12.86
N VAL H 24 -22.53 -2.47 -14.06
CA VAL H 24 -21.73 -2.67 -15.27
C VAL H 24 -21.73 -1.42 -16.13
N ALA H 25 -20.54 -1.02 -16.56
CA ALA H 25 -20.35 0.16 -17.37
C ALA H 25 -20.71 -0.08 -18.83
N CYS H 26 -21.24 0.97 -19.46
CA CYS H 26 -21.53 0.98 -20.89
C CYS H 26 -20.36 0.45 -21.71
N GLY H 27 -20.65 -0.42 -22.67
CA GLY H 27 -19.63 -0.89 -23.61
C GLY H 27 -18.89 -2.15 -23.19
N VAL H 28 -19.18 -2.61 -21.98
CA VAL H 28 -18.57 -3.82 -21.45
C VAL H 28 -19.51 -5.00 -21.68
N SER H 29 -18.98 -6.11 -22.16
CA SER H 29 -19.81 -7.29 -22.44
C SER H 29 -20.31 -7.85 -21.12
N LEU H 30 -21.42 -8.56 -21.12
CA LEU H 30 -21.88 -9.15 -19.86
C LEU H 30 -20.88 -10.21 -19.38
N MET H 31 -20.22 -10.87 -20.32
CA MET H 31 -19.15 -11.78 -19.96
C MET H 31 -18.02 -11.09 -19.23
N GLN H 32 -17.54 -9.96 -19.76
CA GLN H 32 -16.40 -9.26 -19.11
C GLN H 32 -16.74 -8.88 -17.67
N ALA H 33 -17.94 -8.37 -17.47
CA ALA H 33 -18.32 -7.93 -16.12
C ALA H 33 -18.35 -9.13 -15.18
N ALA H 34 -18.90 -10.25 -15.63
CA ALA H 34 -19.01 -11.42 -14.77
C ALA H 34 -17.60 -11.87 -14.33
N VAL H 35 -16.73 -12.03 -15.30
CA VAL H 35 -15.40 -12.61 -15.08
C VAL H 35 -14.55 -11.73 -14.20
N SER H 36 -14.76 -10.43 -14.31
CA SER H 36 -14.05 -9.48 -13.49
C SER H 36 -14.52 -9.42 -12.04
N ASN H 37 -15.72 -9.93 -11.77
CA ASN H 37 -16.32 -9.78 -10.45
C ASN H 37 -16.74 -11.05 -9.76
N GLY H 38 -16.09 -12.15 -10.11
CA GLY H 38 -16.21 -13.37 -9.35
C GLY H 38 -17.47 -14.15 -9.65
N ILE H 39 -18.02 -13.93 -10.84
CA ILE H 39 -19.15 -14.69 -11.27
C ILE H 39 -18.59 -15.85 -12.07
N TYR H 40 -18.17 -16.86 -11.33
CA TYR H 40 -17.32 -17.91 -11.84
C TYR H 40 -18.06 -18.90 -12.71
N ASP H 41 -19.38 -18.97 -12.58
CA ASP H 41 -20.15 -19.86 -13.43
C ASP H 41 -20.23 -19.38 -14.90
N ILE H 42 -19.68 -18.20 -15.16
CA ILE H 42 -19.36 -17.78 -16.52
C ILE H 42 -17.83 -17.79 -16.61
N VAL H 43 -17.31 -18.58 -17.56
CA VAL H 43 -15.88 -18.81 -17.70
C VAL H 43 -15.24 -17.80 -18.64
N GLY H 44 -15.78 -17.66 -19.85
CA GLY H 44 -15.26 -16.67 -20.78
C GLY H 44 -13.89 -17.04 -21.32
N ASP H 45 -13.73 -18.32 -21.63
CA ASP H 45 -12.41 -18.88 -21.96
C ASP H 45 -11.67 -18.26 -23.15
N CYS H 46 -12.38 -18.03 -24.26
CA CYS H 46 -11.75 -17.47 -25.45
C CYS H 46 -11.56 -15.95 -25.37
N GLY H 47 -12.12 -15.34 -24.34
CA GLY H 47 -11.92 -13.92 -24.18
C GLY H 47 -12.90 -13.06 -24.96
N GLY H 48 -13.93 -13.66 -25.53
CA GLY H 48 -15.11 -12.88 -25.90
C GLY H 48 -15.26 -12.69 -27.40
N SER H 49 -14.75 -13.65 -28.17
CA SER H 49 -14.86 -13.62 -29.63
C SER H 49 -15.82 -14.68 -30.21
N ALA H 50 -16.75 -15.18 -29.41
CA ALA H 50 -17.66 -16.25 -29.89
C ALA H 50 -16.89 -17.43 -30.45
N SER H 51 -15.91 -17.89 -29.67
CA SER H 51 -15.06 -18.99 -30.09
C SER H 51 -15.04 -20.17 -29.14
N CYS H 52 -15.71 -20.11 -27.98
CA CYS H 52 -15.62 -21.21 -26.99
C CYS H 52 -16.95 -21.68 -26.38
N ALA H 53 -17.96 -20.83 -26.43
CA ALA H 53 -19.28 -21.10 -25.88
C ALA H 53 -19.28 -21.31 -24.37
N THR H 54 -18.25 -20.82 -23.68
CA THR H 54 -18.21 -20.93 -22.19
C THR H 54 -18.72 -19.68 -21.42
N CYS H 55 -19.47 -18.85 -22.12
CA CYS H 55 -20.03 -17.66 -21.52
C CYS H 55 -21.57 -17.66 -21.71
N HIS H 56 -22.08 -18.85 -21.93
CA HIS H 56 -23.50 -19.11 -22.19
C HIS H 56 -24.39 -18.58 -21.05
N VAL H 57 -25.47 -17.88 -21.43
CA VAL H 57 -26.50 -17.48 -20.47
C VAL H 57 -27.87 -17.51 -21.13
N TYR H 58 -28.91 -17.59 -20.29
CA TYR H 58 -30.28 -17.45 -20.73
C TYR H 58 -30.81 -16.05 -20.39
N VAL H 59 -31.12 -15.26 -21.41
CA VAL H 59 -31.63 -13.90 -21.25
C VAL H 59 -33.11 -13.89 -20.86
N ASN H 60 -33.43 -13.27 -19.74
CA ASN H 60 -34.81 -13.18 -19.29
C ASN H 60 -35.71 -12.63 -20.39
N GLU H 61 -36.89 -13.24 -20.55
CA GLU H 61 -37.74 -12.95 -21.71
C GLU H 61 -38.17 -11.49 -21.76
N ALA H 62 -38.18 -10.83 -20.61
CA ALA H 62 -38.55 -9.42 -20.52
C ALA H 62 -37.50 -8.49 -21.14
N PHE H 63 -36.33 -9.03 -21.52
CA PHE H 63 -35.25 -8.24 -22.13
C PHE H 63 -34.78 -8.72 -23.51
N THR H 64 -35.25 -9.86 -23.99
CA THR H 64 -34.71 -10.43 -25.24
C THR H 64 -34.90 -9.54 -26.48
N ASP H 65 -36.02 -8.84 -26.58
CA ASP H 65 -36.25 -7.97 -27.75
C ASP H 65 -35.59 -6.60 -27.62
N LYS H 66 -34.94 -6.35 -26.48
CA LYS H 66 -34.10 -5.17 -26.29
C LYS H 66 -32.65 -5.44 -26.69
N VAL H 67 -32.20 -6.66 -26.47
CA VAL H 67 -30.83 -7.02 -26.78
C VAL H 67 -30.69 -7.30 -28.29
N PRO H 68 -29.70 -6.67 -28.95
CA PRO H 68 -29.46 -6.88 -30.39
C PRO H 68 -29.36 -8.35 -30.79
N ALA H 69 -29.98 -8.72 -31.89
CA ALA H 69 -29.97 -10.10 -32.34
C ALA H 69 -28.55 -10.65 -32.42
N ALA H 70 -28.44 -11.97 -32.28
CA ALA H 70 -27.18 -12.67 -32.47
C ALA H 70 -26.82 -12.70 -33.95
N ASN H 71 -25.55 -12.41 -34.24
CA ASN H 71 -25.02 -12.49 -35.60
C ASN H 71 -24.73 -13.93 -35.95
N GLU H 72 -24.22 -14.20 -37.14
CA GLU H 72 -24.03 -15.58 -37.60
C GLU H 72 -22.97 -16.32 -36.78
N ARG H 73 -21.91 -15.63 -36.39
CA ARG H 73 -20.83 -16.31 -35.68
C ARG H 73 -21.36 -16.84 -34.34
N GLU H 74 -22.12 -15.99 -33.64
CA GLU H 74 -22.71 -16.37 -32.36
C GLU H 74 -23.67 -17.53 -32.53
N ILE H 75 -24.52 -17.45 -33.54
CA ILE H 75 -25.49 -18.50 -33.80
C ILE H 75 -24.75 -19.83 -33.98
N GLY H 76 -23.70 -19.80 -34.81
CA GLY H 76 -22.90 -20.97 -35.04
C GLY H 76 -22.31 -21.52 -33.75
N MET H 77 -21.71 -20.66 -32.93
CA MET H 77 -20.97 -21.12 -31.76
C MET H 77 -21.94 -21.68 -30.71
N LEU H 78 -23.10 -21.05 -30.62
CA LEU H 78 -24.14 -21.48 -29.70
C LEU H 78 -24.54 -22.94 -29.89
N GLU H 79 -24.37 -23.48 -31.10
CA GLU H 79 -24.72 -24.88 -31.38
C GLU H 79 -24.00 -25.85 -30.44
N SER H 80 -22.85 -25.46 -29.93
CA SER H 80 -22.06 -26.35 -29.10
C SER H 80 -22.03 -26.01 -27.60
N VAL H 81 -22.92 -25.16 -27.11
CA VAL H 81 -22.97 -24.94 -25.65
C VAL H 81 -23.28 -26.28 -25.04
N THR H 82 -22.81 -26.51 -23.83
CA THR H 82 -22.85 -27.85 -23.22
C THR H 82 -24.07 -28.07 -22.32
N ALA H 83 -24.69 -26.99 -21.87
CA ALA H 83 -25.96 -27.09 -21.15
C ALA H 83 -27.06 -26.98 -22.19
N GLU H 84 -28.31 -27.12 -21.76
CA GLU H 84 -29.44 -27.03 -22.69
C GLU H 84 -29.43 -25.70 -23.45
N LEU H 85 -29.50 -25.82 -24.78
CA LEU H 85 -29.62 -24.66 -25.64
C LEU H 85 -31.10 -24.30 -25.60
N LYS H 86 -31.41 -23.02 -25.38
CA LYS H 86 -32.79 -22.55 -25.28
C LYS H 86 -33.01 -21.41 -26.26
N PRO H 87 -34.28 -21.07 -26.56
CA PRO H 87 -34.49 -19.95 -27.48
C PRO H 87 -33.92 -18.61 -26.96
N ASN H 88 -33.81 -18.46 -25.64
CA ASN H 88 -33.15 -17.29 -25.06
C ASN H 88 -31.67 -17.53 -24.68
N SER H 89 -31.02 -18.51 -25.30
CA SER H 89 -29.62 -18.73 -25.02
C SER H 89 -28.84 -17.71 -25.82
N ARG H 90 -27.93 -17.02 -25.15
CA ARG H 90 -26.98 -16.12 -25.84
C ARG H 90 -25.58 -16.35 -25.26
N LEU H 91 -24.58 -15.95 -26.02
CA LEU H 91 -23.21 -15.83 -25.50
C LEU H 91 -23.04 -14.44 -24.90
N CYS H 92 -22.76 -14.39 -23.62
CA CYS H 92 -22.84 -13.14 -22.93
C CYS H 92 -21.66 -12.23 -23.25
N CYS H 93 -20.61 -12.76 -23.86
CA CYS H 93 -19.59 -11.92 -24.49
C CYS H 93 -20.11 -11.15 -25.69
N GLN H 94 -21.25 -11.56 -26.23
CA GLN H 94 -21.82 -10.90 -27.42
C GLN H 94 -22.85 -9.85 -27.06
N ILE H 95 -23.12 -9.71 -25.75
CA ILE H 95 -24.09 -8.75 -25.25
C ILE H 95 -23.36 -7.57 -24.64
N ILE H 96 -23.50 -6.40 -25.27
CA ILE H 96 -22.81 -5.21 -24.82
C ILE H 96 -23.75 -4.42 -23.95
N MET H 97 -23.32 -4.04 -22.77
CA MET H 97 -24.18 -3.29 -21.87
C MET H 97 -24.43 -1.91 -22.48
N THR H 98 -25.67 -1.44 -22.39
CA THR H 98 -26.07 -0.08 -22.81
C THR H 98 -27.00 0.38 -21.69
N PRO H 99 -27.34 1.69 -21.64
CA PRO H 99 -28.26 2.09 -20.56
C PRO H 99 -29.64 1.42 -20.70
N GLU H 100 -30.05 1.21 -21.95
CA GLU H 100 -31.30 0.54 -22.28
C GLU H 100 -31.47 -0.84 -21.62
N LEU H 101 -30.38 -1.47 -21.20
CA LEU H 101 -30.45 -2.83 -20.65
C LEU H 101 -30.52 -2.89 -19.11
N ASP H 102 -30.57 -1.71 -18.47
CA ASP H 102 -30.49 -1.63 -17.01
C ASP H 102 -31.47 -2.56 -16.30
N GLY H 103 -30.94 -3.38 -15.40
CA GLY H 103 -31.74 -4.38 -14.70
C GLY H 103 -31.84 -5.70 -15.45
N ILE H 104 -31.10 -5.84 -16.55
CA ILE H 104 -31.20 -7.05 -17.36
C ILE H 104 -30.85 -8.24 -16.50
N VAL H 105 -31.74 -9.24 -16.52
CA VAL H 105 -31.54 -10.47 -15.76
C VAL H 105 -31.16 -11.54 -16.76
N VAL H 106 -30.06 -12.25 -16.47
CA VAL H 106 -29.67 -13.43 -17.22
C VAL H 106 -29.49 -14.59 -16.26
N ASP H 107 -29.98 -15.75 -16.63
CA ASP H 107 -29.78 -16.95 -15.84
C ASP H 107 -28.60 -17.75 -16.36
N VAL H 108 -27.74 -18.19 -15.45
CA VAL H 108 -26.50 -18.89 -15.82
C VAL H 108 -26.72 -20.39 -15.71
N PRO H 109 -26.37 -21.13 -16.76
CA PRO H 109 -26.53 -22.60 -16.70
C PRO H 109 -25.57 -23.25 -15.70
N ASP H 110 -25.76 -24.55 -15.47
CA ASP H 110 -24.98 -25.28 -14.47
C ASP H 110 -23.60 -25.70 -14.99
N ARG H 111 -23.39 -25.60 -16.30
CA ARG H 111 -22.10 -25.92 -16.88
C ARG H 111 -21.82 -25.02 -18.08
N GLN H 112 -20.53 -24.90 -18.44
CA GLN H 112 -20.05 -24.12 -19.57
C GLN H 112 -19.09 -24.95 -20.37
N TRP H 113 -18.20 -25.63 -19.65
CA TRP H 113 -17.25 -26.51 -20.26
C TRP H 113 -17.98 -27.76 -20.65
CHA HEM I . 2.03 8.79 25.64
CHB HEM I . -0.17 13.00 24.57
CHC HEM I . -0.63 11.47 19.97
CHD HEM I . 1.16 7.12 21.09
C1A HEM I . 1.54 10.07 25.76
C2A HEM I . 1.65 10.95 26.93
C3A HEM I . 1.01 12.09 26.61
C4A HEM I . 0.51 12.00 25.26
CMA HEM I . 0.83 13.31 27.54
CAA HEM I . 2.33 10.64 28.28
CBA HEM I . 1.39 10.11 29.37
CGA HEM I . 2.23 9.68 30.57
O1A HEM I . 3.33 10.23 30.78
O2A HEM I . 1.81 8.79 31.37
C1B HEM I . -0.48 12.91 23.23
C2B HEM I . -1.17 13.92 22.50
C3B HEM I . -1.32 13.51 21.23
C4B HEM I . -0.73 12.20 21.12
CMB HEM I . -1.59 15.24 23.20
CAB HEM I . -1.97 14.22 20.02
CBB HEM I . -2.30 15.53 19.99
C1C HEM I . -0.11 10.19 19.84
C2C HEM I . 0.01 9.43 18.63
C3C HEM I . 0.49 8.20 18.94
C4C HEM I . 0.68 8.19 20.36
CMC HEM I . -0.36 10.02 17.24
CAC HEM I . 0.87 6.96 18.10
CBC HEM I . 0.46 6.78 16.86
C1D HEM I . 1.54 7.14 22.42
C2D HEM I . 2.14 6.03 23.13
C3D HEM I . 2.39 6.57 24.53
C4D HEM I . 1.94 7.94 24.54
CMD HEM I . 2.44 4.58 22.68
CAD HEM I . 3.03 5.77 25.68
CBD HEM I . 4.48 6.23 25.79
CGD HEM I . 5.13 5.77 27.07
O1D HEM I . 6.40 5.70 27.13
O2D HEM I . 4.39 5.52 28.07
NA HEM I . 0.84 10.76 24.76
NB HEM I . -0.25 11.84 22.37
NC HEM I . 0.32 9.41 20.89
ND HEM I . 1.45 8.26 23.28
FE HEM I . 0.73 10.13 22.77
HHB HEM I . -0.17 13.90 24.96
HHC HEM I . -0.96 11.89 19.15
HHD HEM I . 1.32 6.29 20.59
HMA HEM I . 1.70 13.65 27.82
HMAA HEM I . 0.33 13.03 28.34
HMAB HEM I . 0.34 14.00 27.07
HAA HEM I . 2.75 11.45 28.61
HAAA HEM I . 3.02 9.97 28.14
HBA HEM I . 0.90 9.35 29.03
HBAA HEM I . 0.78 10.82 29.64
HMB HEM I . -2.04 15.81 22.56
HMBA HEM I . -0.80 15.68 23.54
HMBB HEM I . -2.19 15.03 23.93
HAB HEM I . -2.17 13.69 19.24
HBB HEM I . -2.71 15.90 19.20
HBBA HEM I . -2.12 16.09 20.76
HMC HEM I . -0.20 9.35 16.55
HMCA HEM I . 0.20 10.80 17.06
HMCB HEM I . -1.29 10.28 17.24
HAC HEM I . 1.43 6.29 18.50
HBC HEM I . 0.73 5.99 16.36
HBCA HEM I . -0.11 7.44 16.43
HMD HEM I . 2.84 4.08 23.41
HMDA HEM I . 3.06 4.60 21.92
HMDB HEM I . 1.60 4.15 22.40
HAD HEM I . 3.00 4.82 25.49
HADA HEM I . 2.56 5.95 26.51
HBD HEM I . 4.50 7.21 25.75
HBDA HEM I . 4.98 5.88 25.03
HHA HEM I . 2.51 8.44 26.43
C1 CAM J . -8.94 4.61 29.24
C2 CAM J . -8.65 4.49 30.62
O CAM J . -9.45 4.21 31.50
C3 CAM J . -7.37 4.76 30.81
C4 CAM J . -7.02 5.29 29.52
C5 CAM J . -6.82 4.19 28.63
C6 CAM J . -8.12 3.63 28.51
C7 CAM J . -8.35 6.04 28.98
C8 CAM J . -9.49 6.85 29.56
C9 CAM J . -7.73 6.91 27.91
C10 CAM J . -10.45 4.44 28.85
C1 CAH K . -3.51 7.76 27.23
C2 CAH K . -3.35 6.41 27.79
O2 CAH K . -4.18 5.50 27.78
C3 CAH K . -1.89 6.28 28.26
C4 CAH K . -1.50 7.47 27.38
C5 CAH K . -1.80 6.97 26.03
O5 CAH K . -0.96 7.44 25.15
C6 CAH K . -3.27 7.47 25.75
C7 CAH K . -2.43 8.43 27.63
C8 CAH K . -2.48 8.89 29.06
C9 CAH K . -2.16 9.66 26.83
C10 CAH K . -4.87 8.42 27.50
H31 CAH K . -1.47 5.44 27.97
H32 CAH K . -1.78 6.45 29.21
H4 CAH K . -0.58 7.77 27.50
H5 CAH K . -1.78 6.01 26.02
HO5 CAH K . -0.48 6.77 24.82
H61 CAH K . -3.84 6.76 25.42
H62 CAH K . -3.29 8.27 25.21
H81 CAH K . -3.39 9.15 29.28
H82 CAH K . -1.90 9.67 29.17
H83 CAH K . -2.20 8.18 29.65
H91 CAH K . -1.60 10.26 27.34
H92 CAH K . -1.72 9.42 26.00
H93 CAH K . -3.00 10.10 26.63
H101 CAH K . -5.26 8.06 28.32
H102 CAH K . -5.47 8.24 26.75
H103 CAH K . -4.76 9.38 27.59
CA CA L . -8.21 -14.27 23.59
CHA HEM M . -21.74 -36.89 25.55
CHB HEM M . -20.24 -32.32 26.29
CHC HEM M . -19.50 -33.27 30.93
CHD HEM M . -20.49 -37.96 30.10
C1A HEM M . -21.46 -35.56 25.35
C2A HEM M . -21.74 -34.81 24.12
C3A HEM M . -21.32 -33.56 24.34
C4A HEM M . -20.77 -33.46 25.69
CMA HEM M . -21.41 -32.42 23.32
CAA HEM M . -22.42 -35.38 22.83
CBA HEM M . -21.44 -35.81 21.77
CGA HEM M . -22.16 -36.39 20.59
O1A HEM M . -23.36 -36.13 20.44
O2A HEM M . -21.55 -37.13 19.79
C1B HEM M . -19.89 -32.17 27.60
C2B HEM M . -19.41 -30.95 28.21
C3B HEM M . -19.18 -31.23 29.50
C4B HEM M . -19.53 -32.60 29.74
CMB HEM M . -19.19 -29.66 27.40
CAB HEM M . -18.67 -30.33 30.65
CBB HEM M . -18.52 -29.02 30.51
C1C HEM M . -19.74 -34.61 31.08
C2C HEM M . -19.67 -35.30 32.33
C3C HEM M . -19.92 -36.59 32.12
C4C HEM M . -20.21 -36.76 30.71
CMC HEM M . -19.32 -34.63 33.65
CAC HEM M . -19.92 -37.69 33.22
CBC HEM M . -20.91 -38.57 33.26
C1D HEM M . -20.90 -38.15 28.82
C2D HEM M . -21.30 -39.42 28.23
C3D HEM M . -21.69 -39.07 26.81
C4D HEM M . -21.50 -37.63 26.69
CMD HEM M . -21.32 -40.83 28.86
CAD HEM M . -22.21 -40.02 25.70
CBD HEM M . -23.67 -39.67 25.55
CGD HEM M . -24.29 -40.39 24.39
O1D HEM M . -25.51 -40.73 24.40
O2D HEM M . -23.51 -40.65 23.45
NA HEM M . -20.88 -34.69 26.27
NB HEM M . -19.95 -33.16 28.57
NC HEM M . -20.09 -35.52 30.10
ND HEM M . -21.03 -37.12 27.88
FE HEM M . -20.68 -35.10 28.24
HHB HEM M . -20.10 -31.55 25.70
HHC HEM M . -19.10 -32.81 31.69
HHD HEM M . -20.38 -38.77 30.64
HMA HEM M . -20.89 -32.65 22.52
HMAA HEM M . -21.05 -31.60 23.71
HMAB HEM M . -22.35 -32.27 23.07
HAA HEM M . -22.99 -34.69 22.46
HAAA HEM M . -22.96 -36.15 23.08
HBA HEM M . -20.84 -36.49 22.14
HBAA HEM M . -20.91 -35.05 21.48
HMB HEM M . -18.86 -28.96 27.98
HMBA HEM M . -20.04 -29.38 27.00
HMBB HEM M . -18.55 -29.82 26.69
HAB HEM M . -18.43 -30.74 31.48
HBB HEM M . -18.20 -28.49 31.26
HBBA HEM M . -18.75 -28.58 29.67
HMC HEM M . -19.33 -35.29 34.36
HMCA HEM M . -19.98 -33.94 33.84
HMCB HEM M . -18.44 -34.23 33.59
HAC HEM M . -19.30 -37.62 33.96
HBC HEM M . -20.92 -39.26 33.95
HBCA HEM M . -21.61 -38.53 32.60
HMD HEM M . -21.64 -41.49 28.20
HMDA HEM M . -21.93 -40.83 29.63
HMDB HEM M . -20.42 -41.08 29.15
HAD HEM M . -22.11 -40.94 25.99
HADA HEM M . -21.73 -39.87 24.87
HBD HEM M . -23.76 -38.71 25.40
HBDA HEM M . -24.15 -39.90 26.36
HHA HEM M . -22.16 -37.37 24.80
C1 CAM N . -16.11 -37.25 24.28
C2 CAM N . -16.18 -38.55 23.78
O CAM N . -15.22 -39.28 23.65
C3 CAM N . -17.45 -38.82 23.51
C4 CAM N . -18.10 -37.72 24.14
C5 CAM N . -17.88 -37.81 25.55
C6 CAM N . -16.55 -37.31 25.66
C7 CAM N . -17.26 -36.46 23.57
C8 CAM N . -16.73 -36.18 22.17
C9 CAM N . -18.25 -35.36 23.90
C10 CAM N . -14.66 -36.63 24.22
H31 CAM N . -17.61 -38.84 22.55
H32 CAM N . -17.71 -39.67 23.91
H4 CAM N . -19.04 -37.66 23.91
H51 CAM N . -18.51 -37.24 26.04
H52 CAM N . -17.95 -38.73 25.86
H61 CAM N . -16.54 -36.44 26.08
H62 CAM N . -16.00 -37.94 26.16
H81 CAM N . -15.77 -36.08 22.21
H82 CAM N . -17.12 -35.36 21.83
H83 CAM N . -16.95 -36.91 21.58
H91 CAM N . -19.15 -35.66 23.70
H92 CAM N . -18.18 -35.15 24.84
H93 CAM N . -18.04 -34.58 23.37
H101 CAM N . -14.17 -36.88 25.01
H102 CAM N . -14.73 -35.66 24.17
H103 CAM N . -14.20 -36.98 23.44
CA CA O . -7.11 -57.73 29.61
FE1 FES P . 16.28 12.72 25.93
FE2 FES P . 18.30 14.49 25.46
S1 FES P . 16.46 14.15 24.27
S2 FES P . 18.16 13.06 27.10
FE1 FES Q . -36.45 -35.72 25.31
FE2 FES Q . -38.82 -34.28 25.79
S1 FES Q . -38.41 -35.83 24.28
S2 FES Q . -36.91 -34.19 26.83
CHA HEM R . 22.52 26.87 -25.22
CHB HEM R . 20.12 30.91 -26.35
CHC HEM R . 20.14 29.60 -31.00
CHD HEM R . 21.95 25.30 -29.82
C1A HEM R . 21.91 28.10 -25.10
C2A HEM R . 21.87 28.93 -23.90
C3A HEM R . 21.19 30.05 -24.22
C4A HEM R . 20.83 29.97 -25.63
CMA HEM R . 20.86 31.26 -23.33
CAA HEM R . 22.52 28.57 -22.51
CBA HEM R . 21.60 27.84 -21.55
CGA HEM R . 22.25 27.42 -20.24
O1A HEM R . 23.31 27.94 -19.80
O2A HEM R . 21.63 26.54 -19.60
C1B HEM R . 19.96 30.90 -27.71
C2B HEM R . 19.38 32.01 -28.46
C3B HEM R . 19.36 31.65 -29.75
C4B HEM R . 19.94 30.31 -29.85
CMB HEM R . 18.90 33.30 -27.78
CAB HEM R . 18.90 32.43 -31.00
CBB HEM R . 18.41 33.65 -31.01
C1C HEM R . 20.70 28.34 -31.12
C2C HEM R . 20.98 27.62 -32.35
C3C HEM R . 21.50 26.44 -32.05
C4C HEM R . 21.52 26.35 -30.59
CMC HEM R . 20.75 28.18 -33.76
CAC HEM R . 21.91 25.37 -33.10
CBC HEM R . 22.59 24.28 -32.79
C1D HEM R . 22.25 25.33 -28.49
C2D HEM R . 22.82 24.21 -27.80
C3D HEM R . 23.00 24.69 -26.38
C4D HEM R . 22.52 26.05 -26.34
CMD HEM R . 23.17 22.82 -28.35
CAD HEM R . 23.58 23.87 -25.22
CBD HEM R . 24.90 24.53 -24.84
CGD HEM R . 25.46 23.92 -23.58
O1D HEM R . 26.70 23.72 -23.56
O2D HEM R . 24.74 23.61 -22.60
NA HEM R . 21.30 28.77 -26.12
NB HEM R . 20.29 29.88 -28.59
NC HEM R . 21.05 27.53 -30.08
ND HEM R . 22.09 26.39 -27.60
FE HEM R . 21.34 28.25 -28.13
HHB HEM R . 19.85 31.71 -25.87
HHC HEM R . 19.87 30.03 -31.83
HHD HEM R . 22.06 24.44 -30.28
HMA HEM R . 20.33 30.95 -22.56
HMAA HEM R . 20.35 31.92 -23.84
HMAB HEM R . 21.69 31.66 -23.01
HAA HEM R . 22.82 29.39 -22.08
HAAA HEM R . 23.29 28.01 -22.68
HBA HEM R . 21.26 27.05 -22.00
HBAA HEM R . 20.84 28.42 -21.36
HMB HEM R . 18.55 33.91 -28.46
HMBA HEM R . 19.65 33.73 -27.32
HMBB HEM R . 18.20 33.10 -27.15
HAB HEM R . 18.97 31.98 -31.84
HBB HEM R . 18.14 34.05 -31.85
HBBA HEM R . 18.31 34.15 -30.18
HMC HEM R . 21.00 27.51 -34.42
HMCA HEM R . 21.30 28.98 -33.88
HMCB HEM R . 19.82 28.40 -33.87
HAC HEM R . 21.66 25.51 -34.02
HBC HEM R . 22.82 23.64 -33.48
HBCA HEM R . 22.85 24.12 -31.87
HMD HEM R . 23.55 22.27 -27.63
HMDA HEM R . 23.81 22.91 -29.08
HMDB HEM R . 22.35 22.39 -28.68
HAD HEM R . 23.73 22.96 -25.50
HADA HEM R . 22.97 23.89 -24.47
HBD HEM R . 24.75 25.48 -24.69
HBDA HEM R . 25.53 24.41 -25.56
HHA HEM R . 22.98 26.53 -24.42
C1 CAM S . 11.61 22.85 -23.30
C2 CAM S . 10.89 21.72 -22.86
O CAM S . 10.05 21.15 -23.52
C3 CAM S . 11.25 21.41 -21.63
C4 CAM S . 12.33 22.34 -21.44
C5 CAM S . 13.40 21.95 -22.30
C6 CAM S . 12.94 22.34 -23.59
C7 CAM S . 11.77 23.75 -22.01
C8 CAM S . 10.44 24.47 -21.90
C9 CAM S . 12.81 24.61 -21.31
C10 CAM S . 11.04 23.55 -24.60
H31 CAM S . 10.54 21.56 -20.99
H32 CAM S . 11.57 20.49 -21.58
H4 CAM S . 12.61 22.40 -20.51
H51 CAM S . 13.54 20.99 -22.27
H52 CAM S . 14.21 22.43 -22.08
H61 CAM S . 13.50 23.03 -23.97
H62 CAM S . 12.89 21.57 -24.18
H81 CAM S . 10.57 25.33 -21.45
H82 CAM S . 10.06 24.62 -22.78
H83 CAM S . 9.81 23.93 -21.37
H91 CAM S . 13.65 24.57 -21.79
H92 CAM S . 12.94 24.30 -20.40
H93 CAM S . 12.50 25.53 -21.30
H101 CAM S . 11.29 24.49 -24.59
H102 CAM S . 11.41 23.12 -25.38
H103 CAM S . 10.08 23.46 -24.60
C1 CAH T . 16.62 25.83 -24.50
C2 CAH T . 16.55 24.36 -24.39
O2 CAH T . 15.70 23.65 -24.91
C3 CAH T . 17.83 23.91 -23.64
C4 CAH T . 18.51 25.25 -23.99
C5 CAH T . 18.55 25.18 -25.46
O5 CAH T . 19.63 25.72 -25.97
C6 CAH T . 17.23 25.93 -25.90
C7 CAH T . 17.59 26.22 -23.70
C8 CAH T . 17.17 26.30 -22.25
C9 CAH T . 18.12 27.58 -24.03
C10 CAH T . 15.24 26.49 -24.34
H31 CAH T . 18.25 23.15 -24.07
H32 CAH T . 17.68 23.81 -22.69
H4 CAH T . 19.38 25.38 -23.57
H5 CAH T . 18.49 24.26 -25.73
HO5 CAH T . 20.08 25.11 -26.42
H61 CAH T . 16.72 25.42 -26.56
H62 CAH T . 17.39 26.84 -26.17
H81 CAH T . 16.25 26.59 -22.20
H82 CAH T . 17.74 26.93 -21.78
H83 CAH T . 17.26 25.42 -21.85
H91 CAH T . 18.56 27.96 -23.25
H92 CAH T . 18.75 27.53 -24.76
H93 CAH T . 17.38 28.15 -24.29
H101 CAH T . 14.70 25.98 -23.73
H102 CAH T . 14.80 26.54 -25.21
H103 CAH T . 15.37 27.39 -23.99
O20 1N0 U . 36.90 54.66 -26.11
C15 1N0 U . 37.63 54.20 -25.25
C16 1N0 U . 39.08 53.80 -25.39
C17 1N0 U . 39.50 53.30 -24.10
C18 1N0 U . 38.31 53.42 -23.22
O19 1N0 U . 38.25 53.11 -22.04
N14 1N0 U . 37.32 53.94 -23.99
C13 1N0 U . 35.99 54.20 -23.45
C12 1N0 U . 35.46 52.91 -22.87
C11 1N0 U . 35.24 53.02 -21.33
C10 1N0 U . 34.94 51.67 -20.71
C9 1N0 U . 33.91 50.87 -21.54
C8 1N0 U . 34.58 49.90 -22.45
N4 1N0 U . 33.83 49.91 -23.71
C3 1N0 U . 32.60 49.34 -23.78
O7 1N0 U . 32.02 48.81 -22.86
C2 1N0 U . 32.13 49.57 -25.22
C5 1N0 U . 34.31 50.47 -24.86
O6 1N0 U . 35.39 51.03 -25.03
C1 1N0 U . 33.22 50.27 -25.91
H3 1N0 U . 35.40 54.50 -24.17
H4 1N0 U . 36.04 54.88 -22.75
H5 1N0 U . 36.10 52.19 -23.05
H6 1N0 U . 34.61 52.69 -23.30
H7 1N0 U . 34.50 53.64 -21.15
H8 1N0 U . 36.07 53.38 -20.92
H9 1N0 U . 34.58 51.81 -19.81
H10 1N0 U . 35.75 51.16 -20.64
H11 1N0 U . 33.38 51.49 -22.05
H12 1N0 U . 33.33 50.38 -20.93
H13 1N0 U . 34.54 49.02 -22.06
H14 1N0 U . 35.51 50.16 -22.60
CA CA V . 12.61 3.74 -28.41
CHA HEM W . -1.16 -18.78 -25.38
CHB HEM W . 0.46 -14.28 -24.80
CHC HEM W . 1.15 -14.96 -20.06
CHD HEM W . 0.21 -19.71 -20.77
C1A HEM W . -0.86 -17.47 -25.64
C2A HEM W . -1.09 -16.76 -26.88
C3A HEM W . -0.63 -15.50 -26.69
C4A HEM W . -0.10 -15.40 -25.35
CMA HEM W . -0.64 -14.33 -27.69
CAA HEM W . -1.83 -17.33 -28.12
CBA HEM W . -0.93 -17.91 -29.21
CGA HEM W . -1.74 -18.58 -30.27
O1A HEM W . -2.92 -18.20 -30.50
O2A HEM W . -1.21 -19.51 -30.94
C1B HEM W . 0.79 -14.08 -23.48
C2B HEM W . 1.29 -12.84 -22.95
C3B HEM W . 1.52 -13.02 -21.64
C4B HEM W . 1.11 -14.37 -21.30
CMB HEM W . 1.53 -11.61 -23.85
CAB HEM W . 2.03 -12.05 -20.55
CBB HEM W . 2.11 -10.72 -20.65
C1C HEM W . 0.91 -16.31 -19.83
C2C HEM W . 0.94 -16.98 -18.55
C3C HEM W . 0.70 -18.29 -18.73
C4C HEM W . 0.48 -18.50 -20.15
CMC HEM W . 1.24 -16.29 -17.21
CAC HEM W . 0.68 -19.32 -17.59
CBC HEM W . -0.05 -20.44 -17.68
C1D HEM W . -0.23 -19.90 -22.05
C2D HEM W . -0.67 -21.18 -22.59
C3D HEM W . -1.08 -20.86 -24.04
C4D HEM W . -0.88 -19.44 -24.21
CMD HEM W . -0.69 -22.55 -21.93
CAD HEM W . -1.62 -21.82 -25.10
CBD HEM W . -3.10 -21.57 -25.19
CGD HEM W . -3.68 -22.34 -26.35
O1D HEM W . -4.93 -22.57 -26.33
O2D HEM W . -2.93 -22.71 -27.31
NA HEM W . -0.26 -16.62 -24.73
NB HEM W . 0.68 -15.01 -22.45
NC HEM W . 0.59 -17.27 -20.78
ND HEM W . -0.36 -18.91 -23.01
FE HEM W . -0.01 -16.89 -22.69
HHB HEM W . 0.65 -13.54 -25.41
HHC HEM W . 1.59 -14.46 -19.34
HHD HEM W . 0.35 -20.51 -20.23
HMA HEM W . -0.14 -14.59 -28.50
HMAA HEM W . -0.23 -13.55 -27.28
HMAB HEM W . -1.57 -14.13 -27.94
HAA HEM W . -2.36 -16.63 -28.52
HAAA HEM W . -2.43 -18.04 -27.82
HBA HEM W . -0.32 -18.56 -28.81
HBAA HEM W . -0.41 -17.20 -29.60
HMB HEM W . 1.88 -10.88 -23.32
HMBA HEM W . 0.70 -11.34 -24.26
HMBB HEM W . 2.17 -11.84 -24.54
HAB HEM W . 2.30 -12.44 -19.72
HBB HEM W . 2.45 -10.19 -19.91
HBBA HEM W . 1.85 -10.27 -21.48
HMC HEM W . 1.21 -16.95 -16.50
HMCA HEM W . 0.57 -15.60 -17.05
HMCB HEM W . 2.12 -15.89 -17.24
HAC HEM W . 1.19 -19.16 -16.79
HBC HEM W . -0.05 -21.08 -16.95
HBCA HEM W . -0.57 -20.62 -18.48
HMD HEM W . -1.06 -23.22 -22.55
HMDA HEM W . -1.25 -22.52 -21.12
HMDB HEM W . 0.22 -22.81 -21.67
HAD HEM W . -1.45 -22.73 -24.83
HADA HEM W . -1.20 -21.63 -25.95
HBD HEM W . -3.26 -20.62 -25.32
HBDA HEM W . -3.52 -21.86 -24.37
HHA HEM W . -1.71 -19.25 -26.03
C1 CAM X . 10.30 -21.26 -27.39
C2 CAM X . 9.47 -20.24 -27.95
O CAM X . 9.26 -20.08 -29.15
C3 CAM X . 8.93 -19.54 -26.98
C4 CAM X . 9.21 -20.41 -25.89
C5 CAM X . 8.55 -21.67 -26.14
C6 CAM X . 9.40 -22.34 -27.08
C7 CAM X . 10.79 -20.69 -26.01
C8 CAM X . 12.09 -20.12 -26.54
C9 CAM X . 11.14 -21.15 -24.61
C10 CAM X . 11.53 -21.70 -28.29
C1 CAH Y . 4.42 -18.86 -26.96
C2 CAH Y . 4.46 -20.14 -27.67
O2 CAH Y . 5.47 -20.65 -28.13
C3 CAH Y . 3.02 -20.72 -27.67
C4 CAH Y . 2.54 -19.62 -26.72
C5 CAH Y . 3.18 -20.01 -25.48
O5 CAH Y . 2.40 -19.81 -24.46
C6 CAH Y . 4.51 -19.19 -25.46
C7 CAH Y . 3.17 -18.47 -27.15
C8 CAH Y . 2.80 -18.07 -28.56
C9 CAH Y . 2.84 -17.27 -26.33
C10 CAH Y . 5.56 -17.93 -27.40
H31 CAH Y . 2.98 -21.60 -27.28
H32 CAH Y . 2.61 -20.67 -28.55
H4 CAH Y . 1.57 -19.54 -26.67
H5 CAH Y . 3.40 -20.95 -25.53
HO5 CAH Y . 1.77 -20.42 -24.44
H61 CAH Y . 4.46 -18.39 -24.91
H62 CAH Y . 5.28 -19.74 -25.25
H81 CAH Y . 2.05 -17.46 -28.54
H82 CAH Y . 2.55 -18.86 -29.06
H83 CAH Y . 3.56 -17.65 -28.98
H91 CAH Y . 3.59 -16.66 -26.33
H92 CAH Y . 2.07 -16.82 -26.70
H93 CAH Y . 2.63 -17.54 -25.42
H101 CAH Y . 6.41 -18.36 -27.22
H102 CAH Y . 5.51 -17.09 -26.90
H103 CAH Y . 5.48 -17.75 -28.35
CA CA Z . 13.19 -39.15 -21.56
FE1 FES AA . 36.39 31.00 -23.50
FE2 FES AA . 38.41 32.88 -23.70
S1 FES AA . 36.71 32.57 -25.06
S2 FES AA . 38.16 31.31 -22.18
FE1 FES BA . -15.79 -17.40 -25.60
FE2 FES BA . -18.10 -15.94 -25.18
S1 FES BA . -17.72 -17.55 -26.68
S2 FES BA . -16.24 -15.89 -24.06
#